data_3IO2
# 
_entry.id   3IO2 
# 
_audit_conform.dict_name       mmcif_pdbx.dic 
_audit_conform.dict_version    5.387 
_audit_conform.dict_location   http://mmcif.pdb.org/dictionaries/ascii/mmcif_pdbx.dic 
# 
loop_
_database_2.database_id 
_database_2.database_code 
_database_2.pdbx_database_accession 
_database_2.pdbx_DOI 
PDB   3IO2         pdb_00003io2 10.2210/pdb3io2/pdb 
RCSB  RCSB054650   ?            ?                   
WWPDB D_1000054650 ?            ?                   
# 
loop_
_pdbx_audit_revision_history.ordinal 
_pdbx_audit_revision_history.data_content_type 
_pdbx_audit_revision_history.major_revision 
_pdbx_audit_revision_history.minor_revision 
_pdbx_audit_revision_history.revision_date 
1 'Structure model' 1 0 2009-11-24 
2 'Structure model' 1 1 2011-07-13 
3 'Structure model' 1 2 2012-03-21 
4 'Structure model' 1 3 2015-05-27 
5 'Structure model' 1 4 2016-07-13 
6 'Structure model' 1 5 2021-10-13 
7 'Structure model' 1 6 2024-02-21 
# 
_pdbx_audit_revision_details.ordinal             1 
_pdbx_audit_revision_details.revision_ordinal    1 
_pdbx_audit_revision_details.data_content_type   'Structure model' 
_pdbx_audit_revision_details.provider            repository 
_pdbx_audit_revision_details.type                'Initial release' 
_pdbx_audit_revision_details.description         ? 
_pdbx_audit_revision_details.details             ? 
# 
loop_
_pdbx_audit_revision_group.ordinal 
_pdbx_audit_revision_group.revision_ordinal 
_pdbx_audit_revision_group.data_content_type 
_pdbx_audit_revision_group.group 
1 2 'Structure model' 'Version format compliance' 
2 3 'Structure model' 'Database references'       
3 4 'Structure model' 'Refinement description'    
4 5 'Structure model' 'Refinement description'    
5 6 'Structure model' 'Database references'       
6 6 'Structure model' 'Derived calculations'      
7 7 'Structure model' 'Data collection'           
# 
loop_
_pdbx_audit_revision_category.ordinal 
_pdbx_audit_revision_category.revision_ordinal 
_pdbx_audit_revision_category.data_content_type 
_pdbx_audit_revision_category.category 
1 6 'Structure model' database_2         
2 6 'Structure model' struct_conn        
3 6 'Structure model' struct_ref_seq_dif 
4 6 'Structure model' struct_site        
5 7 'Structure model' chem_comp_atom     
6 7 'Structure model' chem_comp_bond     
# 
loop_
_pdbx_audit_revision_item.ordinal 
_pdbx_audit_revision_item.revision_ordinal 
_pdbx_audit_revision_item.data_content_type 
_pdbx_audit_revision_item.item 
1  6 'Structure model' '_database_2.pdbx_DOI'                
2  6 'Structure model' '_database_2.pdbx_database_accession' 
3  6 'Structure model' '_struct_conn.ptnr1_auth_comp_id'     
4  6 'Structure model' '_struct_conn.ptnr1_auth_seq_id'      
5  6 'Structure model' '_struct_conn.ptnr1_label_asym_id'    
6  6 'Structure model' '_struct_conn.ptnr1_label_atom_id'    
7  6 'Structure model' '_struct_conn.ptnr1_label_comp_id'    
8  6 'Structure model' '_struct_conn.ptnr1_label_seq_id'     
9  6 'Structure model' '_struct_conn.ptnr2_auth_comp_id'     
10 6 'Structure model' '_struct_conn.ptnr2_auth_seq_id'      
11 6 'Structure model' '_struct_conn.ptnr2_label_asym_id'    
12 6 'Structure model' '_struct_conn.ptnr2_label_atom_id'    
13 6 'Structure model' '_struct_conn.ptnr2_label_comp_id'    
14 6 'Structure model' '_struct_conn.ptnr2_label_seq_id'     
15 6 'Structure model' '_struct_ref_seq_dif.details'         
16 6 'Structure model' '_struct_site.pdbx_auth_asym_id'      
17 6 'Structure model' '_struct_site.pdbx_auth_comp_id'      
18 6 'Structure model' '_struct_site.pdbx_auth_seq_id'       
# 
_pdbx_database_status.status_code                     REL 
_pdbx_database_status.entry_id                        3IO2 
_pdbx_database_status.recvd_initial_deposition_date   2009-08-13 
_pdbx_database_status.deposit_site                    RCSB 
_pdbx_database_status.process_site                    RCSB 
_pdbx_database_status.status_code_sf                  REL 
_pdbx_database_status.status_code_mr                  ? 
_pdbx_database_status.SG_entry                        ? 
_pdbx_database_status.status_code_cs                  ? 
_pdbx_database_status.pdb_format_compatible           Y 
_pdbx_database_status.status_code_nmr_data            ? 
_pdbx_database_status.methods_development_category    ? 
# 
_pdbx_database_related.db_name        PDB 
_pdbx_database_related.db_id          2K8F 
_pdbx_database_related.details        'The analogous construct, shorter at C-terminus' 
_pdbx_database_related.content_type   unspecified 
# 
loop_
_audit_author.name 
_audit_author.pdbx_ordinal 
'Miller, M.'   1 
'Dauter, Z.'   2 
'Wlodawer, A.' 3 
# 
_citation.id                        primary 
_citation.title                     'Structure of the Taz2 domain of p300: insights into ligand binding.' 
_citation.journal_abbrev            'Acta Crystallogr.,Sect.D' 
_citation.journal_volume            65 
_citation.page_first                1301 
_citation.page_last                 1308 
_citation.year                      2009 
_citation.journal_id_ASTM           ABCRE6 
_citation.country                   DK 
_citation.journal_id_ISSN           0907-4449 
_citation.journal_id_CSD            0766 
_citation.book_publisher            ? 
_citation.pdbx_database_id_PubMed   19966416 
_citation.pdbx_database_id_DOI      10.1107/S0907444909040153 
# 
loop_
_citation_author.citation_id 
_citation_author.name 
_citation_author.ordinal 
_citation_author.identifier_ORCID 
primary 'Miller, M.'   1 ? 
primary 'Dauter, Z.'   2 ? 
primary 'Cherry, S.'   3 ? 
primary 'Tropea, J.E.' 4 ? 
primary 'Wlodawer, A.' 5 ? 
# 
loop_
_entity.id 
_entity.type 
_entity.src_method 
_entity.pdbx_description 
_entity.formula_weight 
_entity.pdbx_number_of_molecules 
_entity.pdbx_ec 
_entity.pdbx_mutation 
_entity.pdbx_fragment 
_entity.details 
1 polymer     man 'Histone acetyltransferase p300' 12988.379 1  2.3.1.48 'C1738A, C1746A, C1789A, C1790A' 'residues 1723-1836' ? 
2 non-polymer syn 'ZINC ION'                       65.409    3  ?        ?                                ?                    ? 
3 non-polymer syn 'SULFATE ION'                    96.063    4  ?        ?                                ?                    ? 
4 water       nat water                            18.015    31 ?        ?                                ?                    ? 
# 
_entity_name_com.entity_id   1 
_entity_name_com.name        'p300 HAT, E1A-associated protein p300' 
# 
_entity_poly.entity_id                      1 
_entity_poly.type                           'polypeptide(L)' 
_entity_poly.nstd_linkage                   no 
_entity_poly.nstd_monomer                   no 
_entity_poly.pdbx_seq_one_letter_code       
;ATQSPGDSRRLSIQRAIQSLVHAAQCRNANCSLPSCQKMKRVVQHTKGCKRKTNGGCPICKQLIALAAYHAKHCQENKCP
VPFCLNIKQKLRQQQLQHRLQQAQMLRRRMASMQ
;
_entity_poly.pdbx_seq_one_letter_code_can   
;ATQSPGDSRRLSIQRAIQSLVHAAQCRNANCSLPSCQKMKRVVQHTKGCKRKTNGGCPICKQLIALAAYHAKHCQENKCP
VPFCLNIKQKLRQQQLQHRLQQAQMLRRRMASMQ
;
_entity_poly.pdbx_strand_id                 A 
_entity_poly.pdbx_target_identifier         ? 
# 
loop_
_pdbx_entity_nonpoly.entity_id 
_pdbx_entity_nonpoly.name 
_pdbx_entity_nonpoly.comp_id 
2 'ZINC ION'    ZN  
3 'SULFATE ION' SO4 
4 water         HOH 
# 
loop_
_entity_poly_seq.entity_id 
_entity_poly_seq.num 
_entity_poly_seq.mon_id 
_entity_poly_seq.hetero 
1 1   ALA n 
1 2   THR n 
1 3   GLN n 
1 4   SER n 
1 5   PRO n 
1 6   GLY n 
1 7   ASP n 
1 8   SER n 
1 9   ARG n 
1 10  ARG n 
1 11  LEU n 
1 12  SER n 
1 13  ILE n 
1 14  GLN n 
1 15  ARG n 
1 16  ALA n 
1 17  ILE n 
1 18  GLN n 
1 19  SER n 
1 20  LEU n 
1 21  VAL n 
1 22  HIS n 
1 23  ALA n 
1 24  ALA n 
1 25  GLN n 
1 26  CYS n 
1 27  ARG n 
1 28  ASN n 
1 29  ALA n 
1 30  ASN n 
1 31  CYS n 
1 32  SER n 
1 33  LEU n 
1 34  PRO n 
1 35  SER n 
1 36  CYS n 
1 37  GLN n 
1 38  LYS n 
1 39  MET n 
1 40  LYS n 
1 41  ARG n 
1 42  VAL n 
1 43  VAL n 
1 44  GLN n 
1 45  HIS n 
1 46  THR n 
1 47  LYS n 
1 48  GLY n 
1 49  CYS n 
1 50  LYS n 
1 51  ARG n 
1 52  LYS n 
1 53  THR n 
1 54  ASN n 
1 55  GLY n 
1 56  GLY n 
1 57  CYS n 
1 58  PRO n 
1 59  ILE n 
1 60  CYS n 
1 61  LYS n 
1 62  GLN n 
1 63  LEU n 
1 64  ILE n 
1 65  ALA n 
1 66  LEU n 
1 67  ALA n 
1 68  ALA n 
1 69  TYR n 
1 70  HIS n 
1 71  ALA n 
1 72  LYS n 
1 73  HIS n 
1 74  CYS n 
1 75  GLN n 
1 76  GLU n 
1 77  ASN n 
1 78  LYS n 
1 79  CYS n 
1 80  PRO n 
1 81  VAL n 
1 82  PRO n 
1 83  PHE n 
1 84  CYS n 
1 85  LEU n 
1 86  ASN n 
1 87  ILE n 
1 88  LYS n 
1 89  GLN n 
1 90  LYS n 
1 91  LEU n 
1 92  ARG n 
1 93  GLN n 
1 94  GLN n 
1 95  GLN n 
1 96  LEU n 
1 97  GLN n 
1 98  HIS n 
1 99  ARG n 
1 100 LEU n 
1 101 GLN n 
1 102 GLN n 
1 103 ALA n 
1 104 GLN n 
1 105 MET n 
1 106 LEU n 
1 107 ARG n 
1 108 ARG n 
1 109 ARG n 
1 110 MET n 
1 111 ALA n 
1 112 SER n 
1 113 MET n 
1 114 GLN n 
# 
_entity_src_gen.entity_id                          1 
_entity_src_gen.pdbx_src_id                        1 
_entity_src_gen.pdbx_alt_source_flag               sample 
_entity_src_gen.pdbx_seq_type                      ? 
_entity_src_gen.pdbx_beg_seq_num                   ? 
_entity_src_gen.pdbx_end_seq_num                   ? 
_entity_src_gen.gene_src_common_name               human 
_entity_src_gen.gene_src_genus                     ? 
_entity_src_gen.pdbx_gene_src_gene                 'EP300, P300' 
_entity_src_gen.gene_src_species                   ? 
_entity_src_gen.gene_src_strain                    ? 
_entity_src_gen.gene_src_tissue                    ? 
_entity_src_gen.gene_src_tissue_fraction           ? 
_entity_src_gen.gene_src_details                   ? 
_entity_src_gen.pdbx_gene_src_fragment             ? 
_entity_src_gen.pdbx_gene_src_scientific_name      'Homo sapiens' 
_entity_src_gen.pdbx_gene_src_ncbi_taxonomy_id     9606 
_entity_src_gen.pdbx_gene_src_variant              ? 
_entity_src_gen.pdbx_gene_src_cell_line            ? 
_entity_src_gen.pdbx_gene_src_atcc                 ? 
_entity_src_gen.pdbx_gene_src_organ                ? 
_entity_src_gen.pdbx_gene_src_organelle            ? 
_entity_src_gen.pdbx_gene_src_cell                 ? 
_entity_src_gen.pdbx_gene_src_cellular_location    ? 
_entity_src_gen.host_org_common_name               ? 
_entity_src_gen.pdbx_host_org_scientific_name      'Escherichia coli' 
_entity_src_gen.pdbx_host_org_ncbi_taxonomy_id     562 
_entity_src_gen.host_org_genus                     ? 
_entity_src_gen.pdbx_host_org_gene                 ? 
_entity_src_gen.pdbx_host_org_organ                ? 
_entity_src_gen.host_org_species                   ? 
_entity_src_gen.pdbx_host_org_tissue               ? 
_entity_src_gen.pdbx_host_org_tissue_fraction      ? 
_entity_src_gen.pdbx_host_org_strain               BL21 
_entity_src_gen.pdbx_host_org_variant              ? 
_entity_src_gen.pdbx_host_org_cell_line            ? 
_entity_src_gen.pdbx_host_org_atcc                 ? 
_entity_src_gen.pdbx_host_org_culture_collection   ? 
_entity_src_gen.pdbx_host_org_cell                 ? 
_entity_src_gen.pdbx_host_org_organelle            ? 
_entity_src_gen.pdbx_host_org_cellular_location    ? 
_entity_src_gen.pdbx_host_org_vector_type          Plasmid 
_entity_src_gen.pdbx_host_org_vector               ? 
_entity_src_gen.host_org_details                   ? 
_entity_src_gen.expression_system_id               ? 
_entity_src_gen.plasmid_name                       'CodonPlus (DE3)-RIL' 
_entity_src_gen.plasmid_details                    ? 
_entity_src_gen.pdbx_description                   ? 
# 
loop_
_chem_comp.id 
_chem_comp.type 
_chem_comp.mon_nstd_flag 
_chem_comp.name 
_chem_comp.pdbx_synonyms 
_chem_comp.formula 
_chem_comp.formula_weight 
ALA 'L-peptide linking' y ALANINE         ? 'C3 H7 N O2'     89.093  
ARG 'L-peptide linking' y ARGININE        ? 'C6 H15 N4 O2 1' 175.209 
ASN 'L-peptide linking' y ASPARAGINE      ? 'C4 H8 N2 O3'    132.118 
ASP 'L-peptide linking' y 'ASPARTIC ACID' ? 'C4 H7 N O4'     133.103 
CYS 'L-peptide linking' y CYSTEINE        ? 'C3 H7 N O2 S'   121.158 
GLN 'L-peptide linking' y GLUTAMINE       ? 'C5 H10 N2 O3'   146.144 
GLU 'L-peptide linking' y 'GLUTAMIC ACID' ? 'C5 H9 N O4'     147.129 
GLY 'peptide linking'   y GLYCINE         ? 'C2 H5 N O2'     75.067  
HIS 'L-peptide linking' y HISTIDINE       ? 'C6 H10 N3 O2 1' 156.162 
HOH non-polymer         . WATER           ? 'H2 O'           18.015  
ILE 'L-peptide linking' y ISOLEUCINE      ? 'C6 H13 N O2'    131.173 
LEU 'L-peptide linking' y LEUCINE         ? 'C6 H13 N O2'    131.173 
LYS 'L-peptide linking' y LYSINE          ? 'C6 H15 N2 O2 1' 147.195 
MET 'L-peptide linking' y METHIONINE      ? 'C5 H11 N O2 S'  149.211 
PHE 'L-peptide linking' y PHENYLALANINE   ? 'C9 H11 N O2'    165.189 
PRO 'L-peptide linking' y PROLINE         ? 'C5 H9 N O2'     115.130 
SER 'L-peptide linking' y SERINE          ? 'C3 H7 N O3'     105.093 
SO4 non-polymer         . 'SULFATE ION'   ? 'O4 S -2'        96.063  
THR 'L-peptide linking' y THREONINE       ? 'C4 H9 N O3'     119.119 
TYR 'L-peptide linking' y TYROSINE        ? 'C9 H11 N O3'    181.189 
VAL 'L-peptide linking' y VALINE          ? 'C5 H11 N O2'    117.146 
ZN  non-polymer         . 'ZINC ION'      ? 'Zn 2'           65.409  
# 
loop_
_pdbx_poly_seq_scheme.asym_id 
_pdbx_poly_seq_scheme.entity_id 
_pdbx_poly_seq_scheme.seq_id 
_pdbx_poly_seq_scheme.mon_id 
_pdbx_poly_seq_scheme.ndb_seq_num 
_pdbx_poly_seq_scheme.pdb_seq_num 
_pdbx_poly_seq_scheme.auth_seq_num 
_pdbx_poly_seq_scheme.pdb_mon_id 
_pdbx_poly_seq_scheme.auth_mon_id 
_pdbx_poly_seq_scheme.pdb_strand_id 
_pdbx_poly_seq_scheme.pdb_ins_code 
_pdbx_poly_seq_scheme.hetero 
A 1 1   ALA 1   1723 ?    ?   ?   A . n 
A 1 2   THR 2   1724 ?    ?   ?   A . n 
A 1 3   GLN 3   1725 ?    ?   ?   A . n 
A 1 4   SER 4   1726 1726 SER SER A . n 
A 1 5   PRO 5   1727 1727 PRO PRO A . n 
A 1 6   GLY 6   1728 1728 GLY GLY A . n 
A 1 7   ASP 7   1729 1729 ASP ASP A . n 
A 1 8   SER 8   1730 1730 SER SER A . n 
A 1 9   ARG 9   1731 1731 ARG ARG A . n 
A 1 10  ARG 10  1732 1732 ARG ARG A . n 
A 1 11  LEU 11  1733 1733 LEU LEU A . n 
A 1 12  SER 12  1734 1734 SER SER A . n 
A 1 13  ILE 13  1735 1735 ILE ILE A . n 
A 1 14  GLN 14  1736 1736 GLN GLN A . n 
A 1 15  ARG 15  1737 1737 ARG ARG A . n 
A 1 16  ALA 16  1738 1738 ALA ALA A . n 
A 1 17  ILE 17  1739 1739 ILE ILE A . n 
A 1 18  GLN 18  1740 1740 GLN GLN A . n 
A 1 19  SER 19  1741 1741 SER SER A . n 
A 1 20  LEU 20  1742 1742 LEU LEU A . n 
A 1 21  VAL 21  1743 1743 VAL VAL A . n 
A 1 22  HIS 22  1744 1744 HIS HIS A . n 
A 1 23  ALA 23  1745 1745 ALA ALA A . n 
A 1 24  ALA 24  1746 1746 ALA ALA A . n 
A 1 25  GLN 25  1747 1747 GLN GLN A . n 
A 1 26  CYS 26  1748 1748 CYS CYS A . n 
A 1 27  ARG 27  1749 1749 ARG ARG A . n 
A 1 28  ASN 28  1750 1750 ASN ASN A . n 
A 1 29  ALA 29  1751 1751 ALA ALA A . n 
A 1 30  ASN 30  1752 1752 ASN ASN A . n 
A 1 31  CYS 31  1753 1753 CYS CYS A . n 
A 1 32  SER 32  1754 1754 SER SER A . n 
A 1 33  LEU 33  1755 1755 LEU LEU A . n 
A 1 34  PRO 34  1756 1756 PRO PRO A . n 
A 1 35  SER 35  1757 1757 SER SER A . n 
A 1 36  CYS 36  1758 1758 CYS CYS A . n 
A 1 37  GLN 37  1759 1759 GLN GLN A . n 
A 1 38  LYS 38  1760 1760 LYS LYS A . n 
A 1 39  MET 39  1761 1761 MET MET A . n 
A 1 40  LYS 40  1762 1762 LYS LYS A . n 
A 1 41  ARG 41  1763 1763 ARG ARG A . n 
A 1 42  VAL 42  1764 1764 VAL VAL A . n 
A 1 43  VAL 43  1765 1765 VAL VAL A . n 
A 1 44  GLN 44  1766 1766 GLN GLN A . n 
A 1 45  HIS 45  1767 1767 HIS HIS A . n 
A 1 46  THR 46  1768 1768 THR THR A . n 
A 1 47  LYS 47  1769 1769 LYS LYS A . n 
A 1 48  GLY 48  1770 1770 GLY GLY A . n 
A 1 49  CYS 49  1771 1771 CYS CYS A . n 
A 1 50  LYS 50  1772 1772 LYS LYS A . n 
A 1 51  ARG 51  1773 1773 ARG ARG A . n 
A 1 52  LYS 52  1774 1774 LYS LYS A . n 
A 1 53  THR 53  1775 1775 THR THR A . n 
A 1 54  ASN 54  1776 1776 ASN ASN A . n 
A 1 55  GLY 55  1777 1777 GLY GLY A . n 
A 1 56  GLY 56  1778 1778 GLY GLY A . n 
A 1 57  CYS 57  1779 1779 CYS CYS A . n 
A 1 58  PRO 58  1780 1780 PRO PRO A . n 
A 1 59  ILE 59  1781 1781 ILE ILE A . n 
A 1 60  CYS 60  1782 1782 CYS CYS A . n 
A 1 61  LYS 61  1783 1783 LYS LYS A . n 
A 1 62  GLN 62  1784 1784 GLN GLN A . n 
A 1 63  LEU 63  1785 1785 LEU LEU A . n 
A 1 64  ILE 64  1786 1786 ILE ILE A . n 
A 1 65  ALA 65  1787 1787 ALA ALA A . n 
A 1 66  LEU 66  1788 1788 LEU LEU A . n 
A 1 67  ALA 67  1789 1789 ALA ALA A . n 
A 1 68  ALA 68  1790 1790 ALA ALA A . n 
A 1 69  TYR 69  1791 1791 TYR TYR A . n 
A 1 70  HIS 70  1792 1792 HIS HIS A . n 
A 1 71  ALA 71  1793 1793 ALA ALA A . n 
A 1 72  LYS 72  1794 1794 LYS LYS A . n 
A 1 73  HIS 73  1795 1795 HIS HIS A . n 
A 1 74  CYS 74  1796 1796 CYS CYS A . n 
A 1 75  GLN 75  1797 1797 GLN GLN A . n 
A 1 76  GLU 76  1798 1798 GLU GLU A . n 
A 1 77  ASN 77  1799 1799 ASN ASN A . n 
A 1 78  LYS 78  1800 1800 LYS LYS A . n 
A 1 79  CYS 79  1801 1801 CYS CYS A . n 
A 1 80  PRO 80  1802 1802 PRO PRO A . n 
A 1 81  VAL 81  1803 1803 VAL VAL A . n 
A 1 82  PRO 82  1804 1804 PRO PRO A . n 
A 1 83  PHE 83  1805 1805 PHE PHE A . n 
A 1 84  CYS 84  1806 1806 CYS CYS A . n 
A 1 85  LEU 85  1807 1807 LEU LEU A . n 
A 1 86  ASN 86  1808 1808 ASN ASN A . n 
A 1 87  ILE 87  1809 1809 ILE ILE A . n 
A 1 88  LYS 88  1810 1810 LYS LYS A . n 
A 1 89  GLN 89  1811 1811 GLN GLN A . n 
A 1 90  LYS 90  1812 1812 LYS LYS A . n 
A 1 91  LEU 91  1813 1813 LEU LEU A . n 
A 1 92  ARG 92  1814 1814 ARG ARG A . n 
A 1 93  GLN 93  1815 1815 GLN GLN A . n 
A 1 94  GLN 94  1816 1816 GLN GLN A . n 
A 1 95  GLN 95  1817 1817 GLN GLN A . n 
A 1 96  LEU 96  1818 1818 LEU LEU A . n 
A 1 97  GLN 97  1819 1819 GLN GLN A . n 
A 1 98  HIS 98  1820 1820 HIS HIS A . n 
A 1 99  ARG 99  1821 1821 ARG ARG A . n 
A 1 100 LEU 100 1822 1822 LEU LEU A . n 
A 1 101 GLN 101 1823 1823 GLN GLN A . n 
A 1 102 GLN 102 1824 1824 GLN GLN A . n 
A 1 103 ALA 103 1825 1825 ALA ALA A . n 
A 1 104 GLN 104 1826 1826 GLN GLN A . n 
A 1 105 MET 105 1827 1827 MET MET A . n 
A 1 106 LEU 106 1828 1828 LEU LEU A . n 
A 1 107 ARG 107 1829 1829 ARG ARG A . n 
A 1 108 ARG 108 1830 1830 ARG ARG A . n 
A 1 109 ARG 109 1831 1831 ARG ARG A . n 
A 1 110 MET 110 1832 1832 MET MET A . n 
A 1 111 ALA 111 1833 1833 ALA ALA A . n 
A 1 112 SER 112 1834 1834 SER SER A . n 
A 1 113 MET 113 1835 ?    ?   ?   A . n 
A 1 114 GLN 114 1836 ?    ?   ?   A . n 
# 
loop_
_pdbx_nonpoly_scheme.asym_id 
_pdbx_nonpoly_scheme.entity_id 
_pdbx_nonpoly_scheme.mon_id 
_pdbx_nonpoly_scheme.ndb_seq_num 
_pdbx_nonpoly_scheme.pdb_seq_num 
_pdbx_nonpoly_scheme.auth_seq_num 
_pdbx_nonpoly_scheme.pdb_mon_id 
_pdbx_nonpoly_scheme.auth_mon_id 
_pdbx_nonpoly_scheme.pdb_strand_id 
_pdbx_nonpoly_scheme.pdb_ins_code 
B 2 ZN  1  201 201 ZN  ZN  A . 
C 2 ZN  1  202 202 ZN  ZN  A . 
D 2 ZN  1  203 203 ZN  ZN  A . 
E 3 SO4 1  204 204 SO4 SO4 A . 
F 3 SO4 1  205 205 SO4 SO4 A . 
G 3 SO4 1  206 206 SO4 SO4 A . 
H 3 SO4 1  207 207 SO4 SO4 A . 
I 4 HOH 1  1   1   HOH HOH A . 
I 4 HOH 2  2   2   HOH HOH A . 
I 4 HOH 3  3   3   HOH HOH A . 
I 4 HOH 4  4   4   HOH HOH A . 
I 4 HOH 5  5   5   HOH HOH A . 
I 4 HOH 6  6   6   HOH HOH A . 
I 4 HOH 7  7   7   HOH HOH A . 
I 4 HOH 8  8   8   HOH HOH A . 
I 4 HOH 9  9   9   HOH HOH A . 
I 4 HOH 10 10  10  HOH HOH A . 
I 4 HOH 11 11  11  HOH HOH A . 
I 4 HOH 12 12  12  HOH HOH A . 
I 4 HOH 13 13  13  HOH HOH A . 
I 4 HOH 14 14  14  HOH HOH A . 
I 4 HOH 15 15  15  HOH HOH A . 
I 4 HOH 16 16  16  HOH HOH A . 
I 4 HOH 17 17  17  HOH HOH A . 
I 4 HOH 18 18  18  HOH HOH A . 
I 4 HOH 19 19  19  HOH HOH A . 
I 4 HOH 20 20  20  HOH HOH A . 
I 4 HOH 21 21  21  HOH HOH A . 
I 4 HOH 22 22  22  HOH HOH A . 
I 4 HOH 23 23  23  HOH HOH A . 
I 4 HOH 24 24  24  HOH HOH A . 
I 4 HOH 25 25  25  HOH HOH A . 
I 4 HOH 26 26  26  HOH HOH A . 
I 4 HOH 27 27  27  HOH HOH A . 
I 4 HOH 28 28  28  HOH HOH A . 
I 4 HOH 29 29  29  HOH HOH A . 
I 4 HOH 30 30  30  HOH HOH A . 
I 4 HOH 31 31  31  HOH HOH A . 
# 
loop_
_software.name 
_software.classification 
_software.version 
_software.citation_id 
_software.pdbx_ordinal 
SERGUI   'data collection' .        ? 1 
HKL-3000 phasing           .        ? 2 
REFMAC   refinement        5.4.0077 ? 3 
HKL-2000 'data reduction'  .        ? 4 
HKL-2000 'data scaling'    .        ? 5 
# 
_cell.entry_id           3IO2 
_cell.length_a           155.270 
_cell.length_b           155.270 
_cell.length_c           155.270 
_cell.angle_alpha        90.00 
_cell.angle_beta         90.00 
_cell.angle_gamma        90.00 
_cell.Z_PDB              48 
_cell.pdbx_unique_axis   ? 
_cell.length_a_esd       ? 
_cell.length_b_esd       ? 
_cell.length_c_esd       ? 
_cell.angle_alpha_esd    ? 
_cell.angle_beta_esd     ? 
_cell.angle_gamma_esd    ? 
# 
_symmetry.entry_id                         3IO2 
_symmetry.space_group_name_H-M             'I 41 3 2' 
_symmetry.pdbx_full_space_group_name_H-M   ? 
_symmetry.cell_setting                     ? 
_symmetry.Int_Tables_number                214 
_symmetry.space_group_name_Hall            ? 
# 
_exptl.entry_id          3IO2 
_exptl.method            'X-RAY DIFFRACTION' 
_exptl.crystals_number   ? 
# 
_exptl_crystal.id                    1 
_exptl_crystal.density_meas          ? 
_exptl_crystal.density_Matthews      6.004325 
_exptl_crystal.density_percent_sol   79.514763 
_exptl_crystal.description           ? 
_exptl_crystal.F_000                 ? 
_exptl_crystal.preparation           ? 
# 
_exptl_crystal_grow.crystal_id      1 
_exptl_crystal_grow.method          MICROBATCH 
_exptl_crystal_grow.temp            277 
_exptl_crystal_grow.temp_details    ? 
_exptl_crystal_grow.pH              6.3 
_exptl_crystal_grow.pdbx_details    
;Protein solution: 30 mg/ml Taz2, 25 mM MES pH 6.3, 100 mM NaCl, 6% glycerol, 10% TCEP. 
Precipitating solution: 3.2 M AMS in MES buffer pH 6.0, 10 % ethylene glycol. 
Both solutions mixed 1:1 and kept under oil, Microbatch, temperature 277K
;
_exptl_crystal_grow.pdbx_pH_range   ? 
# 
_diffrn.id                     1 
_diffrn.ambient_temp           100 
_diffrn.ambient_temp_details   ? 
_diffrn.crystal_id             1 
# 
_diffrn_detector.diffrn_id              1 
_diffrn_detector.detector               CCD 
_diffrn_detector.type                   'MARMOSAIC 300 mm CCD' 
_diffrn_detector.pdbx_collection_date   2008-12-04 
_diffrn_detector.details                mirrors 
# 
_diffrn_radiation.diffrn_id                        1 
_diffrn_radiation.wavelength_id                    1 
_diffrn_radiation.pdbx_monochromatic_or_laue_m_l   M 
_diffrn_radiation.monochromator                    'Si 111 double, sagitally focusing' 
_diffrn_radiation.pdbx_diffrn_protocol             'SINGLE WAVELENGTH' 
_diffrn_radiation.pdbx_scattering_type             x-ray 
# 
_diffrn_radiation_wavelength.id           1 
_diffrn_radiation_wavelength.wavelength   1.2827 
_diffrn_radiation_wavelength.wt           1.0 
# 
_diffrn_source.diffrn_id                   1 
_diffrn_source.source                      SYNCHROTRON 
_diffrn_source.type                        'APS BEAMLINE 22-ID' 
_diffrn_source.pdbx_synchrotron_site       APS 
_diffrn_source.pdbx_synchrotron_beamline   22-ID 
_diffrn_source.pdbx_wavelength             ? 
_diffrn_source.pdbx_wavelength_list        1.2827 
# 
_reflns.entry_id                     3IO2 
_reflns.observed_criterion_sigma_I   -3.0 
_reflns.observed_criterion_sigma_F   ? 
_reflns.d_resolution_low             30.0 
_reflns.d_resolution_high            2.5 
_reflns.number_obs                   11355 
_reflns.number_all                   11355 
_reflns.percent_possible_obs         100 
_reflns.pdbx_Rmerge_I_obs            0.093 
_reflns.pdbx_Rsym_value              0.093 
_reflns.pdbx_netI_over_sigmaI        19.2 
_reflns.B_iso_Wilson_estimate        60.9 
_reflns.pdbx_redundancy              5.8 
_reflns.R_free_details               ? 
_reflns.limit_h_max                  ? 
_reflns.limit_h_min                  ? 
_reflns.limit_k_max                  ? 
_reflns.limit_k_min                  ? 
_reflns.limit_l_max                  ? 
_reflns.limit_l_min                  ? 
_reflns.observed_criterion_F_max     ? 
_reflns.observed_criterion_F_min     ? 
_reflns.pdbx_chi_squared             ? 
_reflns.pdbx_scaling_rejects         ? 
_reflns.pdbx_ordinal                 1 
_reflns.pdbx_diffrn_id               1 
# 
_reflns_shell.d_res_high             2.50 
_reflns_shell.d_res_low              2.59 
_reflns_shell.percent_possible_all   100 
_reflns_shell.Rmerge_I_obs           0.647 
_reflns_shell.pdbx_Rsym_value        0.647 
_reflns_shell.meanI_over_sigI_obs    2.5 
_reflns_shell.pdbx_redundancy        5.7 
_reflns_shell.percent_possible_obs   ? 
_reflns_shell.number_unique_all      1108 
_reflns_shell.number_measured_all    ? 
_reflns_shell.number_measured_obs    ? 
_reflns_shell.number_unique_obs      ? 
_reflns_shell.pdbx_chi_squared       ? 
_reflns_shell.pdbx_ordinal           1 
_reflns_shell.pdbx_diffrn_id         1 
# 
_refine.entry_id                                 3IO2 
_refine.ls_number_reflns_obs                     10795 
_refine.ls_number_reflns_all                     ? 
_refine.pdbx_ls_sigma_I                          ? 
_refine.pdbx_ls_sigma_F                          . 
_refine.pdbx_data_cutoff_high_absF               ? 
_refine.pdbx_data_cutoff_low_absF                ? 
_refine.pdbx_data_cutoff_high_rms_absF           ? 
_refine.ls_d_res_low                             28.35 
_refine.ls_d_res_high                            2.50 
_refine.ls_percent_reflns_obs                    100.00 
_refine.ls_R_factor_obs                          0.20802 
_refine.ls_R_factor_all                          ? 
_refine.ls_R_factor_R_work                       0.20646 
_refine.ls_R_factor_R_free                       0.23639 
_refine.ls_R_factor_R_free_error                 ? 
_refine.ls_R_factor_R_free_error_details         ? 
_refine.ls_percent_reflns_R_free                 4.8 
_refine.ls_number_reflns_R_free                  543 
_refine.ls_number_parameters                     ? 
_refine.ls_number_restraints                     ? 
_refine.occupancy_min                            ? 
_refine.occupancy_max                            ? 
_refine.correlation_coeff_Fo_to_Fc               0.946 
_refine.correlation_coeff_Fo_to_Fc_free          0.941 
_refine.B_iso_mean                               35.012 
_refine.aniso_B[1][1]                            ? 
_refine.aniso_B[2][2]                            ? 
_refine.aniso_B[3][3]                            ? 
_refine.aniso_B[1][2]                            ? 
_refine.aniso_B[1][3]                            ? 
_refine.aniso_B[2][3]                            ? 
_refine.solvent_model_details                    'BABINET MODEL WITH MASK' 
_refine.solvent_model_param_ksol                 ? 
_refine.solvent_model_param_bsol                 ? 
_refine.pdbx_solvent_vdw_probe_radii             1.20 
_refine.pdbx_solvent_ion_probe_radii             0.80 
_refine.pdbx_solvent_shrinkage_radii             0.80 
_refine.pdbx_ls_cross_valid_method               THROUGHOUT 
_refine.details                                  ? 
_refine.pdbx_starting_model                      ? 
_refine.pdbx_method_to_determine_struct          SAD 
_refine.pdbx_isotropic_thermal_model             Isotropic 
_refine.pdbx_stereochemistry_target_values       'MAXIMUM LIKELIHOOD' 
_refine.pdbx_stereochem_target_val_spec_case     ? 
_refine.pdbx_R_Free_selection_details            RANDOM 
_refine.pdbx_overall_ESU_R                       0.188 
_refine.pdbx_overall_ESU_R_Free                  0.175 
_refine.overall_SU_ML                            0.131 
_refine.overall_SU_B                             13.234 
_refine.ls_redundancy_reflns_obs                 ? 
_refine.B_iso_min                                ? 
_refine.B_iso_max                                ? 
_refine.overall_SU_R_Cruickshank_DPI             ? 
_refine.overall_SU_R_free                        ? 
_refine.ls_wR_factor_R_free                      ? 
_refine.ls_wR_factor_R_work                      ? 
_refine.overall_FOM_free_R_set                   ? 
_refine.overall_FOM_work_R_set                   ? 
_refine.pdbx_overall_phase_error                 ? 
_refine.pdbx_refine_id                           'X-RAY DIFFRACTION' 
_refine.pdbx_TLS_residual_ADP_flag               UNVERIFIED 
_refine.pdbx_diffrn_id                           1 
_refine.pdbx_overall_SU_R_free_Cruickshank_DPI   ? 
_refine.pdbx_overall_SU_R_Blow_DPI               ? 
_refine.pdbx_overall_SU_R_free_Blow_DPI          ? 
# 
_refine_hist.pdbx_refine_id                   'X-RAY DIFFRACTION' 
_refine_hist.cycle_id                         LAST 
_refine_hist.pdbx_number_atoms_protein        859 
_refine_hist.pdbx_number_atoms_nucleic_acid   0 
_refine_hist.pdbx_number_atoms_ligand         23 
_refine_hist.number_atoms_solvent             31 
_refine_hist.number_atoms_total               913 
_refine_hist.d_res_high                       2.50 
_refine_hist.d_res_low                        28.35 
# 
loop_
_refine_ls_restr.type 
_refine_ls_restr.dev_ideal 
_refine_ls_restr.dev_ideal_target 
_refine_ls_restr.weight 
_refine_ls_restr.number 
_refine_ls_restr.pdbx_refine_id 
_refine_ls_restr.pdbx_restraint_function 
r_bond_refined_d       0.021 0.021  ? 886  'X-RAY DIFFRACTION' ? 
r_angle_refined_deg    2.2   1.974  ? 1185 'X-RAY DIFFRACTION' ? 
r_dihedral_angle_1_deg 6.7   5.000  ? 108  'X-RAY DIFFRACTION' ? 
r_dihedral_angle_2_deg 34.3  22.750 ? 40   'X-RAY DIFFRACTION' ? 
r_dihedral_angle_3_deg 22.7  15.000 ? 179  'X-RAY DIFFRACTION' ? 
r_dihedral_angle_4_deg 25.9  15.000 ? 11   'X-RAY DIFFRACTION' ? 
r_chiral_restr         0.156 0.200  ? 126  'X-RAY DIFFRACTION' ? 
r_gen_planes_refined   0.011 0.021  ? 640  'X-RAY DIFFRACTION' ? 
r_mcbond_it            2.865 3.000  ? 545  'X-RAY DIFFRACTION' ? 
r_mcangle_it           5.0   5.000  ? 873  'X-RAY DIFFRACTION' ? 
r_scbond_it            7.6   6.000  ? 341  'X-RAY DIFFRACTION' ? 
r_scangle_it           11.2  8.000  ? 312  'X-RAY DIFFRACTION' ? 
# 
_refine_ls_shell.pdbx_total_number_of_bins_used   20 
_refine_ls_shell.d_res_high                       2.50 
_refine_ls_shell.d_res_low                        2.566 
_refine_ls_shell.number_reflns_R_work             758 
_refine_ls_shell.R_factor_R_work                  0.274 
_refine_ls_shell.percent_reflns_obs               100.00 
_refine_ls_shell.R_factor_R_free                  0.334 
_refine_ls_shell.R_factor_R_free_error            ? 
_refine_ls_shell.percent_reflns_R_free            ? 
_refine_ls_shell.number_reflns_R_free             49 
_refine_ls_shell.number_reflns_all                ? 
_refine_ls_shell.R_factor_all                     ? 
_refine_ls_shell.number_reflns_obs                ? 
_refine_ls_shell.redundancy_reflns_obs            ? 
_refine_ls_shell.pdbx_refine_id                   'X-RAY DIFFRACTION' 
# 
_struct.entry_id                  3IO2 
_struct.title                     'Crystal structure of the Taz2 domain of p300' 
_struct.pdbx_model_details        ? 
_struct.pdbx_CASP_flag            ? 
_struct.pdbx_model_type_details   ? 
# 
_struct_keywords.entry_id        3IO2 
_struct_keywords.pdbx_keywords   TRANSFERASE 
_struct_keywords.text            
;p300, Metal-binding, Transcription, Zinc-finger, Bromodomain, Cell cycle, Citrullination, Disease mutation, Host-virus interaction, Methylation, Nucleus, Phosphoprotein, Transcription regulation, Transferase
;
# 
loop_
_struct_asym.id 
_struct_asym.pdbx_blank_PDB_chainid_flag 
_struct_asym.pdbx_modified 
_struct_asym.entity_id 
_struct_asym.details 
A N N 1 ? 
B N N 2 ? 
C N N 2 ? 
D N N 2 ? 
E N N 3 ? 
F N N 3 ? 
G N N 3 ? 
H N N 3 ? 
I N N 4 ? 
# 
_struct_ref.id                         1 
_struct_ref.db_name                    UNP 
_struct_ref.db_code                    EP300_HUMAN 
_struct_ref.pdbx_db_accession          Q09472 
_struct_ref.entity_id                  1 
_struct_ref.pdbx_seq_one_letter_code   
;ATQSPGDSRRLSIQRCIQSLVHACQCRNANCSLPSCQKMKRVVQHTKGCKRKTNGGCPICKQLIALCCYHAKHCQENKCP
VPFCLNIKQKLRQQQLQHRLQQAQMLRRRMASMQ
;
_struct_ref.pdbx_align_begin           1723 
_struct_ref.pdbx_db_isoform            ? 
# 
_struct_ref_seq.align_id                      1 
_struct_ref_seq.ref_id                        1 
_struct_ref_seq.pdbx_PDB_id_code              3IO2 
_struct_ref_seq.pdbx_strand_id                A 
_struct_ref_seq.seq_align_beg                 1 
_struct_ref_seq.pdbx_seq_align_beg_ins_code   ? 
_struct_ref_seq.seq_align_end                 114 
_struct_ref_seq.pdbx_seq_align_end_ins_code   ? 
_struct_ref_seq.pdbx_db_accession             Q09472 
_struct_ref_seq.db_align_beg                  1723 
_struct_ref_seq.pdbx_db_align_beg_ins_code    ? 
_struct_ref_seq.db_align_end                  1836 
_struct_ref_seq.pdbx_db_align_end_ins_code    ? 
_struct_ref_seq.pdbx_auth_seq_align_beg       1723 
_struct_ref_seq.pdbx_auth_seq_align_end       1836 
# 
loop_
_struct_ref_seq_dif.align_id 
_struct_ref_seq_dif.pdbx_pdb_id_code 
_struct_ref_seq_dif.mon_id 
_struct_ref_seq_dif.pdbx_pdb_strand_id 
_struct_ref_seq_dif.seq_num 
_struct_ref_seq_dif.pdbx_pdb_ins_code 
_struct_ref_seq_dif.pdbx_seq_db_name 
_struct_ref_seq_dif.pdbx_seq_db_accession_code 
_struct_ref_seq_dif.db_mon_id 
_struct_ref_seq_dif.pdbx_seq_db_seq_num 
_struct_ref_seq_dif.details 
_struct_ref_seq_dif.pdbx_auth_seq_num 
_struct_ref_seq_dif.pdbx_ordinal 
1 3IO2 ALA A 16 ? UNP Q09472 CYS 1738 'engineered mutation' 1738 1 
1 3IO2 ALA A 24 ? UNP Q09472 CYS 1746 'engineered mutation' 1746 2 
1 3IO2 ALA A 67 ? UNP Q09472 CYS 1789 'engineered mutation' 1789 3 
1 3IO2 ALA A 68 ? UNP Q09472 CYS 1790 'engineered mutation' 1790 4 
# 
_pdbx_struct_assembly.id                   1 
_pdbx_struct_assembly.details              author_defined_assembly 
_pdbx_struct_assembly.method_details       ? 
_pdbx_struct_assembly.oligomeric_details   monomeric 
_pdbx_struct_assembly.oligomeric_count     1 
# 
_pdbx_struct_assembly_gen.assembly_id       1 
_pdbx_struct_assembly_gen.oper_expression   1 
_pdbx_struct_assembly_gen.asym_id_list      A,B,C,D,E,F,G,H,I 
# 
_pdbx_struct_oper_list.id                   1 
_pdbx_struct_oper_list.type                 'identity operation' 
_pdbx_struct_oper_list.name                 1_555 
_pdbx_struct_oper_list.symmetry_operation   x,y,z 
_pdbx_struct_oper_list.matrix[1][1]         1.0000000000 
_pdbx_struct_oper_list.matrix[1][2]         0.0000000000 
_pdbx_struct_oper_list.matrix[1][3]         0.0000000000 
_pdbx_struct_oper_list.vector[1]            0.0000000000 
_pdbx_struct_oper_list.matrix[2][1]         0.0000000000 
_pdbx_struct_oper_list.matrix[2][2]         1.0000000000 
_pdbx_struct_oper_list.matrix[2][3]         0.0000000000 
_pdbx_struct_oper_list.vector[2]            0.0000000000 
_pdbx_struct_oper_list.matrix[3][1]         0.0000000000 
_pdbx_struct_oper_list.matrix[3][2]         0.0000000000 
_pdbx_struct_oper_list.matrix[3][3]         1.0000000000 
_pdbx_struct_oper_list.vector[3]            0.0000000000 
# 
_struct_biol.id        1 
_struct_biol.details   ? 
# 
loop_
_struct_conf.conf_type_id 
_struct_conf.id 
_struct_conf.pdbx_PDB_helix_id 
_struct_conf.beg_label_comp_id 
_struct_conf.beg_label_asym_id 
_struct_conf.beg_label_seq_id 
_struct_conf.pdbx_beg_PDB_ins_code 
_struct_conf.end_label_comp_id 
_struct_conf.end_label_asym_id 
_struct_conf.end_label_seq_id 
_struct_conf.pdbx_end_PDB_ins_code 
_struct_conf.beg_auth_comp_id 
_struct_conf.beg_auth_asym_id 
_struct_conf.beg_auth_seq_id 
_struct_conf.end_auth_comp_id 
_struct_conf.end_auth_asym_id 
_struct_conf.end_auth_seq_id 
_struct_conf.pdbx_PDB_helix_class 
_struct_conf.details 
_struct_conf.pdbx_PDB_helix_length 
HELX_P HELX_P1 1 SER A 4  ? ALA A 24  ? SER A 1726 ALA A 1746 1 ? 21 
HELX_P HELX_P2 2 SER A 35 ? CYS A 49  ? SER A 1757 CYS A 1771 1 ? 15 
HELX_P HELX_P3 3 ARG A 51 ? GLY A 56  ? ARG A 1773 GLY A 1778 5 ? 6  
HELX_P HELX_P4 4 CYS A 57 ? LYS A 72  ? CYS A 1779 LYS A 1794 1 ? 16 
HELX_P HELX_P5 5 PHE A 83 ? ALA A 111 ? PHE A 1805 ALA A 1833 1 ? 29 
# 
_struct_conf_type.id          HELX_P 
_struct_conf_type.criteria    ? 
_struct_conf_type.reference   ? 
# 
loop_
_struct_conn.id 
_struct_conn.conn_type_id 
_struct_conn.pdbx_leaving_atom_flag 
_struct_conn.pdbx_PDB_id 
_struct_conn.ptnr1_label_asym_id 
_struct_conn.ptnr1_label_comp_id 
_struct_conn.ptnr1_label_seq_id 
_struct_conn.ptnr1_label_atom_id 
_struct_conn.pdbx_ptnr1_label_alt_id 
_struct_conn.pdbx_ptnr1_PDB_ins_code 
_struct_conn.pdbx_ptnr1_standard_comp_id 
_struct_conn.ptnr1_symmetry 
_struct_conn.ptnr2_label_asym_id 
_struct_conn.ptnr2_label_comp_id 
_struct_conn.ptnr2_label_seq_id 
_struct_conn.ptnr2_label_atom_id 
_struct_conn.pdbx_ptnr2_label_alt_id 
_struct_conn.pdbx_ptnr2_PDB_ins_code 
_struct_conn.ptnr1_auth_asym_id 
_struct_conn.ptnr1_auth_comp_id 
_struct_conn.ptnr1_auth_seq_id 
_struct_conn.ptnr2_auth_asym_id 
_struct_conn.ptnr2_auth_comp_id 
_struct_conn.ptnr2_auth_seq_id 
_struct_conn.ptnr2_symmetry 
_struct_conn.pdbx_ptnr3_label_atom_id 
_struct_conn.pdbx_ptnr3_label_seq_id 
_struct_conn.pdbx_ptnr3_label_comp_id 
_struct_conn.pdbx_ptnr3_label_asym_id 
_struct_conn.pdbx_ptnr3_label_alt_id 
_struct_conn.pdbx_ptnr3_PDB_ins_code 
_struct_conn.details 
_struct_conn.pdbx_dist_value 
_struct_conn.pdbx_value_order 
_struct_conn.pdbx_role 
metalc1  metalc ? ? B ZN . ZN ? ? ? 1_555 A HIS 22 NE2 ? ? A ZN 201 A HIS 1744 1_555 ? ? ? ? ? ? ? 2.190 ? ? 
metalc2  metalc ? ? B ZN . ZN ? ? ? 1_555 A CYS 26 SG  ? ? A ZN 201 A CYS 1748 1_555 ? ? ? ? ? ? ? 2.329 ? ? 
metalc3  metalc ? ? B ZN . ZN ? ? ? 1_555 A CYS 31 SG  ? ? A ZN 201 A CYS 1753 1_555 ? ? ? ? ? ? ? 2.276 ? ? 
metalc4  metalc ? ? B ZN . ZN ? ? ? 1_555 A CYS 36 SG  ? ? A ZN 201 A CYS 1758 1_555 ? ? ? ? ? ? ? 2.431 ? ? 
metalc5  metalc ? ? C ZN . ZN ? ? ? 1_555 A HIS 45 NE2 ? ? A ZN 202 A HIS 1767 1_555 ? ? ? ? ? ? ? 2.041 ? ? 
metalc6  metalc ? ? C ZN . ZN ? ? ? 1_555 A CYS 49 SG  ? ? A ZN 202 A CYS 1771 1_555 ? ? ? ? ? ? ? 2.357 ? ? 
metalc7  metalc ? ? C ZN . ZN ? ? ? 1_555 A CYS 57 SG  ? ? A ZN 202 A CYS 1779 1_555 ? ? ? ? ? ? ? 2.284 ? ? 
metalc8  metalc ? ? C ZN . ZN ? ? ? 1_555 A CYS 60 SG  ? ? A ZN 202 A CYS 1782 1_555 ? ? ? ? ? ? ? 2.304 ? ? 
metalc9  metalc ? ? D ZN . ZN ? ? ? 1_555 A HIS 70 NE2 ? ? A ZN 203 A HIS 1792 1_555 ? ? ? ? ? ? ? 2.226 ? ? 
metalc10 metalc ? ? D ZN . ZN ? ? ? 1_555 A CYS 74 SG  ? ? A ZN 203 A CYS 1796 1_555 ? ? ? ? ? ? ? 2.468 ? ? 
metalc11 metalc ? ? D ZN . ZN ? ? ? 1_555 A CYS 79 SG  ? ? A ZN 203 A CYS 1801 1_555 ? ? ? ? ? ? ? 2.258 ? ? 
metalc12 metalc ? ? D ZN . ZN ? ? ? 1_555 A CYS 84 SG  ? ? A ZN 203 A CYS 1806 1_555 ? ? ? ? ? ? ? 2.399 ? ? 
# 
_struct_conn_type.id          metalc 
_struct_conn_type.criteria    ? 
_struct_conn_type.reference   ? 
# 
loop_
_pdbx_struct_conn_angle.id 
_pdbx_struct_conn_angle.ptnr1_label_atom_id 
_pdbx_struct_conn_angle.ptnr1_label_alt_id 
_pdbx_struct_conn_angle.ptnr1_label_asym_id 
_pdbx_struct_conn_angle.ptnr1_label_comp_id 
_pdbx_struct_conn_angle.ptnr1_label_seq_id 
_pdbx_struct_conn_angle.ptnr1_auth_atom_id 
_pdbx_struct_conn_angle.ptnr1_auth_asym_id 
_pdbx_struct_conn_angle.ptnr1_auth_comp_id 
_pdbx_struct_conn_angle.ptnr1_auth_seq_id 
_pdbx_struct_conn_angle.ptnr1_PDB_ins_code 
_pdbx_struct_conn_angle.ptnr1_symmetry 
_pdbx_struct_conn_angle.ptnr2_label_atom_id 
_pdbx_struct_conn_angle.ptnr2_label_alt_id 
_pdbx_struct_conn_angle.ptnr2_label_asym_id 
_pdbx_struct_conn_angle.ptnr2_label_comp_id 
_pdbx_struct_conn_angle.ptnr2_label_seq_id 
_pdbx_struct_conn_angle.ptnr2_auth_atom_id 
_pdbx_struct_conn_angle.ptnr2_auth_asym_id 
_pdbx_struct_conn_angle.ptnr2_auth_comp_id 
_pdbx_struct_conn_angle.ptnr2_auth_seq_id 
_pdbx_struct_conn_angle.ptnr2_PDB_ins_code 
_pdbx_struct_conn_angle.ptnr2_symmetry 
_pdbx_struct_conn_angle.ptnr3_label_atom_id 
_pdbx_struct_conn_angle.ptnr3_label_alt_id 
_pdbx_struct_conn_angle.ptnr3_label_asym_id 
_pdbx_struct_conn_angle.ptnr3_label_comp_id 
_pdbx_struct_conn_angle.ptnr3_label_seq_id 
_pdbx_struct_conn_angle.ptnr3_auth_atom_id 
_pdbx_struct_conn_angle.ptnr3_auth_asym_id 
_pdbx_struct_conn_angle.ptnr3_auth_comp_id 
_pdbx_struct_conn_angle.ptnr3_auth_seq_id 
_pdbx_struct_conn_angle.ptnr3_PDB_ins_code 
_pdbx_struct_conn_angle.ptnr3_symmetry 
_pdbx_struct_conn_angle.value 
_pdbx_struct_conn_angle.value_esd 
1  NE2 ? A HIS 22 ? A HIS 1744 ? 1_555 ZN ? B ZN . ? A ZN 201 ? 1_555 SG ? A CYS 26 ? A CYS 1748 ? 1_555 105.7 ? 
2  NE2 ? A HIS 22 ? A HIS 1744 ? 1_555 ZN ? B ZN . ? A ZN 201 ? 1_555 SG ? A CYS 31 ? A CYS 1753 ? 1_555 100.3 ? 
3  SG  ? A CYS 26 ? A CYS 1748 ? 1_555 ZN ? B ZN . ? A ZN 201 ? 1_555 SG ? A CYS 31 ? A CYS 1753 ? 1_555 122.5 ? 
4  NE2 ? A HIS 22 ? A HIS 1744 ? 1_555 ZN ? B ZN . ? A ZN 201 ? 1_555 SG ? A CYS 36 ? A CYS 1758 ? 1_555 107.2 ? 
5  SG  ? A CYS 26 ? A CYS 1748 ? 1_555 ZN ? B ZN . ? A ZN 201 ? 1_555 SG ? A CYS 36 ? A CYS 1758 ? 1_555 113.6 ? 
6  SG  ? A CYS 31 ? A CYS 1753 ? 1_555 ZN ? B ZN . ? A ZN 201 ? 1_555 SG ? A CYS 36 ? A CYS 1758 ? 1_555 105.9 ? 
7  NE2 ? A HIS 45 ? A HIS 1767 ? 1_555 ZN ? C ZN . ? A ZN 202 ? 1_555 SG ? A CYS 49 ? A CYS 1771 ? 1_555 107.8 ? 
8  NE2 ? A HIS 45 ? A HIS 1767 ? 1_555 ZN ? C ZN . ? A ZN 202 ? 1_555 SG ? A CYS 57 ? A CYS 1779 ? 1_555 106.2 ? 
9  SG  ? A CYS 49 ? A CYS 1771 ? 1_555 ZN ? C ZN . ? A ZN 202 ? 1_555 SG ? A CYS 57 ? A CYS 1779 ? 1_555 117.0 ? 
10 NE2 ? A HIS 45 ? A HIS 1767 ? 1_555 ZN ? C ZN . ? A ZN 202 ? 1_555 SG ? A CYS 60 ? A CYS 1782 ? 1_555 110.0 ? 
11 SG  ? A CYS 49 ? A CYS 1771 ? 1_555 ZN ? C ZN . ? A ZN 202 ? 1_555 SG ? A CYS 60 ? A CYS 1782 ? 1_555 107.0 ? 
12 SG  ? A CYS 57 ? A CYS 1779 ? 1_555 ZN ? C ZN . ? A ZN 202 ? 1_555 SG ? A CYS 60 ? A CYS 1782 ? 1_555 108.8 ? 
13 NE2 ? A HIS 70 ? A HIS 1792 ? 1_555 ZN ? D ZN . ? A ZN 203 ? 1_555 SG ? A CYS 74 ? A CYS 1796 ? 1_555 101.5 ? 
14 NE2 ? A HIS 70 ? A HIS 1792 ? 1_555 ZN ? D ZN . ? A ZN 203 ? 1_555 SG ? A CYS 79 ? A CYS 1801 ? 1_555 115.5 ? 
15 SG  ? A CYS 74 ? A CYS 1796 ? 1_555 ZN ? D ZN . ? A ZN 203 ? 1_555 SG ? A CYS 79 ? A CYS 1801 ? 1_555 114.9 ? 
16 NE2 ? A HIS 70 ? A HIS 1792 ? 1_555 ZN ? D ZN . ? A ZN 203 ? 1_555 SG ? A CYS 84 ? A CYS 1806 ? 1_555 106.4 ? 
17 SG  ? A CYS 74 ? A CYS 1796 ? 1_555 ZN ? D ZN . ? A ZN 203 ? 1_555 SG ? A CYS 84 ? A CYS 1806 ? 1_555 105.0 ? 
18 SG  ? A CYS 79 ? A CYS 1801 ? 1_555 ZN ? D ZN . ? A ZN 203 ? 1_555 SG ? A CYS 84 ? A CYS 1806 ? 1_555 112.3 ? 
# 
loop_
_struct_site.id 
_struct_site.pdbx_evidence_code 
_struct_site.pdbx_auth_asym_id 
_struct_site.pdbx_auth_comp_id 
_struct_site.pdbx_auth_seq_id 
_struct_site.pdbx_auth_ins_code 
_struct_site.pdbx_num_residues 
_struct_site.details 
AC1 Software A ZN  201 ? 4 'BINDING SITE FOR RESIDUE ZN A 201'  
AC2 Software A ZN  202 ? 4 'BINDING SITE FOR RESIDUE ZN A 202'  
AC3 Software A ZN  203 ? 4 'BINDING SITE FOR RESIDUE ZN A 203'  
AC4 Software A SO4 204 ? 3 'BINDING SITE FOR RESIDUE SO4 A 204' 
AC5 Software A SO4 205 ? 6 'BINDING SITE FOR RESIDUE SO4 A 205' 
AC6 Software A SO4 206 ? 2 'BINDING SITE FOR RESIDUE SO4 A 206' 
AC7 Software A SO4 207 ? 3 'BINDING SITE FOR RESIDUE SO4 A 207' 
# 
loop_
_struct_site_gen.id 
_struct_site_gen.site_id 
_struct_site_gen.pdbx_num_res 
_struct_site_gen.label_comp_id 
_struct_site_gen.label_asym_id 
_struct_site_gen.label_seq_id 
_struct_site_gen.pdbx_auth_ins_code 
_struct_site_gen.auth_comp_id 
_struct_site_gen.auth_asym_id 
_struct_site_gen.auth_seq_id 
_struct_site_gen.label_atom_id 
_struct_site_gen.label_alt_id 
_struct_site_gen.symmetry 
_struct_site_gen.details 
1  AC1 4 HIS A 22  ? HIS A 1744 . ? 1_555  ? 
2  AC1 4 CYS A 26  ? CYS A 1748 . ? 1_555  ? 
3  AC1 4 CYS A 31  ? CYS A 1753 . ? 1_555  ? 
4  AC1 4 CYS A 36  ? CYS A 1758 . ? 1_555  ? 
5  AC2 4 HIS A 45  ? HIS A 1767 . ? 1_555  ? 
6  AC2 4 CYS A 49  ? CYS A 1771 . ? 1_555  ? 
7  AC2 4 CYS A 57  ? CYS A 1779 . ? 1_555  ? 
8  AC2 4 CYS A 60  ? CYS A 1782 . ? 1_555  ? 
9  AC3 4 HIS A 70  ? HIS A 1792 . ? 1_555  ? 
10 AC3 4 CYS A 74  ? CYS A 1796 . ? 1_555  ? 
11 AC3 4 CYS A 79  ? CYS A 1801 . ? 1_555  ? 
12 AC3 4 CYS A 84  ? CYS A 1806 . ? 1_555  ? 
13 AC4 3 CYS A 49  ? CYS A 1771 . ? 1_555  ? 
14 AC4 3 LYS A 50  ? LYS A 1772 . ? 1_555  ? 
15 AC4 3 ARG A 51  ? ARG A 1773 . ? 1_555  ? 
16 AC5 6 HOH I .   ? HOH A 30   . ? 43_566 ? 
17 AC5 6 ARG A 15  ? ARG A 1737 . ? 1_555  ? 
18 AC5 6 ARG A 15  ? ARG A 1737 . ? 43_566 ? 
19 AC5 6 GLN A 18  ? GLN A 1740 . ? 1_555  ? 
20 AC5 6 PRO A 34  ? PRO A 1756 . ? 43_566 ? 
21 AC5 6 SER A 35  ? SER A 1757 . ? 43_566 ? 
22 AC6 2 GLN A 62  ? GLN A 1784 . ? 39_455 ? 
23 AC6 2 ARG A 107 ? ARG A 1829 . ? 1_555  ? 
24 AC7 3 ARG A 51  ? ARG A 1773 . ? 1_555  ? 
25 AC7 3 GLN A 89  ? GLN A 1811 . ? 13_456 ? 
26 AC7 3 ARG A 92  ? ARG A 1814 . ? 13_456 ? 
# 
_pdbx_validate_close_contact.id               1 
_pdbx_validate_close_contact.PDB_model_num    1 
_pdbx_validate_close_contact.auth_atom_id_1   N 
_pdbx_validate_close_contact.auth_asym_id_1   A 
_pdbx_validate_close_contact.auth_comp_id_1   LYS 
_pdbx_validate_close_contact.auth_seq_id_1    1772 
_pdbx_validate_close_contact.PDB_ins_code_1   ? 
_pdbx_validate_close_contact.label_alt_id_1   ? 
_pdbx_validate_close_contact.auth_atom_id_2   O4 
_pdbx_validate_close_contact.auth_asym_id_2   A 
_pdbx_validate_close_contact.auth_comp_id_2   SO4 
_pdbx_validate_close_contact.auth_seq_id_2    204 
_pdbx_validate_close_contact.PDB_ins_code_2   ? 
_pdbx_validate_close_contact.label_alt_id_2   ? 
_pdbx_validate_close_contact.dist             2.07 
# 
loop_
_pdbx_validate_symm_contact.id 
_pdbx_validate_symm_contact.PDB_model_num 
_pdbx_validate_symm_contact.auth_atom_id_1 
_pdbx_validate_symm_contact.auth_asym_id_1 
_pdbx_validate_symm_contact.auth_comp_id_1 
_pdbx_validate_symm_contact.auth_seq_id_1 
_pdbx_validate_symm_contact.PDB_ins_code_1 
_pdbx_validate_symm_contact.label_alt_id_1 
_pdbx_validate_symm_contact.site_symmetry_1 
_pdbx_validate_symm_contact.auth_atom_id_2 
_pdbx_validate_symm_contact.auth_asym_id_2 
_pdbx_validate_symm_contact.auth_comp_id_2 
_pdbx_validate_symm_contact.auth_seq_id_2 
_pdbx_validate_symm_contact.PDB_ins_code_2 
_pdbx_validate_symm_contact.label_alt_id_2 
_pdbx_validate_symm_contact.site_symmetry_2 
_pdbx_validate_symm_contact.dist 
1 1 O A HOH 5 ? ? 1_555 O A HOH 5  ? ? 43_566 1.54 
2 1 O A HOH 7 ? ? 1_555 O A HOH 15 ? ? 40_554 1.85 
# 
_pdbx_validate_rmsd_bond.id                        1 
_pdbx_validate_rmsd_bond.PDB_model_num             1 
_pdbx_validate_rmsd_bond.auth_atom_id_1            CB 
_pdbx_validate_rmsd_bond.auth_asym_id_1            A 
_pdbx_validate_rmsd_bond.auth_comp_id_1            CYS 
_pdbx_validate_rmsd_bond.auth_seq_id_1             1801 
_pdbx_validate_rmsd_bond.PDB_ins_code_1            ? 
_pdbx_validate_rmsd_bond.label_alt_id_1            ? 
_pdbx_validate_rmsd_bond.auth_atom_id_2            SG 
_pdbx_validate_rmsd_bond.auth_asym_id_2            A 
_pdbx_validate_rmsd_bond.auth_comp_id_2            CYS 
_pdbx_validate_rmsd_bond.auth_seq_id_2             1801 
_pdbx_validate_rmsd_bond.PDB_ins_code_2            ? 
_pdbx_validate_rmsd_bond.label_alt_id_2            ? 
_pdbx_validate_rmsd_bond.bond_value                1.714 
_pdbx_validate_rmsd_bond.bond_target_value         1.812 
_pdbx_validate_rmsd_bond.bond_deviation            -0.098 
_pdbx_validate_rmsd_bond.bond_standard_deviation   0.016 
_pdbx_validate_rmsd_bond.linker_flag               N 
# 
_pdbx_validate_rmsd_angle.id                         1 
_pdbx_validate_rmsd_angle.PDB_model_num              1 
_pdbx_validate_rmsd_angle.auth_atom_id_1             CB 
_pdbx_validate_rmsd_angle.auth_asym_id_1             A 
_pdbx_validate_rmsd_angle.auth_comp_id_1             LEU 
_pdbx_validate_rmsd_angle.auth_seq_id_1              1785 
_pdbx_validate_rmsd_angle.PDB_ins_code_1             ? 
_pdbx_validate_rmsd_angle.label_alt_id_1             ? 
_pdbx_validate_rmsd_angle.auth_atom_id_2             CG 
_pdbx_validate_rmsd_angle.auth_asym_id_2             A 
_pdbx_validate_rmsd_angle.auth_comp_id_2             LEU 
_pdbx_validate_rmsd_angle.auth_seq_id_2              1785 
_pdbx_validate_rmsd_angle.PDB_ins_code_2             ? 
_pdbx_validate_rmsd_angle.label_alt_id_2             ? 
_pdbx_validate_rmsd_angle.auth_atom_id_3             CD1 
_pdbx_validate_rmsd_angle.auth_asym_id_3             A 
_pdbx_validate_rmsd_angle.auth_comp_id_3             LEU 
_pdbx_validate_rmsd_angle.auth_seq_id_3              1785 
_pdbx_validate_rmsd_angle.PDB_ins_code_3             ? 
_pdbx_validate_rmsd_angle.label_alt_id_3             ? 
_pdbx_validate_rmsd_angle.angle_value                88.44 
_pdbx_validate_rmsd_angle.angle_target_value         111.00 
_pdbx_validate_rmsd_angle.angle_deviation            -22.56 
_pdbx_validate_rmsd_angle.angle_standard_deviation   1.70 
_pdbx_validate_rmsd_angle.linker_flag                N 
# 
loop_
_pdbx_validate_torsion.id 
_pdbx_validate_torsion.PDB_model_num 
_pdbx_validate_torsion.auth_comp_id 
_pdbx_validate_torsion.auth_asym_id 
_pdbx_validate_torsion.auth_seq_id 
_pdbx_validate_torsion.PDB_ins_code 
_pdbx_validate_torsion.label_alt_id 
_pdbx_validate_torsion.phi 
_pdbx_validate_torsion.psi 
1 1 LYS A 1774 ? ? 42.28   -135.46 
2 1 LYS A 1800 ? ? -108.09 48.44   
3 1 PHE A 1805 ? ? 71.35   -8.66   
# 
loop_
_pdbx_refine_tls.pdbx_refine_id 
_pdbx_refine_tls.id 
_pdbx_refine_tls.details 
_pdbx_refine_tls.method 
_pdbx_refine_tls.origin_x 
_pdbx_refine_tls.origin_y 
_pdbx_refine_tls.origin_z 
_pdbx_refine_tls.T[1][1] 
_pdbx_refine_tls.T[2][2] 
_pdbx_refine_tls.T[3][3] 
_pdbx_refine_tls.T[1][2] 
_pdbx_refine_tls.T[1][3] 
_pdbx_refine_tls.T[2][3] 
_pdbx_refine_tls.L[1][1] 
_pdbx_refine_tls.L[2][2] 
_pdbx_refine_tls.L[3][3] 
_pdbx_refine_tls.L[1][2] 
_pdbx_refine_tls.L[1][3] 
_pdbx_refine_tls.L[2][3] 
_pdbx_refine_tls.S[1][1] 
_pdbx_refine_tls.S[1][2] 
_pdbx_refine_tls.S[1][3] 
_pdbx_refine_tls.S[2][1] 
_pdbx_refine_tls.S[2][2] 
_pdbx_refine_tls.S[2][3] 
_pdbx_refine_tls.S[3][1] 
_pdbx_refine_tls.S[3][2] 
_pdbx_refine_tls.S[3][3] 
'X-RAY DIFFRACTION' 1 ? refined -11.1469 0.4084  -8.3025 0.2785 0.1019 0.2759 0.0288  -0.0330 0.0406 6.5228  5.8288 3.9675 -1.2272 0.5427  -0.5753 0.3179  0.4943  -0.1820 -0.4952 -0.1273 0.1841  0.1638  -0.1672 -0.1906 
'X-RAY DIFFRACTION' 2 ? refined -8.1329  -8.9552 6.0346  0.2507 0.0530 0.3315 -0.1052 0.0001  0.0541 8.5069  4.4037 5.4814 -2.8817 3.5791  -1.4126 -0.1091 -0.5333 -0.1546 0.5655  0.1619  0.2304  -0.0743 -0.4274 -0.0528 
'X-RAY DIFFRACTION' 3 ? refined -1.5903  1.3676  -0.9222 0.2548 0.0736 0.3242 -0.0680 -0.0286 0.1031 2.8408  8.4592 2.9439 -0.5167 1.6561  0.0899  0.1673  0.3135  0.0438  0.0150  -0.4003 -0.6043 -0.4371 0.0400  0.2330  
'X-RAY DIFFRACTION' 4 ? refined 18.4492  5.6566  5.0444  0.2902 0.0903 0.2923 -0.1105 -0.0156 0.0938 11.6636 2.9070 0.7977 4.4648  -2.1226 -0.1840 0.0888  -0.2090 -0.2685 -0.1751 0.0462  -0.0594 0.1153  0.1802  -0.1350 
# 
loop_
_pdbx_refine_tls_group.pdbx_refine_id 
_pdbx_refine_tls_group.id 
_pdbx_refine_tls_group.refine_tls_id 
_pdbx_refine_tls_group.beg_auth_asym_id 
_pdbx_refine_tls_group.beg_auth_seq_id 
_pdbx_refine_tls_group.beg_label_asym_id 
_pdbx_refine_tls_group.beg_label_seq_id 
_pdbx_refine_tls_group.end_auth_asym_id 
_pdbx_refine_tls_group.end_auth_seq_id 
_pdbx_refine_tls_group.end_label_asym_id 
_pdbx_refine_tls_group.end_label_seq_id 
_pdbx_refine_tls_group.selection 
_pdbx_refine_tls_group.selection_details 
'X-RAY DIFFRACTION' 1 1 A 1730 ? ? A 1747 ? ? ? ? 
'X-RAY DIFFRACTION' 2 2 A 1759 ? ? A 1770 ? ? ? ? 
'X-RAY DIFFRACTION' 3 3 A 1781 ? ? A 1794 ? ? ? ? 
'X-RAY DIFFRACTION' 4 4 A 1804 ? ? A 1833 ? ? ? ? 
# 
loop_
_pdbx_unobs_or_zero_occ_residues.id 
_pdbx_unobs_or_zero_occ_residues.PDB_model_num 
_pdbx_unobs_or_zero_occ_residues.polymer_flag 
_pdbx_unobs_or_zero_occ_residues.occupancy_flag 
_pdbx_unobs_or_zero_occ_residues.auth_asym_id 
_pdbx_unobs_or_zero_occ_residues.auth_comp_id 
_pdbx_unobs_or_zero_occ_residues.auth_seq_id 
_pdbx_unobs_or_zero_occ_residues.PDB_ins_code 
_pdbx_unobs_or_zero_occ_residues.label_asym_id 
_pdbx_unobs_or_zero_occ_residues.label_comp_id 
_pdbx_unobs_or_zero_occ_residues.label_seq_id 
1 1 Y 1 A ALA 1723 ? A ALA 1   
2 1 Y 1 A THR 1724 ? A THR 2   
3 1 Y 1 A GLN 1725 ? A GLN 3   
4 1 Y 1 A MET 1835 ? A MET 113 
5 1 Y 1 A GLN 1836 ? A GLN 114 
# 
loop_
_chem_comp_atom.comp_id 
_chem_comp_atom.atom_id 
_chem_comp_atom.type_symbol 
_chem_comp_atom.pdbx_aromatic_flag 
_chem_comp_atom.pdbx_stereo_config 
_chem_comp_atom.pdbx_ordinal 
ALA N    N  N N 1   
ALA CA   C  N S 2   
ALA C    C  N N 3   
ALA O    O  N N 4   
ALA CB   C  N N 5   
ALA OXT  O  N N 6   
ALA H    H  N N 7   
ALA H2   H  N N 8   
ALA HA   H  N N 9   
ALA HB1  H  N N 10  
ALA HB2  H  N N 11  
ALA HB3  H  N N 12  
ALA HXT  H  N N 13  
ARG N    N  N N 14  
ARG CA   C  N S 15  
ARG C    C  N N 16  
ARG O    O  N N 17  
ARG CB   C  N N 18  
ARG CG   C  N N 19  
ARG CD   C  N N 20  
ARG NE   N  N N 21  
ARG CZ   C  N N 22  
ARG NH1  N  N N 23  
ARG NH2  N  N N 24  
ARG OXT  O  N N 25  
ARG H    H  N N 26  
ARG H2   H  N N 27  
ARG HA   H  N N 28  
ARG HB2  H  N N 29  
ARG HB3  H  N N 30  
ARG HG2  H  N N 31  
ARG HG3  H  N N 32  
ARG HD2  H  N N 33  
ARG HD3  H  N N 34  
ARG HE   H  N N 35  
ARG HH11 H  N N 36  
ARG HH12 H  N N 37  
ARG HH21 H  N N 38  
ARG HH22 H  N N 39  
ARG HXT  H  N N 40  
ASN N    N  N N 41  
ASN CA   C  N S 42  
ASN C    C  N N 43  
ASN O    O  N N 44  
ASN CB   C  N N 45  
ASN CG   C  N N 46  
ASN OD1  O  N N 47  
ASN ND2  N  N N 48  
ASN OXT  O  N N 49  
ASN H    H  N N 50  
ASN H2   H  N N 51  
ASN HA   H  N N 52  
ASN HB2  H  N N 53  
ASN HB3  H  N N 54  
ASN HD21 H  N N 55  
ASN HD22 H  N N 56  
ASN HXT  H  N N 57  
ASP N    N  N N 58  
ASP CA   C  N S 59  
ASP C    C  N N 60  
ASP O    O  N N 61  
ASP CB   C  N N 62  
ASP CG   C  N N 63  
ASP OD1  O  N N 64  
ASP OD2  O  N N 65  
ASP OXT  O  N N 66  
ASP H    H  N N 67  
ASP H2   H  N N 68  
ASP HA   H  N N 69  
ASP HB2  H  N N 70  
ASP HB3  H  N N 71  
ASP HD2  H  N N 72  
ASP HXT  H  N N 73  
CYS N    N  N N 74  
CYS CA   C  N R 75  
CYS C    C  N N 76  
CYS O    O  N N 77  
CYS CB   C  N N 78  
CYS SG   S  N N 79  
CYS OXT  O  N N 80  
CYS H    H  N N 81  
CYS H2   H  N N 82  
CYS HA   H  N N 83  
CYS HB2  H  N N 84  
CYS HB3  H  N N 85  
CYS HG   H  N N 86  
CYS HXT  H  N N 87  
GLN N    N  N N 88  
GLN CA   C  N S 89  
GLN C    C  N N 90  
GLN O    O  N N 91  
GLN CB   C  N N 92  
GLN CG   C  N N 93  
GLN CD   C  N N 94  
GLN OE1  O  N N 95  
GLN NE2  N  N N 96  
GLN OXT  O  N N 97  
GLN H    H  N N 98  
GLN H2   H  N N 99  
GLN HA   H  N N 100 
GLN HB2  H  N N 101 
GLN HB3  H  N N 102 
GLN HG2  H  N N 103 
GLN HG3  H  N N 104 
GLN HE21 H  N N 105 
GLN HE22 H  N N 106 
GLN HXT  H  N N 107 
GLU N    N  N N 108 
GLU CA   C  N S 109 
GLU C    C  N N 110 
GLU O    O  N N 111 
GLU CB   C  N N 112 
GLU CG   C  N N 113 
GLU CD   C  N N 114 
GLU OE1  O  N N 115 
GLU OE2  O  N N 116 
GLU OXT  O  N N 117 
GLU H    H  N N 118 
GLU H2   H  N N 119 
GLU HA   H  N N 120 
GLU HB2  H  N N 121 
GLU HB3  H  N N 122 
GLU HG2  H  N N 123 
GLU HG3  H  N N 124 
GLU HE2  H  N N 125 
GLU HXT  H  N N 126 
GLY N    N  N N 127 
GLY CA   C  N N 128 
GLY C    C  N N 129 
GLY O    O  N N 130 
GLY OXT  O  N N 131 
GLY H    H  N N 132 
GLY H2   H  N N 133 
GLY HA2  H  N N 134 
GLY HA3  H  N N 135 
GLY HXT  H  N N 136 
HIS N    N  N N 137 
HIS CA   C  N S 138 
HIS C    C  N N 139 
HIS O    O  N N 140 
HIS CB   C  N N 141 
HIS CG   C  Y N 142 
HIS ND1  N  Y N 143 
HIS CD2  C  Y N 144 
HIS CE1  C  Y N 145 
HIS NE2  N  Y N 146 
HIS OXT  O  N N 147 
HIS H    H  N N 148 
HIS H2   H  N N 149 
HIS HA   H  N N 150 
HIS HB2  H  N N 151 
HIS HB3  H  N N 152 
HIS HD1  H  N N 153 
HIS HD2  H  N N 154 
HIS HE1  H  N N 155 
HIS HE2  H  N N 156 
HIS HXT  H  N N 157 
HOH O    O  N N 158 
HOH H1   H  N N 159 
HOH H2   H  N N 160 
ILE N    N  N N 161 
ILE CA   C  N S 162 
ILE C    C  N N 163 
ILE O    O  N N 164 
ILE CB   C  N S 165 
ILE CG1  C  N N 166 
ILE CG2  C  N N 167 
ILE CD1  C  N N 168 
ILE OXT  O  N N 169 
ILE H    H  N N 170 
ILE H2   H  N N 171 
ILE HA   H  N N 172 
ILE HB   H  N N 173 
ILE HG12 H  N N 174 
ILE HG13 H  N N 175 
ILE HG21 H  N N 176 
ILE HG22 H  N N 177 
ILE HG23 H  N N 178 
ILE HD11 H  N N 179 
ILE HD12 H  N N 180 
ILE HD13 H  N N 181 
ILE HXT  H  N N 182 
LEU N    N  N N 183 
LEU CA   C  N S 184 
LEU C    C  N N 185 
LEU O    O  N N 186 
LEU CB   C  N N 187 
LEU CG   C  N N 188 
LEU CD1  C  N N 189 
LEU CD2  C  N N 190 
LEU OXT  O  N N 191 
LEU H    H  N N 192 
LEU H2   H  N N 193 
LEU HA   H  N N 194 
LEU HB2  H  N N 195 
LEU HB3  H  N N 196 
LEU HG   H  N N 197 
LEU HD11 H  N N 198 
LEU HD12 H  N N 199 
LEU HD13 H  N N 200 
LEU HD21 H  N N 201 
LEU HD22 H  N N 202 
LEU HD23 H  N N 203 
LEU HXT  H  N N 204 
LYS N    N  N N 205 
LYS CA   C  N S 206 
LYS C    C  N N 207 
LYS O    O  N N 208 
LYS CB   C  N N 209 
LYS CG   C  N N 210 
LYS CD   C  N N 211 
LYS CE   C  N N 212 
LYS NZ   N  N N 213 
LYS OXT  O  N N 214 
LYS H    H  N N 215 
LYS H2   H  N N 216 
LYS HA   H  N N 217 
LYS HB2  H  N N 218 
LYS HB3  H  N N 219 
LYS HG2  H  N N 220 
LYS HG3  H  N N 221 
LYS HD2  H  N N 222 
LYS HD3  H  N N 223 
LYS HE2  H  N N 224 
LYS HE3  H  N N 225 
LYS HZ1  H  N N 226 
LYS HZ2  H  N N 227 
LYS HZ3  H  N N 228 
LYS HXT  H  N N 229 
MET N    N  N N 230 
MET CA   C  N S 231 
MET C    C  N N 232 
MET O    O  N N 233 
MET CB   C  N N 234 
MET CG   C  N N 235 
MET SD   S  N N 236 
MET CE   C  N N 237 
MET OXT  O  N N 238 
MET H    H  N N 239 
MET H2   H  N N 240 
MET HA   H  N N 241 
MET HB2  H  N N 242 
MET HB3  H  N N 243 
MET HG2  H  N N 244 
MET HG3  H  N N 245 
MET HE1  H  N N 246 
MET HE2  H  N N 247 
MET HE3  H  N N 248 
MET HXT  H  N N 249 
PHE N    N  N N 250 
PHE CA   C  N S 251 
PHE C    C  N N 252 
PHE O    O  N N 253 
PHE CB   C  N N 254 
PHE CG   C  Y N 255 
PHE CD1  C  Y N 256 
PHE CD2  C  Y N 257 
PHE CE1  C  Y N 258 
PHE CE2  C  Y N 259 
PHE CZ   C  Y N 260 
PHE OXT  O  N N 261 
PHE H    H  N N 262 
PHE H2   H  N N 263 
PHE HA   H  N N 264 
PHE HB2  H  N N 265 
PHE HB3  H  N N 266 
PHE HD1  H  N N 267 
PHE HD2  H  N N 268 
PHE HE1  H  N N 269 
PHE HE2  H  N N 270 
PHE HZ   H  N N 271 
PHE HXT  H  N N 272 
PRO N    N  N N 273 
PRO CA   C  N S 274 
PRO C    C  N N 275 
PRO O    O  N N 276 
PRO CB   C  N N 277 
PRO CG   C  N N 278 
PRO CD   C  N N 279 
PRO OXT  O  N N 280 
PRO H    H  N N 281 
PRO HA   H  N N 282 
PRO HB2  H  N N 283 
PRO HB3  H  N N 284 
PRO HG2  H  N N 285 
PRO HG3  H  N N 286 
PRO HD2  H  N N 287 
PRO HD3  H  N N 288 
PRO HXT  H  N N 289 
SER N    N  N N 290 
SER CA   C  N S 291 
SER C    C  N N 292 
SER O    O  N N 293 
SER CB   C  N N 294 
SER OG   O  N N 295 
SER OXT  O  N N 296 
SER H    H  N N 297 
SER H2   H  N N 298 
SER HA   H  N N 299 
SER HB2  H  N N 300 
SER HB3  H  N N 301 
SER HG   H  N N 302 
SER HXT  H  N N 303 
SO4 S    S  N N 304 
SO4 O1   O  N N 305 
SO4 O2   O  N N 306 
SO4 O3   O  N N 307 
SO4 O4   O  N N 308 
THR N    N  N N 309 
THR CA   C  N S 310 
THR C    C  N N 311 
THR O    O  N N 312 
THR CB   C  N R 313 
THR OG1  O  N N 314 
THR CG2  C  N N 315 
THR OXT  O  N N 316 
THR H    H  N N 317 
THR H2   H  N N 318 
THR HA   H  N N 319 
THR HB   H  N N 320 
THR HG1  H  N N 321 
THR HG21 H  N N 322 
THR HG22 H  N N 323 
THR HG23 H  N N 324 
THR HXT  H  N N 325 
TYR N    N  N N 326 
TYR CA   C  N S 327 
TYR C    C  N N 328 
TYR O    O  N N 329 
TYR CB   C  N N 330 
TYR CG   C  Y N 331 
TYR CD1  C  Y N 332 
TYR CD2  C  Y N 333 
TYR CE1  C  Y N 334 
TYR CE2  C  Y N 335 
TYR CZ   C  Y N 336 
TYR OH   O  N N 337 
TYR OXT  O  N N 338 
TYR H    H  N N 339 
TYR H2   H  N N 340 
TYR HA   H  N N 341 
TYR HB2  H  N N 342 
TYR HB3  H  N N 343 
TYR HD1  H  N N 344 
TYR HD2  H  N N 345 
TYR HE1  H  N N 346 
TYR HE2  H  N N 347 
TYR HH   H  N N 348 
TYR HXT  H  N N 349 
VAL N    N  N N 350 
VAL CA   C  N S 351 
VAL C    C  N N 352 
VAL O    O  N N 353 
VAL CB   C  N N 354 
VAL CG1  C  N N 355 
VAL CG2  C  N N 356 
VAL OXT  O  N N 357 
VAL H    H  N N 358 
VAL H2   H  N N 359 
VAL HA   H  N N 360 
VAL HB   H  N N 361 
VAL HG11 H  N N 362 
VAL HG12 H  N N 363 
VAL HG13 H  N N 364 
VAL HG21 H  N N 365 
VAL HG22 H  N N 366 
VAL HG23 H  N N 367 
VAL HXT  H  N N 368 
ZN  ZN   ZN N N 369 
# 
loop_
_chem_comp_bond.comp_id 
_chem_comp_bond.atom_id_1 
_chem_comp_bond.atom_id_2 
_chem_comp_bond.value_order 
_chem_comp_bond.pdbx_aromatic_flag 
_chem_comp_bond.pdbx_stereo_config 
_chem_comp_bond.pdbx_ordinal 
ALA N   CA   sing N N 1   
ALA N   H    sing N N 2   
ALA N   H2   sing N N 3   
ALA CA  C    sing N N 4   
ALA CA  CB   sing N N 5   
ALA CA  HA   sing N N 6   
ALA C   O    doub N N 7   
ALA C   OXT  sing N N 8   
ALA CB  HB1  sing N N 9   
ALA CB  HB2  sing N N 10  
ALA CB  HB3  sing N N 11  
ALA OXT HXT  sing N N 12  
ARG N   CA   sing N N 13  
ARG N   H    sing N N 14  
ARG N   H2   sing N N 15  
ARG CA  C    sing N N 16  
ARG CA  CB   sing N N 17  
ARG CA  HA   sing N N 18  
ARG C   O    doub N N 19  
ARG C   OXT  sing N N 20  
ARG CB  CG   sing N N 21  
ARG CB  HB2  sing N N 22  
ARG CB  HB3  sing N N 23  
ARG CG  CD   sing N N 24  
ARG CG  HG2  sing N N 25  
ARG CG  HG3  sing N N 26  
ARG CD  NE   sing N N 27  
ARG CD  HD2  sing N N 28  
ARG CD  HD3  sing N N 29  
ARG NE  CZ   sing N N 30  
ARG NE  HE   sing N N 31  
ARG CZ  NH1  sing N N 32  
ARG CZ  NH2  doub N N 33  
ARG NH1 HH11 sing N N 34  
ARG NH1 HH12 sing N N 35  
ARG NH2 HH21 sing N N 36  
ARG NH2 HH22 sing N N 37  
ARG OXT HXT  sing N N 38  
ASN N   CA   sing N N 39  
ASN N   H    sing N N 40  
ASN N   H2   sing N N 41  
ASN CA  C    sing N N 42  
ASN CA  CB   sing N N 43  
ASN CA  HA   sing N N 44  
ASN C   O    doub N N 45  
ASN C   OXT  sing N N 46  
ASN CB  CG   sing N N 47  
ASN CB  HB2  sing N N 48  
ASN CB  HB3  sing N N 49  
ASN CG  OD1  doub N N 50  
ASN CG  ND2  sing N N 51  
ASN ND2 HD21 sing N N 52  
ASN ND2 HD22 sing N N 53  
ASN OXT HXT  sing N N 54  
ASP N   CA   sing N N 55  
ASP N   H    sing N N 56  
ASP N   H2   sing N N 57  
ASP CA  C    sing N N 58  
ASP CA  CB   sing N N 59  
ASP CA  HA   sing N N 60  
ASP C   O    doub N N 61  
ASP C   OXT  sing N N 62  
ASP CB  CG   sing N N 63  
ASP CB  HB2  sing N N 64  
ASP CB  HB3  sing N N 65  
ASP CG  OD1  doub N N 66  
ASP CG  OD2  sing N N 67  
ASP OD2 HD2  sing N N 68  
ASP OXT HXT  sing N N 69  
CYS N   CA   sing N N 70  
CYS N   H    sing N N 71  
CYS N   H2   sing N N 72  
CYS CA  C    sing N N 73  
CYS CA  CB   sing N N 74  
CYS CA  HA   sing N N 75  
CYS C   O    doub N N 76  
CYS C   OXT  sing N N 77  
CYS CB  SG   sing N N 78  
CYS CB  HB2  sing N N 79  
CYS CB  HB3  sing N N 80  
CYS SG  HG   sing N N 81  
CYS OXT HXT  sing N N 82  
GLN N   CA   sing N N 83  
GLN N   H    sing N N 84  
GLN N   H2   sing N N 85  
GLN CA  C    sing N N 86  
GLN CA  CB   sing N N 87  
GLN CA  HA   sing N N 88  
GLN C   O    doub N N 89  
GLN C   OXT  sing N N 90  
GLN CB  CG   sing N N 91  
GLN CB  HB2  sing N N 92  
GLN CB  HB3  sing N N 93  
GLN CG  CD   sing N N 94  
GLN CG  HG2  sing N N 95  
GLN CG  HG3  sing N N 96  
GLN CD  OE1  doub N N 97  
GLN CD  NE2  sing N N 98  
GLN NE2 HE21 sing N N 99  
GLN NE2 HE22 sing N N 100 
GLN OXT HXT  sing N N 101 
GLU N   CA   sing N N 102 
GLU N   H    sing N N 103 
GLU N   H2   sing N N 104 
GLU CA  C    sing N N 105 
GLU CA  CB   sing N N 106 
GLU CA  HA   sing N N 107 
GLU C   O    doub N N 108 
GLU C   OXT  sing N N 109 
GLU CB  CG   sing N N 110 
GLU CB  HB2  sing N N 111 
GLU CB  HB3  sing N N 112 
GLU CG  CD   sing N N 113 
GLU CG  HG2  sing N N 114 
GLU CG  HG3  sing N N 115 
GLU CD  OE1  doub N N 116 
GLU CD  OE2  sing N N 117 
GLU OE2 HE2  sing N N 118 
GLU OXT HXT  sing N N 119 
GLY N   CA   sing N N 120 
GLY N   H    sing N N 121 
GLY N   H2   sing N N 122 
GLY CA  C    sing N N 123 
GLY CA  HA2  sing N N 124 
GLY CA  HA3  sing N N 125 
GLY C   O    doub N N 126 
GLY C   OXT  sing N N 127 
GLY OXT HXT  sing N N 128 
HIS N   CA   sing N N 129 
HIS N   H    sing N N 130 
HIS N   H2   sing N N 131 
HIS CA  C    sing N N 132 
HIS CA  CB   sing N N 133 
HIS CA  HA   sing N N 134 
HIS C   O    doub N N 135 
HIS C   OXT  sing N N 136 
HIS CB  CG   sing N N 137 
HIS CB  HB2  sing N N 138 
HIS CB  HB3  sing N N 139 
HIS CG  ND1  sing Y N 140 
HIS CG  CD2  doub Y N 141 
HIS ND1 CE1  doub Y N 142 
HIS ND1 HD1  sing N N 143 
HIS CD2 NE2  sing Y N 144 
HIS CD2 HD2  sing N N 145 
HIS CE1 NE2  sing Y N 146 
HIS CE1 HE1  sing N N 147 
HIS NE2 HE2  sing N N 148 
HIS OXT HXT  sing N N 149 
HOH O   H1   sing N N 150 
HOH O   H2   sing N N 151 
ILE N   CA   sing N N 152 
ILE N   H    sing N N 153 
ILE N   H2   sing N N 154 
ILE CA  C    sing N N 155 
ILE CA  CB   sing N N 156 
ILE CA  HA   sing N N 157 
ILE C   O    doub N N 158 
ILE C   OXT  sing N N 159 
ILE CB  CG1  sing N N 160 
ILE CB  CG2  sing N N 161 
ILE CB  HB   sing N N 162 
ILE CG1 CD1  sing N N 163 
ILE CG1 HG12 sing N N 164 
ILE CG1 HG13 sing N N 165 
ILE CG2 HG21 sing N N 166 
ILE CG2 HG22 sing N N 167 
ILE CG2 HG23 sing N N 168 
ILE CD1 HD11 sing N N 169 
ILE CD1 HD12 sing N N 170 
ILE CD1 HD13 sing N N 171 
ILE OXT HXT  sing N N 172 
LEU N   CA   sing N N 173 
LEU N   H    sing N N 174 
LEU N   H2   sing N N 175 
LEU CA  C    sing N N 176 
LEU CA  CB   sing N N 177 
LEU CA  HA   sing N N 178 
LEU C   O    doub N N 179 
LEU C   OXT  sing N N 180 
LEU CB  CG   sing N N 181 
LEU CB  HB2  sing N N 182 
LEU CB  HB3  sing N N 183 
LEU CG  CD1  sing N N 184 
LEU CG  CD2  sing N N 185 
LEU CG  HG   sing N N 186 
LEU CD1 HD11 sing N N 187 
LEU CD1 HD12 sing N N 188 
LEU CD1 HD13 sing N N 189 
LEU CD2 HD21 sing N N 190 
LEU CD2 HD22 sing N N 191 
LEU CD2 HD23 sing N N 192 
LEU OXT HXT  sing N N 193 
LYS N   CA   sing N N 194 
LYS N   H    sing N N 195 
LYS N   H2   sing N N 196 
LYS CA  C    sing N N 197 
LYS CA  CB   sing N N 198 
LYS CA  HA   sing N N 199 
LYS C   O    doub N N 200 
LYS C   OXT  sing N N 201 
LYS CB  CG   sing N N 202 
LYS CB  HB2  sing N N 203 
LYS CB  HB3  sing N N 204 
LYS CG  CD   sing N N 205 
LYS CG  HG2  sing N N 206 
LYS CG  HG3  sing N N 207 
LYS CD  CE   sing N N 208 
LYS CD  HD2  sing N N 209 
LYS CD  HD3  sing N N 210 
LYS CE  NZ   sing N N 211 
LYS CE  HE2  sing N N 212 
LYS CE  HE3  sing N N 213 
LYS NZ  HZ1  sing N N 214 
LYS NZ  HZ2  sing N N 215 
LYS NZ  HZ3  sing N N 216 
LYS OXT HXT  sing N N 217 
MET N   CA   sing N N 218 
MET N   H    sing N N 219 
MET N   H2   sing N N 220 
MET CA  C    sing N N 221 
MET CA  CB   sing N N 222 
MET CA  HA   sing N N 223 
MET C   O    doub N N 224 
MET C   OXT  sing N N 225 
MET CB  CG   sing N N 226 
MET CB  HB2  sing N N 227 
MET CB  HB3  sing N N 228 
MET CG  SD   sing N N 229 
MET CG  HG2  sing N N 230 
MET CG  HG3  sing N N 231 
MET SD  CE   sing N N 232 
MET CE  HE1  sing N N 233 
MET CE  HE2  sing N N 234 
MET CE  HE3  sing N N 235 
MET OXT HXT  sing N N 236 
PHE N   CA   sing N N 237 
PHE N   H    sing N N 238 
PHE N   H2   sing N N 239 
PHE CA  C    sing N N 240 
PHE CA  CB   sing N N 241 
PHE CA  HA   sing N N 242 
PHE C   O    doub N N 243 
PHE C   OXT  sing N N 244 
PHE CB  CG   sing N N 245 
PHE CB  HB2  sing N N 246 
PHE CB  HB3  sing N N 247 
PHE CG  CD1  doub Y N 248 
PHE CG  CD2  sing Y N 249 
PHE CD1 CE1  sing Y N 250 
PHE CD1 HD1  sing N N 251 
PHE CD2 CE2  doub Y N 252 
PHE CD2 HD2  sing N N 253 
PHE CE1 CZ   doub Y N 254 
PHE CE1 HE1  sing N N 255 
PHE CE2 CZ   sing Y N 256 
PHE CE2 HE2  sing N N 257 
PHE CZ  HZ   sing N N 258 
PHE OXT HXT  sing N N 259 
PRO N   CA   sing N N 260 
PRO N   CD   sing N N 261 
PRO N   H    sing N N 262 
PRO CA  C    sing N N 263 
PRO CA  CB   sing N N 264 
PRO CA  HA   sing N N 265 
PRO C   O    doub N N 266 
PRO C   OXT  sing N N 267 
PRO CB  CG   sing N N 268 
PRO CB  HB2  sing N N 269 
PRO CB  HB3  sing N N 270 
PRO CG  CD   sing N N 271 
PRO CG  HG2  sing N N 272 
PRO CG  HG3  sing N N 273 
PRO CD  HD2  sing N N 274 
PRO CD  HD3  sing N N 275 
PRO OXT HXT  sing N N 276 
SER N   CA   sing N N 277 
SER N   H    sing N N 278 
SER N   H2   sing N N 279 
SER CA  C    sing N N 280 
SER CA  CB   sing N N 281 
SER CA  HA   sing N N 282 
SER C   O    doub N N 283 
SER C   OXT  sing N N 284 
SER CB  OG   sing N N 285 
SER CB  HB2  sing N N 286 
SER CB  HB3  sing N N 287 
SER OG  HG   sing N N 288 
SER OXT HXT  sing N N 289 
SO4 S   O1   doub N N 290 
SO4 S   O2   doub N N 291 
SO4 S   O3   sing N N 292 
SO4 S   O4   sing N N 293 
THR N   CA   sing N N 294 
THR N   H    sing N N 295 
THR N   H2   sing N N 296 
THR CA  C    sing N N 297 
THR CA  CB   sing N N 298 
THR CA  HA   sing N N 299 
THR C   O    doub N N 300 
THR C   OXT  sing N N 301 
THR CB  OG1  sing N N 302 
THR CB  CG2  sing N N 303 
THR CB  HB   sing N N 304 
THR OG1 HG1  sing N N 305 
THR CG2 HG21 sing N N 306 
THR CG2 HG22 sing N N 307 
THR CG2 HG23 sing N N 308 
THR OXT HXT  sing N N 309 
TYR N   CA   sing N N 310 
TYR N   H    sing N N 311 
TYR N   H2   sing N N 312 
TYR CA  C    sing N N 313 
TYR CA  CB   sing N N 314 
TYR CA  HA   sing N N 315 
TYR C   O    doub N N 316 
TYR C   OXT  sing N N 317 
TYR CB  CG   sing N N 318 
TYR CB  HB2  sing N N 319 
TYR CB  HB3  sing N N 320 
TYR CG  CD1  doub Y N 321 
TYR CG  CD2  sing Y N 322 
TYR CD1 CE1  sing Y N 323 
TYR CD1 HD1  sing N N 324 
TYR CD2 CE2  doub Y N 325 
TYR CD2 HD2  sing N N 326 
TYR CE1 CZ   doub Y N 327 
TYR CE1 HE1  sing N N 328 
TYR CE2 CZ   sing Y N 329 
TYR CE2 HE2  sing N N 330 
TYR CZ  OH   sing N N 331 
TYR OH  HH   sing N N 332 
TYR OXT HXT  sing N N 333 
VAL N   CA   sing N N 334 
VAL N   H    sing N N 335 
VAL N   H2   sing N N 336 
VAL CA  C    sing N N 337 
VAL CA  CB   sing N N 338 
VAL CA  HA   sing N N 339 
VAL C   O    doub N N 340 
VAL C   OXT  sing N N 341 
VAL CB  CG1  sing N N 342 
VAL CB  CG2  sing N N 343 
VAL CB  HB   sing N N 344 
VAL CG1 HG11 sing N N 345 
VAL CG1 HG12 sing N N 346 
VAL CG1 HG13 sing N N 347 
VAL CG2 HG21 sing N N 348 
VAL CG2 HG22 sing N N 349 
VAL CG2 HG23 sing N N 350 
VAL OXT HXT  sing N N 351 
# 
_atom_sites.entry_id                    3IO2 
_atom_sites.fract_transf_matrix[1][1]   0.00541772 
_atom_sites.fract_transf_matrix[1][2]   -0.00347138 
_atom_sites.fract_transf_matrix[1][3]   -0.00026740 
_atom_sites.fract_transf_matrix[2][1]   0.00005731 
_atom_sites.fract_transf_matrix[2][2]   0.00058345 
_atom_sites.fract_transf_matrix[2][3]   -0.00641326 
_atom_sites.fract_transf_matrix[3][1]   0.00348119 
_atom_sites.fract_transf_matrix[3][2]   0.00539284 
_atom_sites.fract_transf_matrix[3][3]   0.00052172 
_atom_sites.fract_transf_vector[1]      0.207984 
_atom_sites.fract_transf_vector[2]      0.564115 
_atom_sites.fract_transf_vector[3]      0.647468 
# 
loop_
_atom_type.symbol 
C  
N  
O  
S  
ZN 
# 
loop_
_atom_site.group_PDB 
_atom_site.id 
_atom_site.type_symbol 
_atom_site.label_atom_id 
_atom_site.label_alt_id 
_atom_site.label_comp_id 
_atom_site.label_asym_id 
_atom_site.label_entity_id 
_atom_site.label_seq_id 
_atom_site.pdbx_PDB_ins_code 
_atom_site.Cartn_x 
_atom_site.Cartn_y 
_atom_site.Cartn_z 
_atom_site.occupancy 
_atom_site.B_iso_or_equiv 
_atom_site.pdbx_formal_charge 
_atom_site.auth_seq_id 
_atom_site.auth_comp_id 
_atom_site.auth_asym_id 
_atom_site.auth_atom_id 
_atom_site.pdbx_PDB_model_num 
ATOM   1   N  N   . SER A 1 4   ? -2.301  -5.137  -26.055 1.00 59.10 ? 1726 SER A N   1 
ATOM   2   C  CA  . SER A 1 4   ? -1.018  -5.750  -25.583 1.00 61.13 ? 1726 SER A CA  1 
ATOM   3   C  C   . SER A 1 4   ? -1.172  -6.300  -24.150 1.00 61.90 ? 1726 SER A C   1 
ATOM   4   O  O   . SER A 1 4   ? -2.139  -5.938  -23.438 1.00 61.53 ? 1726 SER A O   1 
ATOM   5   C  CB  . SER A 1 4   ? 0.136   -4.735  -25.670 1.00 60.63 ? 1726 SER A CB  1 
ATOM   6   O  OG  . SER A 1 4   ? -0.081  -3.622  -24.807 1.00 62.61 ? 1726 SER A OG  1 
ATOM   7   N  N   . PRO A 1 5   ? -0.240  -7.196  -23.726 1.00 61.65 ? 1727 PRO A N   1 
ATOM   8   C  CA  . PRO A 1 5   ? -0.324  -7.780  -22.381 1.00 60.06 ? 1727 PRO A CA  1 
ATOM   9   C  C   . PRO A 1 5   ? 0.176   -6.765  -21.351 1.00 58.86 ? 1727 PRO A C   1 
ATOM   10  O  O   . PRO A 1 5   ? -0.286  -6.761  -20.202 1.00 57.07 ? 1727 PRO A O   1 
ATOM   11  C  CB  . PRO A 1 5   ? 0.620   -8.991  -22.462 1.00 58.98 ? 1727 PRO A CB  1 
ATOM   12  C  CG  . PRO A 1 5   ? 1.670   -8.540  -23.415 1.00 60.48 ? 1727 PRO A CG  1 
ATOM   13  C  CD  . PRO A 1 5   ? 0.950   -7.686  -24.453 1.00 60.98 ? 1727 PRO A CD  1 
ATOM   14  N  N   . GLY A 1 6   ? 1.079   -5.882  -21.786 1.00 57.82 ? 1728 GLY A N   1 
ATOM   15  C  CA  . GLY A 1 6   ? 1.591   -4.807  -20.928 1.00 55.87 ? 1728 GLY A CA  1 
ATOM   16  C  C   . GLY A 1 6   ? 0.554   -3.750  -20.537 1.00 53.89 ? 1728 GLY A C   1 
ATOM   17  O  O   . GLY A 1 6   ? 0.414   -3.427  -19.359 1.00 52.65 ? 1728 GLY A O   1 
ATOM   18  N  N   . ASP A 1 7   ? -0.152  -3.210  -21.534 1.00 52.37 ? 1729 ASP A N   1 
ATOM   19  C  CA  . ASP A 1 7   ? -1.188  -2.184  -21.337 1.00 49.86 ? 1729 ASP A CA  1 
ATOM   20  C  C   . ASP A 1 7   ? -2.387  -2.717  -20.584 1.00 45.43 ? 1729 ASP A C   1 
ATOM   21  O  O   . ASP A 1 7   ? -3.142  -1.972  -19.929 1.00 45.33 ? 1729 ASP A O   1 
ATOM   22  C  CB  . ASP A 1 7   ? -1.656  -1.655  -22.700 1.00 50.45 ? 1729 ASP A CB  1 
ATOM   23  C  CG  . ASP A 1 7   ? -0.579  -0.889  -23.409 1.00 52.51 ? 1729 ASP A CG  1 
ATOM   24  O  OD1 . ASP A 1 7   ? 0.408   -0.523  -22.739 1.00 53.26 ? 1729 ASP A OD1 1 
ATOM   25  O  OD2 . ASP A 1 7   ? -0.723  -0.609  -24.620 1.00 53.59 ? 1729 ASP A OD2 1 
ATOM   26  N  N   . SER A 1 8   ? -2.573  -4.013  -20.728 1.00 40.02 ? 1730 SER A N   1 
ATOM   27  C  CA  . SER A 1 8   ? -3.700  -4.674  -20.165 1.00 38.21 ? 1730 SER A CA  1 
ATOM   28  C  C   . SER A 1 8   ? -3.498  -4.877  -18.652 1.00 37.05 ? 1730 SER A C   1 
ATOM   29  O  O   . SER A 1 8   ? -4.404  -4.608  -17.857 1.00 37.78 ? 1730 SER A O   1 
ATOM   30  C  CB  . SER A 1 8   ? -3.865  -6.003  -20.874 1.00 40.05 ? 1730 SER A CB  1 
ATOM   31  O  OG  . SER A 1 8   ? -5.200  -6.442  -20.755 1.00 46.00 ? 1730 SER A OG  1 
ATOM   32  N  N   . ARG A 1 9   ? -2.317  -5.338  -18.256 1.00 33.34 ? 1731 ARG A N   1 
ATOM   33  C  CA  . ARG A 1 9   ? -2.018  -5.505  -16.853 1.00 32.89 ? 1731 ARG A CA  1 
ATOM   34  C  C   . ARG A 1 9   ? -2.084  -4.129  -16.153 1.00 31.31 ? 1731 ARG A C   1 
ATOM   35  O  O   . ARG A 1 9   ? -2.700  -3.982  -15.099 1.00 30.04 ? 1731 ARG A O   1 
ATOM   36  C  CB  . ARG A 1 9   ? -0.649  -6.169  -16.668 1.00 31.89 ? 1731 ARG A CB  1 
ATOM   37  C  CG  . ARG A 1 9   ? -0.281  -6.379  -15.218 1.00 35.78 ? 1731 ARG A CG  1 
ATOM   38  C  CD  . ARG A 1 9   ? 1.087   -6.987  -15.114 1.00 44.06 ? 1731 ARG A CD  1 
ATOM   39  N  NE  . ARG A 1 9   ? 1.554   -6.950  -13.735 1.00 53.77 ? 1731 ARG A NE  1 
ATOM   40  C  CZ  . ARG A 1 9   ? 2.447   -7.791  -13.219 1.00 60.90 ? 1731 ARG A CZ  1 
ATOM   41  N  NH1 . ARG A 1 9   ? 2.993   -8.748  -13.966 1.00 60.58 ? 1731 ARG A NH1 1 
ATOM   42  N  NH2 . ARG A 1 9   ? 2.799   -7.675  -11.944 1.00 63.18 ? 1731 ARG A NH2 1 
ATOM   43  N  N   . ARG A 1 10  ? -1.451  -3.126  -16.756 1.00 29.41 ? 1732 ARG A N   1 
ATOM   44  C  CA  . ARG A 1 10  ? -1.452  -1.778  -16.195 1.00 27.31 ? 1732 ARG A CA  1 
ATOM   45  C  C   . ARG A 1 10  ? -2.874  -1.255  -16.003 1.00 23.93 ? 1732 ARG A C   1 
ATOM   46  O  O   . ARG A 1 10  ? -3.218  -0.778  -14.940 1.00 20.56 ? 1732 ARG A O   1 
ATOM   47  C  CB  . ARG A 1 10  ? -0.680  -0.831  -17.082 1.00 27.92 ? 1732 ARG A CB  1 
ATOM   48  C  CG  . ARG A 1 10  ? 0.559   -0.275  -16.458 1.00 36.66 ? 1732 ARG A CG  1 
ATOM   49  C  CD  . ARG A 1 10  ? 1.051   0.874   -17.323 1.00 50.07 ? 1732 ARG A CD  1 
ATOM   50  N  NE  . ARG A 1 10  ? 2.339   0.543   -17.929 1.00 60.69 ? 1732 ARG A NE  1 
ATOM   51  C  CZ  . ARG A 1 10  ? 2.518   -0.099  -19.092 1.00 64.79 ? 1732 ARG A CZ  1 
ATOM   52  N  NH1 . ARG A 1 10  ? 1.488   -0.501  -19.828 1.00 67.29 ? 1732 ARG A NH1 1 
ATOM   53  N  NH2 . ARG A 1 10  ? 3.748   -0.343  -19.529 1.00 61.89 ? 1732 ARG A NH2 1 
ATOM   54  N  N   . LEU A 1 11  ? -3.693  -1.348  -17.036 1.00 23.20 ? 1733 LEU A N   1 
ATOM   55  C  CA  . LEU A 1 11  ? -5.093  -0.968  -16.920 1.00 26.37 ? 1733 LEU A CA  1 
ATOM   56  C  C   . LEU A 1 11  ? -5.696  -1.616  -15.689 1.00 26.86 ? 1733 LEU A C   1 
ATOM   57  O  O   . LEU A 1 11  ? -6.349  -0.956  -14.868 1.00 30.47 ? 1733 LEU A O   1 
ATOM   58  C  CB  . LEU A 1 11  ? -5.890  -1.432  -18.141 1.00 28.26 ? 1733 LEU A CB  1 
ATOM   59  C  CG  . LEU A 1 11  ? -7.090  -0.550  -18.521 1.00 35.49 ? 1733 LEU A CG  1 
ATOM   60  C  CD1 . LEU A 1 11  ? -8.367  -1.356  -18.934 1.00 39.16 ? 1733 LEU A CD1 1 
ATOM   61  C  CD2 . LEU A 1 11  ? -7.393  0.407   -17.379 1.00 35.91 ? 1733 LEU A CD2 1 
ATOM   62  N  N   . SER A 1 12  ? -5.439  -2.903  -15.533 1.00 24.15 ? 1734 SER A N   1 
ATOM   63  C  CA  . SER A 1 12  ? -6.191  -3.697  -14.584 1.00 25.55 ? 1734 SER A CA  1 
ATOM   64  C  C   . SER A 1 12  ? -5.767  -3.283  -13.179 1.00 23.90 ? 1734 SER A C   1 
ATOM   65  O  O   . SER A 1 12  ? -6.579  -3.082  -12.285 1.00 24.24 ? 1734 SER A O   1 
ATOM   66  C  CB  . SER A 1 12  ? -5.945  -5.186  -14.850 1.00 24.84 ? 1734 SER A CB  1 
ATOM   67  O  OG  . SER A 1 12  ? -6.789  -5.978  -14.045 1.00 34.61 ? 1734 SER A OG  1 
ATOM   68  N  N   . ILE A 1 13  ? -4.478  -3.097  -13.011 1.00 22.28 ? 1735 ILE A N   1 
ATOM   69  C  CA  . ILE A 1 13  ? -3.967  -2.621  -11.746 1.00 23.01 ? 1735 ILE A CA  1 
ATOM   70  C  C   . ILE A 1 13  ? -4.508  -1.233  -11.410 1.00 23.37 ? 1735 ILE A C   1 
ATOM   71  O  O   . ILE A 1 13  ? -4.872  -0.947  -10.275 1.00 29.12 ? 1735 ILE A O   1 
ATOM   72  C  CB  . ILE A 1 13  ? -2.452  -2.598  -11.776 1.00 20.45 ? 1735 ILE A CB  1 
ATOM   73  C  CG1 . ILE A 1 13  ? -1.949  -4.027  -11.776 1.00 19.12 ? 1735 ILE A CG1 1 
ATOM   74  C  CG2 . ILE A 1 13  ? -1.964  -1.864  -10.616 1.00 19.92 ? 1735 ILE A CG2 1 
ATOM   75  C  CD1 . ILE A 1 13  ? -0.486  -4.209  -12.083 1.00 19.59 ? 1735 ILE A CD1 1 
ATOM   76  N  N   . GLN A 1 14  ? -4.607  -0.360  -12.383 1.00 21.62 ? 1736 GLN A N   1 
ATOM   77  C  CA  . GLN A 1 14  ? -5.117  0.958   -12.058 1.00 22.41 ? 1736 GLN A CA  1 
ATOM   78  C  C   . GLN A 1 14  ? -6.584  0.947   -11.743 1.00 23.00 ? 1736 GLN A C   1 
ATOM   79  O  O   . GLN A 1 14  ? -7.004  1.688   -10.871 1.00 28.31 ? 1736 GLN A O   1 
ATOM   80  C  CB  . GLN A 1 14  ? -4.783  1.993   -13.121 1.00 22.26 ? 1736 GLN A CB  1 
ATOM   81  C  CG  . GLN A 1 14  ? -3.336  2.445   -13.168 1.00 24.00 ? 1736 GLN A CG  1 
ATOM   82  C  CD  . GLN A 1 14  ? -2.982  2.834   -14.616 1.00 35.37 ? 1736 GLN A CD  1 
ATOM   83  O  OE1 . GLN A 1 14  ? -3.854  2.834   -15.491 1.00 40.40 ? 1736 GLN A OE1 1 
ATOM   84  N  NE2 . GLN A 1 14  ? -1.716  3.159   -14.876 1.00 33.95 ? 1736 GLN A NE2 1 
ATOM   85  N  N   . ARG A 1 15  ? -7.377  0.109   -12.410 1.00 26.76 ? 1737 ARG A N   1 
ATOM   86  C  CA  . ARG A 1 15  ? -8.825  -0.014  -12.041 1.00 26.29 ? 1737 ARG A CA  1 
ATOM   87  C  C   . ARG A 1 15  ? -8.977  -0.551  -10.634 1.00 24.78 ? 1737 ARG A C   1 
ATOM   88  O  O   . ARG A 1 15  ? -9.812  -0.088  -9.849  1.00 31.14 ? 1737 ARG A O   1 
ATOM   89  C  CB  . ARG A 1 15  ? -9.615  -0.938  -12.995 1.00 29.08 ? 1737 ARG A CB  1 
ATOM   90  C  CG  . ARG A 1 15  ? -9.632  -0.523  -14.482 1.00 30.45 ? 1737 ARG A CG  1 
ATOM   91  C  CD  . ARG A 1 15  ? -10.850 -0.998  -15.318 1.00 46.61 ? 1737 ARG A CD  1 
ATOM   92  N  NE  . ARG A 1 15  ? -11.849 0.080   -15.325 1.00 59.74 ? 1737 ARG A NE  1 
ATOM   93  C  CZ  . ARG A 1 15  ? -12.586 0.416   -14.259 1.00 59.81 ? 1737 ARG A CZ  1 
ATOM   94  N  NH1 . ARG A 1 15  ? -12.481 -0.273  -13.144 1.00 66.63 ? 1737 ARG A NH1 1 
ATOM   95  N  NH2 . ARG A 1 15  ? -13.457 1.406   -14.293 1.00 59.85 ? 1737 ARG A NH2 1 
ATOM   96  N  N   . ALA A 1 16  ? -8.131  -1.500  -10.292 1.00 20.91 ? 1738 ALA A N   1 
ATOM   97  C  CA  . ALA A 1 16  ? -8.144  -2.091  -8.954  1.00 20.83 ? 1738 ALA A CA  1 
ATOM   98  C  C   . ALA A 1 16  ? -7.771  -1.117  -7.828  1.00 22.69 ? 1738 ALA A C   1 
ATOM   99  O  O   . ALA A 1 16  ? -8.411  -1.064  -6.785  1.00 23.73 ? 1738 ALA A O   1 
ATOM   100 C  CB  . ALA A 1 16  ? -7.220  -3.268  -8.923  1.00 18.10 ? 1738 ALA A CB  1 
ATOM   101 N  N   . ILE A 1 17  ? -6.723  -0.341  -8.030  1.00 23.19 ? 1739 ILE A N   1 
ATOM   102 C  CA  . ILE A 1 17  ? -6.349  0.662   -7.051  1.00 23.68 ? 1739 ILE A CA  1 
ATOM   103 C  C   . ILE A 1 17  ? -7.480  1.713   -6.943  1.00 27.92 ? 1739 ILE A C   1 
ATOM   104 O  O   . ILE A 1 17  ? -7.811  2.197   -5.855  1.00 29.88 ? 1739 ILE A O   1 
ATOM   105 C  CB  . ILE A 1 17  ? -5.137  1.356   -7.594  1.00 26.33 ? 1739 ILE A CB  1 
ATOM   106 C  CG1 . ILE A 1 17  ? -3.902  0.529   -7.374  1.00 25.18 ? 1739 ILE A CG1 1 
ATOM   107 C  CG2 . ILE A 1 17  ? -4.937  2.772   -7.072  1.00 25.10 ? 1739 ILE A CG2 1 
ATOM   108 C  CD1 . ILE A 1 17  ? -2.793  1.186   -8.239  1.00 39.72 ? 1739 ILE A CD1 1 
ATOM   109 N  N   . GLN A 1 18  ? -8.046  2.112   -8.064  1.00 24.12 ? 1740 GLN A N   1 
ATOM   110 C  CA  . GLN A 1 18  ? -9.129  3.087   -7.974  1.00 25.13 ? 1740 GLN A CA  1 
ATOM   111 C  C   . GLN A 1 18  ? -10.261 2.494   -7.122  1.00 25.68 ? 1740 GLN A C   1 
ATOM   112 O  O   . GLN A 1 18  ? -10.874 3.187   -6.292  1.00 22.62 ? 1740 GLN A O   1 
ATOM   113 C  CB  . GLN A 1 18  ? -9.627  3.441   -9.374  1.00 20.86 ? 1740 GLN A CB  1 
ATOM   114 C  CG  . GLN A 1 18  ? -10.886 4.226   -9.370  1.00 24.16 ? 1740 GLN A CG  1 
ATOM   115 C  CD  . GLN A 1 18  ? -11.282 4.670   -10.767 1.00 30.67 ? 1740 GLN A CD  1 
ATOM   116 O  OE1 . GLN A 1 18  ? -11.910 3.929   -11.522 1.00 23.61 ? 1740 GLN A OE1 1 
ATOM   117 N  NE2 . GLN A 1 18  ? -10.907 5.861   -11.117 1.00 19.46 ? 1740 GLN A NE2 1 
ATOM   118 N  N   . SER A 1 19  ? -10.528 1.197   -7.295  1.00 22.81 ? 1741 SER A N   1 
ATOM   119 C  CA  . SER A 1 19  ? -11.628 0.615   -6.513  1.00 24.88 ? 1741 SER A CA  1 
ATOM   120 C  C   . SER A 1 19  ? -11.336 0.471   -5.013  1.00 25.89 ? 1741 SER A C   1 
ATOM   121 O  O   . SER A 1 19  ? -12.255 0.585   -4.177  1.00 26.28 ? 1741 SER A O   1 
ATOM   122 C  CB  . SER A 1 19  ? -12.058 -0.714  -7.085  1.00 22.50 ? 1741 SER A CB  1 
ATOM   123 O  OG  . SER A 1 19  ? -12.505 -0.541  -8.424  1.00 27.98 ? 1741 SER A OG  1 
ATOM   124 N  N   . LEU A 1 20  ? -10.063 0.245   -4.689  1.00 22.20 ? 1742 LEU A N   1 
ATOM   125 C  CA  . LEU A 1 20  ? -9.609  0.105   -3.296  1.00 24.51 ? 1742 LEU A CA  1 
ATOM   126 C  C   . LEU A 1 20  ? -9.736  1.468   -2.679  1.00 25.70 ? 1742 LEU A C   1 
ATOM   127 O  O   . LEU A 1 20  ? -10.165 1.605   -1.508  1.00 28.92 ? 1742 LEU A O   1 
ATOM   128 C  CB  . LEU A 1 20  ? -8.121  -0.204  -3.256  1.00 20.54 ? 1742 LEU A CB  1 
ATOM   129 C  CG  . LEU A 1 20  ? -7.531  -1.220  -2.342  1.00 30.00 ? 1742 LEU A CG  1 
ATOM   130 C  CD1 . LEU A 1 20  ? -6.101  -0.805  -2.080  1.00 26.04 ? 1742 LEU A CD1 1 
ATOM   131 C  CD2 . LEU A 1 20  ? -8.338  -1.403  -1.074  1.00 13.57 ? 1742 LEU A CD2 1 
ATOM   132 N  N   . VAL A 1 21  ? -9.311  2.508   -3.421  1.00 20.12 ? 1743 VAL A N   1 
ATOM   133 C  CA  . VAL A 1 21  ? -9.368  3.847   -2.811  1.00 22.78 ? 1743 VAL A CA  1 
ATOM   134 C  C   . VAL A 1 21  ? -10.836 4.175   -2.497  1.00 24.59 ? 1743 VAL A C   1 
ATOM   135 O  O   . VAL A 1 21  ? -11.123 4.714   -1.462  1.00 29.53 ? 1743 VAL A O   1 
ATOM   136 C  CB  . VAL A 1 21  ? -8.796  4.983   -3.691  1.00 22.99 ? 1743 VAL A CB  1 
ATOM   137 C  CG1 . VAL A 1 21  ? -9.259  6.355   -3.180  1.00 9.68  ? 1743 VAL A CG1 1 
ATOM   138 C  CG2 . VAL A 1 21  ? -7.278  4.885   -3.770  1.00 14.75 ? 1743 VAL A CG2 1 
ATOM   139 N  N   . HIS A 1 22  ? -11.751 3.792   -3.380  1.00 24.42 ? 1744 HIS A N   1 
ATOM   140 C  CA  . HIS A 1 22  ? -13.145 4.044   -3.146  1.00 22.04 ? 1744 HIS A CA  1 
ATOM   141 C  C   . HIS A 1 22  ? -13.632 3.278   -1.922  1.00 24.43 ? 1744 HIS A C   1 
ATOM   142 O  O   . HIS A 1 22  ? -14.164 3.848   -0.930  1.00 28.42 ? 1744 HIS A O   1 
ATOM   143 C  CB  . HIS A 1 22  ? -13.993 3.650   -4.342  1.00 17.69 ? 1744 HIS A CB  1 
ATOM   144 C  CG  . HIS A 1 22  ? -15.445 3.716   -4.028  1.00 32.40 ? 1744 HIS A CG  1 
ATOM   145 N  ND1 . HIS A 1 22  ? -16.103 4.917   -3.823  1.00 36.42 ? 1744 HIS A ND1 1 
ATOM   146 C  CD2 . HIS A 1 22  ? -16.346 2.742   -3.760  1.00 31.73 ? 1744 HIS A CD2 1 
ATOM   147 C  CE1 . HIS A 1 22  ? -17.362 4.678   -3.485  1.00 28.16 ? 1744 HIS A CE1 1 
ATOM   148 N  NE2 . HIS A 1 22  ? -17.537 3.370   -3.450  1.00 34.57 ? 1744 HIS A NE2 1 
ATOM   149 N  N   . ALA A 1 23  ? -13.434 1.978   -1.987  1.00 21.65 ? 1745 ALA A N   1 
ATOM   150 C  CA  . ALA A 1 23  ? -14.019 1.092   -1.006  1.00 19.77 ? 1745 ALA A CA  1 
ATOM   151 C  C   . ALA A 1 23  ? -13.454 1.344   0.376   1.00 21.79 ? 1745 ALA A C   1 
ATOM   152 O  O   . ALA A 1 23  ? -14.127 1.110   1.386   1.00 29.75 ? 1745 ALA A O   1 
ATOM   153 C  CB  . ALA A 1 23  ? -13.755 -0.380  -1.420  1.00 16.78 ? 1745 ALA A CB  1 
ATOM   154 N  N   . ALA A 1 24  ? -12.211 1.790   0.457   1.00 21.86 ? 1746 ALA A N   1 
ATOM   155 C  CA  . ALA A 1 24  ? -11.622 2.078   1.767   1.00 19.55 ? 1746 ALA A CA  1 
ATOM   156 C  C   . ALA A 1 24  ? -12.353 3.225   2.490   1.00 22.50 ? 1746 ALA A C   1 
ATOM   157 O  O   . ALA A 1 24  ? -12.195 3.425   3.663   1.00 22.51 ? 1746 ALA A O   1 
ATOM   158 C  CB  . ALA A 1 24  ? -10.139 2.386   1.634   1.00 16.50 ? 1746 ALA A CB  1 
ATOM   159 N  N   . GLN A 1 25  ? -13.197 3.983   1.824   1.00 24.37 ? 1747 GLN A N   1 
ATOM   160 C  CA  . GLN A 1 25  ? -13.757 5.104   2.583   1.00 24.50 ? 1747 GLN A CA  1 
ATOM   161 C  C   . GLN A 1 25  ? -15.245 5.111   2.362   1.00 27.03 ? 1747 GLN A C   1 
ATOM   162 O  O   . GLN A 1 25  ? -15.937 6.049   2.773   1.00 26.64 ? 1747 GLN A O   1 
ATOM   163 C  CB  . GLN A 1 25  ? -13.145 6.442   2.068   1.00 24.35 ? 1747 GLN A CB  1 
ATOM   164 C  CG  . GLN A 1 25  ? -13.259 6.601   0.481   1.00 16.45 ? 1747 GLN A CG  1 
ATOM   165 C  CD  . GLN A 1 25  ? -14.666 7.067   0.132   1.00 27.63 ? 1747 GLN A CD  1 
ATOM   166 O  OE1 . GLN A 1 25  ? -15.108 8.070   0.670   1.00 17.93 ? 1747 GLN A OE1 1 
ATOM   167 N  NE2 . GLN A 1 25  ? -15.376 6.337   -0.724  1.00 24.95 ? 1747 GLN A NE2 1 
ATOM   168 N  N   . CYS A 1 26  ? -15.740 4.086   1.667   1.00 27.65 ? 1748 CYS A N   1 
ATOM   169 C  CA  . CYS A 1 26  ? -17.146 4.107   1.285   1.00 26.40 ? 1748 CYS A CA  1 
ATOM   170 C  C   . CYS A 1 26  ? -18.053 3.683   2.458   1.00 27.89 ? 1748 CYS A C   1 
ATOM   171 O  O   . CYS A 1 26  ? -17.805 2.660   3.113   1.00 25.57 ? 1748 CYS A O   1 
ATOM   172 C  CB  . CYS A 1 26  ? -17.396 3.266   0.048   1.00 21.01 ? 1748 CYS A CB  1 
ATOM   173 S  SG  . CYS A 1 26  ? -19.162 3.063   -0.250  1.00 25.60 ? 1748 CYS A SG  1 
ATOM   174 N  N   . ARG A 1 27  ? -19.074 4.495   2.731   1.00 32.17 ? 1749 ARG A N   1 
ATOM   175 C  CA  . ARG A 1 27  ? -19.914 4.279   3.889   1.00 36.35 ? 1749 ARG A CA  1 
ATOM   176 C  C   . ARG A 1 27  ? -21.363 4.177   3.486   1.00 37.34 ? 1749 ARG A C   1 
ATOM   177 O  O   . ARG A 1 27  ? -22.224 4.246   4.335   1.00 41.60 ? 1749 ARG A O   1 
ATOM   178 C  CB  . ARG A 1 27  ? -19.695 5.370   4.950   1.00 37.28 ? 1749 ARG A CB  1 
ATOM   179 C  CG  . ARG A 1 27  ? -18.267 5.380   5.504   1.00 46.06 ? 1749 ARG A CG  1 
ATOM   180 C  CD  . ARG A 1 27  ? -18.042 6.330   6.695   1.00 56.60 ? 1749 ARG A CD  1 
ATOM   181 N  NE  . ARG A 1 27  ? -18.582 5.779   7.959   1.00 72.83 ? 1749 ARG A NE  1 
ATOM   182 C  CZ  . ARG A 1 27  ? -18.327 6.249   9.190   1.00 73.83 ? 1749 ARG A CZ  1 
ATOM   183 N  NH1 . ARG A 1 27  ? -17.508 7.283   9.365   1.00 75.42 ? 1749 ARG A NH1 1 
ATOM   184 N  NH2 . ARG A 1 27  ? -18.887 5.677   10.253  1.00 69.90 ? 1749 ARG A NH2 1 
ATOM   185 N  N   . ASN A 1 28  ? -21.629 3.977   2.204   1.00 38.90 ? 1750 ASN A N   1 
ATOM   186 C  CA  . ASN A 1 28  ? -22.965 3.591   1.734   1.00 43.59 ? 1750 ASN A CA  1 
ATOM   187 C  C   . ASN A 1 28  ? -23.203 2.107   1.517   1.00 46.01 ? 1750 ASN A C   1 
ATOM   188 O  O   . ASN A 1 28  ? -22.685 1.545   0.557   1.00 45.47 ? 1750 ASN A O   1 
ATOM   189 C  CB  . ASN A 1 28  ? -23.209 4.215   0.383   1.00 46.86 ? 1750 ASN A CB  1 
ATOM   190 C  CG  . ASN A 1 28  ? -24.214 5.280   0.447   1.00 56.61 ? 1750 ASN A CG  1 
ATOM   191 O  OD1 . ASN A 1 28  ? -25.345 5.060   0.902   1.00 66.67 ? 1750 ASN A OD1 1 
ATOM   192 N  ND2 . ASN A 1 28  ? -23.826 6.469   0.030   1.00 61.27 ? 1750 ASN A ND2 1 
ATOM   193 N  N   . ALA A 1 29  ? -24.003 1.451   2.359   1.00 49.74 ? 1751 ALA A N   1 
ATOM   194 C  CA  . ALA A 1 29  ? -24.401 0.060   2.053   1.00 51.27 ? 1751 ALA A CA  1 
ATOM   195 C  C   . ALA A 1 29  ? -25.291 0.127   0.797   1.00 52.82 ? 1751 ALA A C   1 
ATOM   196 O  O   . ALA A 1 29  ? -25.402 -0.831  0.026   1.00 51.37 ? 1751 ALA A O   1 
ATOM   197 C  CB  . ALA A 1 29  ? -25.123 -0.599  3.244   1.00 50.43 ? 1751 ALA A CB  1 
ATOM   198 N  N   . ASN A 1 30  ? -25.898 1.299   0.611   1.00 53.59 ? 1752 ASN A N   1 
ATOM   199 C  CA  . ASN A 1 30  ? -26.342 1.765   -0.691  1.00 55.75 ? 1752 ASN A CA  1 
ATOM   200 C  C   . ASN A 1 30  ? -25.226 2.346   -1.571  1.00 55.35 ? 1752 ASN A C   1 
ATOM   201 O  O   . ASN A 1 30  ? -25.224 3.555   -1.866  1.00 56.00 ? 1752 ASN A O   1 
ATOM   202 C  CB  . ASN A 1 30  ? -27.395 2.849   -0.507  1.00 58.19 ? 1752 ASN A CB  1 
ATOM   203 C  CG  . ASN A 1 30  ? -28.774 2.281   -0.381  1.00 63.12 ? 1752 ASN A CG  1 
ATOM   204 O  OD1 . ASN A 1 30  ? -28.943 1.099   -0.034  1.00 62.79 ? 1752 ASN A OD1 1 
ATOM   205 N  ND2 . ASN A 1 30  ? -29.783 3.106   -0.683  1.00 61.78 ? 1752 ASN A ND2 1 
ATOM   206 N  N   . CYS A 1 31  ? -24.269 1.515   -1.982  1.00 50.88 ? 1753 CYS A N   1 
ATOM   207 C  CA  . CYS A 1 31  ? -23.331 1.968   -2.983  1.00 45.48 ? 1753 CYS A CA  1 
ATOM   208 C  C   . CYS A 1 31  ? -23.605 0.990   -4.053  1.00 42.05 ? 1753 CYS A C   1 
ATOM   209 O  O   . CYS A 1 31  ? -24.037 -0.089  -3.778  1.00 39.72 ? 1753 CYS A O   1 
ATOM   210 C  CB  . CYS A 1 31  ? -21.892 1.838   -2.541  1.00 45.64 ? 1753 CYS A CB  1 
ATOM   211 S  SG  . CYS A 1 31  ? -20.698 2.107   -3.860  1.00 35.23 ? 1753 CYS A SG  1 
ATOM   212 N  N   . SER A 1 32  ? -23.357 1.353   -5.280  1.00 39.58 ? 1754 SER A N   1 
ATOM   213 C  CA  . SER A 1 32  ? -23.732 0.427   -6.294  1.00 35.71 ? 1754 SER A CA  1 
ATOM   214 C  C   . SER A 1 32  ? -22.662 0.288   -7.351  1.00 34.72 ? 1754 SER A C   1 
ATOM   215 O  O   . SER A 1 32  ? -22.902 -0.256  -8.410  1.00 35.76 ? 1754 SER A O   1 
ATOM   216 C  CB  . SER A 1 32  ? -25.075 0.828   -6.857  1.00 35.66 ? 1754 SER A CB  1 
ATOM   217 O  OG  . SER A 1 32  ? -24.960 2.055   -7.536  1.00 36.75 ? 1754 SER A OG  1 
ATOM   218 N  N   . LEU A 1 33  ? -21.448 0.745   -7.053  1.00 31.58 ? 1755 LEU A N   1 
ATOM   219 C  CA  . LEU A 1 33  ? -20.324 0.436   -7.934  1.00 28.29 ? 1755 LEU A CA  1 
ATOM   220 C  C   . LEU A 1 33  ? -20.101 -1.077  -7.898  1.00 28.23 ? 1755 LEU A C   1 
ATOM   221 O  O   . LEU A 1 33  ? -19.936 -1.651  -6.838  1.00 30.38 ? 1755 LEU A O   1 
ATOM   222 C  CB  . LEU A 1 33  ? -19.054 1.182   -7.495  1.00 22.17 ? 1755 LEU A CB  1 
ATOM   223 C  CG  . LEU A 1 33  ? -19.152 2.697   -7.565  1.00 24.88 ? 1755 LEU A CG  1 
ATOM   224 C  CD1 . LEU A 1 33  ? -18.053 3.396   -6.730  1.00 17.35 ? 1755 LEU A CD1 1 
ATOM   225 C  CD2 . LEU A 1 33  ? -19.045 3.067   -9.048  1.00 17.52 ? 1755 LEU A CD2 1 
ATOM   226 N  N   . PRO A 1 34  ? -20.096 -1.725  -9.059  1.00 30.29 ? 1756 PRO A N   1 
ATOM   227 C  CA  . PRO A 1 34  ? -19.971 -3.185  -9.059  1.00 31.96 ? 1756 PRO A CA  1 
ATOM   228 C  C   . PRO A 1 34  ? -18.808 -3.675  -8.179  1.00 31.71 ? 1756 PRO A C   1 
ATOM   229 O  O   . PRO A 1 34  ? -18.994 -4.595  -7.422  1.00 35.23 ? 1756 PRO A O   1 
ATOM   230 C  CB  . PRO A 1 34  ? -19.735 -3.532  -10.542 1.00 32.24 ? 1756 PRO A CB  1 
ATOM   231 C  CG  . PRO A 1 34  ? -20.148 -2.329  -11.312 1.00 29.48 ? 1756 PRO A CG  1 
ATOM   232 C  CD  . PRO A 1 34  ? -19.954 -1.146  -10.408 1.00 31.10 ? 1756 PRO A CD  1 
ATOM   233 N  N   . SER A 1 35  ? -17.645 -3.039  -8.200  1.00 30.64 ? 1757 SER A N   1 
ATOM   234 C  CA  . SER A 1 35  ? -16.510 -3.592  -7.446  1.00 30.81 ? 1757 SER A CA  1 
ATOM   235 C  C   . SER A 1 35  ? -16.616 -3.364  -5.964  1.00 31.31 ? 1757 SER A C   1 
ATOM   236 O  O   . SER A 1 35  ? -15.827 -3.943  -5.202  1.00 33.80 ? 1757 SER A O   1 
ATOM   237 C  CB  . SER A 1 35  ? -15.166 -2.987  -7.851  1.00 30.03 ? 1757 SER A CB  1 
ATOM   238 O  OG  . SER A 1 35  ? -14.871 -3.188  -9.209  1.00 36.16 ? 1757 SER A OG  1 
ATOM   239 N  N   . CYS A 1 36  ? -17.558 -2.537  -5.536  1.00 28.79 ? 1758 CYS A N   1 
ATOM   240 C  CA  . CYS A 1 36  ? -17.471 -2.025  -4.172  1.00 29.60 ? 1758 CYS A CA  1 
ATOM   241 C  C   . CYS A 1 36  ? -17.588 -3.109  -3.118  1.00 31.47 ? 1758 CYS A C   1 
ATOM   242 O  O   . CYS A 1 36  ? -16.809 -3.167  -2.150  1.00 32.72 ? 1758 CYS A O   1 
ATOM   243 C  CB  . CYS A 1 36  ? -18.535 -0.961  -3.896  1.00 24.81 ? 1758 CYS A CB  1 
ATOM   244 S  SG  . CYS A 1 36  ? -18.091 -0.145  -2.355  1.00 26.44 ? 1758 CYS A SG  1 
ATOM   245 N  N   . GLN A 1 37  ? -18.585 -3.957  -3.288  1.00 34.49 ? 1759 GLN A N   1 
ATOM   246 C  CA  . GLN A 1 37  ? -18.909 -4.917  -2.240  1.00 35.68 ? 1759 GLN A CA  1 
ATOM   247 C  C   . GLN A 1 37  ? -17.744 -5.866  -1.927  1.00 33.04 ? 1759 GLN A C   1 
ATOM   248 O  O   . GLN A 1 37  ? -17.380 -6.098  -0.763  1.00 32.81 ? 1759 GLN A O   1 
ATOM   249 C  CB  . GLN A 1 37  ? -20.158 -5.701  -2.615  1.00 33.87 ? 1759 GLN A CB  1 
ATOM   250 C  CG  . GLN A 1 37  ? -20.687 -6.454  -1.435  1.00 47.92 ? 1759 GLN A CG  1 
ATOM   251 C  CD  . GLN A 1 37  ? -21.693 -7.531  -1.823  1.00 55.45 ? 1759 GLN A CD  1 
ATOM   252 O  OE1 . GLN A 1 37  ? -21.483 -8.269  -2.795  1.00 54.68 ? 1759 GLN A OE1 1 
ATOM   253 N  NE2 . GLN A 1 37  ? -22.802 -7.612  -1.079  1.00 50.50 ? 1759 GLN A NE2 1 
ATOM   254 N  N   . LYS A 1 38  ? -17.159 -6.430  -2.968  1.00 33.20 ? 1760 LYS A N   1 
ATOM   255 C  CA  . LYS A 1 38  ? -16.004 -7.313  -2.763  1.00 31.18 ? 1760 LYS A CA  1 
ATOM   256 C  C   . LYS A 1 38  ? -14.801 -6.560  -2.167  1.00 31.63 ? 1760 LYS A C   1 
ATOM   257 O  O   . LYS A 1 38  ? -14.183 -7.048  -1.221  1.00 34.40 ? 1760 LYS A O   1 
ATOM   258 C  CB  . LYS A 1 38  ? -15.622 -7.985  -4.061  1.00 31.61 ? 1760 LYS A CB  1 
ATOM   259 C  CG  . LYS A 1 38  ? -16.760 -8.825  -4.651  1.00 42.50 ? 1760 LYS A CG  1 
ATOM   260 C  CD  . LYS A 1 38  ? -16.218 -10.026 -5.486  1.00 57.29 ? 1760 LYS A CD  1 
ATOM   261 C  CE  . LYS A 1 38  ? -17.329 -10.838 -6.215  1.00 56.87 ? 1760 LYS A CE  1 
ATOM   262 N  NZ  . LYS A 1 38  ? -18.183 -11.588 -5.263  1.00 52.63 ? 1760 LYS A NZ  1 
ATOM   263 N  N   . MET A 1 39  ? -14.476 -5.363  -2.674  1.00 25.73 ? 1761 MET A N   1 
ATOM   264 C  CA  . MET A 1 39  ? -13.343 -4.651  -2.104  1.00 25.58 ? 1761 MET A CA  1 
ATOM   265 C  C   . MET A 1 39  ? -13.624 -4.213  -0.702  1.00 24.96 ? 1761 MET A C   1 
ATOM   266 O  O   . MET A 1 39  ? -12.732 -4.237  0.126   1.00 27.42 ? 1761 MET A O   1 
ATOM   267 C  CB  . MET A 1 39  ? -12.963 -3.436  -2.902  1.00 24.05 ? 1761 MET A CB  1 
ATOM   268 C  CG  . MET A 1 39  ? -12.200 -3.812  -4.069  1.00 33.72 ? 1761 MET A CG  1 
ATOM   269 S  SD  . MET A 1 39  ? -10.480 -4.175  -3.649  1.00 42.26 ? 1761 MET A SD  1 
ATOM   270 C  CE  . MET A 1 39  ? -10.046 -4.327  -5.387  1.00 26.73 ? 1761 MET A CE  1 
ATOM   271 N  N   . LYS A 1 40  ? -14.854 -3.812  -0.425  1.00 22.77 ? 1762 LYS A N   1 
ATOM   272 C  CA  . LYS A 1 40  ? -15.172 -3.381  0.936   1.00 25.27 ? 1762 LYS A CA  1 
ATOM   273 C  C   . LYS A 1 40  ? -14.850 -4.510  1.918   1.00 23.77 ? 1762 LYS A C   1 
ATOM   274 O  O   . LYS A 1 40  ? -14.154 -4.277  2.892   1.00 25.01 ? 1762 LYS A O   1 
ATOM   275 C  CB  . LYS A 1 40  ? -16.639 -2.917  1.053   1.00 25.15 ? 1762 LYS A CB  1 
ATOM   276 C  CG  . LYS A 1 40  ? -16.981 -2.022  2.264   1.00 25.18 ? 1762 LYS A CG  1 
ATOM   277 C  CD  . LYS A 1 40  ? -18.293 -1.307  1.921   1.00 26.44 ? 1762 LYS A CD  1 
ATOM   278 C  CE  . LYS A 1 40  ? -18.760 -0.291  2.967   1.00 39.12 ? 1762 LYS A CE  1 
ATOM   279 N  NZ  . LYS A 1 40  ? -20.122 0.389   2.558   1.00 38.11 ? 1762 LYS A NZ  1 
ATOM   280 N  N   . ARG A 1 41  ? -15.327 -5.724  1.629   1.00 23.49 ? 1763 ARG A N   1 
ATOM   281 C  CA  . ARG A 1 41  ? -15.093 -6.900  2.476   1.00 25.08 ? 1763 ARG A CA  1 
ATOM   282 C  C   . ARG A 1 41  ? -13.643 -7.199  2.718   1.00 25.18 ? 1763 ARG A C   1 
ATOM   283 O  O   . ARG A 1 41  ? -13.226 -7.467  3.837   1.00 32.31 ? 1763 ARG A O   1 
ATOM   284 C  CB  . ARG A 1 41  ? -15.686 -8.130  1.834   1.00 27.31 ? 1763 ARG A CB  1 
ATOM   285 C  CG  . ARG A 1 41  ? -17.128 -7.967  1.521   1.00 41.01 ? 1763 ARG A CG  1 
ATOM   286 C  CD  . ARG A 1 41  ? -18.030 -8.533  2.608   1.00 53.46 ? 1763 ARG A CD  1 
ATOM   287 N  NE  . ARG A 1 41  ? -19.415 -8.698  2.135   1.00 63.45 ? 1763 ARG A NE  1 
ATOM   288 C  CZ  . ARG A 1 41  ? -19.774 -9.420  1.067   1.00 67.23 ? 1763 ARG A CZ  1 
ATOM   289 N  NH1 . ARG A 1 41  ? -18.849 -10.047 0.328   1.00 70.92 ? 1763 ARG A NH1 1 
ATOM   290 N  NH2 . ARG A 1 41  ? -21.058 -9.506  0.723   1.00 64.78 ? 1763 ARG A NH2 1 
ATOM   291 N  N   . VAL A 1 42  ? -12.848 -7.147  1.680   1.00 22.46 ? 1764 VAL A N   1 
ATOM   292 C  CA  . VAL A 1 42  ? -11.421 -7.330  1.839   1.00 22.11 ? 1764 VAL A CA  1 
ATOM   293 C  C   . VAL A 1 42  ? -10.881 -6.242  2.745   1.00 25.44 ? 1764 VAL A C   1 
ATOM   294 O  O   . VAL A 1 42  ? -9.974  -6.475  3.545   1.00 29.61 ? 1764 VAL A O   1 
ATOM   295 C  CB  . VAL A 1 42  ? -10.812 -7.301  0.443   1.00 25.01 ? 1764 VAL A CB  1 
ATOM   296 C  CG1 . VAL A 1 42  ? -9.518  -6.705  0.451   1.00 33.31 ? 1764 VAL A CG1 1 
ATOM   297 C  CG2 . VAL A 1 42  ? -10.789 -8.730  -0.111  1.00 24.03 ? 1764 VAL A CG2 1 
ATOM   298 N  N   . VAL A 1 43  ? -11.440 -5.041  2.678   1.00 22.92 ? 1765 VAL A N   1 
ATOM   299 C  CA  . VAL A 1 43  ? -10.916 -3.967  3.555   1.00 22.26 ? 1765 VAL A CA  1 
ATOM   300 C  C   . VAL A 1 43  ? -11.417 -4.191  5.008   1.00 24.18 ? 1765 VAL A C   1 
ATOM   301 O  O   . VAL A 1 43  ? -10.654 -3.953  5.970   1.00 23.77 ? 1765 VAL A O   1 
ATOM   302 C  CB  . VAL A 1 43  ? -11.316 -2.545  3.044   1.00 23.24 ? 1765 VAL A CB  1 
ATOM   303 C  CG1 . VAL A 1 43  ? -11.035 -1.450  4.110   1.00 14.15 ? 1765 VAL A CG1 1 
ATOM   304 C  CG2 . VAL A 1 43  ? -10.609 -2.223  1.677   1.00 16.78 ? 1765 VAL A CG2 1 
ATOM   305 N  N   . GLN A 1 44  ? -12.671 -4.651  5.171   1.00 23.86 ? 1766 GLN A N   1 
ATOM   306 C  CA  . GLN A 1 44  ? -13.197 -4.927  6.511   1.00 30.38 ? 1766 GLN A CA  1 
ATOM   307 C  C   . GLN A 1 44  ? -12.378 -6.024  7.135   1.00 28.58 ? 1766 GLN A C   1 
ATOM   308 O  O   . GLN A 1 44  ? -12.039 -5.958  8.302   1.00 30.72 ? 1766 GLN A O   1 
ATOM   309 C  CB  . GLN A 1 44  ? -14.653 -5.384  6.520   1.00 34.12 ? 1766 GLN A CB  1 
ATOM   310 C  CG  . GLN A 1 44  ? -15.621 -4.558  5.690   1.00 48.84 ? 1766 GLN A CG  1 
ATOM   311 C  CD  . GLN A 1 44  ? -16.054 -3.254  6.401   1.00 62.94 ? 1766 GLN A CD  1 
ATOM   312 O  OE1 . GLN A 1 44  ? -15.260 -2.649  7.142   1.00 63.44 ? 1766 GLN A OE1 1 
ATOM   313 N  NE2 . GLN A 1 44  ? -17.322 -2.820  6.171   1.00 57.92 ? 1766 GLN A NE2 1 
ATOM   314 N  N   . HIS A 1 45  ? -12.024 -7.010  6.332   1.00 25.92 ? 1767 HIS A N   1 
ATOM   315 C  CA  . HIS A 1 45  ? -11.240 -8.120  6.832   1.00 26.85 ? 1767 HIS A CA  1 
ATOM   316 C  C   . HIS A 1 45  ? -9.918  -7.655  7.426   1.00 29.08 ? 1767 HIS A C   1 
ATOM   317 O  O   . HIS A 1 45  ? -9.509  -8.126  8.462   1.00 30.08 ? 1767 HIS A O   1 
ATOM   318 C  CB  . HIS A 1 45  ? -10.908 -9.104  5.722   1.00 24.28 ? 1767 HIS A CB  1 
ATOM   319 C  CG  . HIS A 1 45  ? -9.709  -9.938  6.047   1.00 28.14 ? 1767 HIS A CG  1 
ATOM   320 N  ND1 . HIS A 1 45  ? -9.798  -11.191 6.633   1.00 25.64 ? 1767 HIS A ND1 1 
ATOM   321 C  CD2 . HIS A 1 45  ? -8.391  -9.680  5.909   1.00 21.98 ? 1767 HIS A CD2 1 
ATOM   322 C  CE1 . HIS A 1 45  ? -8.576  -11.653 6.857   1.00 19.53 ? 1767 HIS A CE1 1 
ATOM   323 N  NE2 . HIS A 1 45  ? -7.709  -10.756 6.428   1.00 29.74 ? 1767 HIS A NE2 1 
ATOM   324 N  N   . THR A 1 46  ? -9.240  -6.732  6.759   1.00 29.67 ? 1768 THR A N   1 
ATOM   325 C  CA  . THR A 1 46  ? -7.940  -6.279  7.257   1.00 32.96 ? 1768 THR A CA  1 
ATOM   326 C  C   . THR A 1 46  ? -8.038  -5.561  8.569   1.00 32.89 ? 1768 THR A C   1 
ATOM   327 O  O   . THR A 1 46  ? -7.202  -5.729  9.438   1.00 32.15 ? 1768 THR A O   1 
ATOM   328 C  CB  . THR A 1 46  ? -7.256  -5.379  6.265   1.00 33.15 ? 1768 THR A CB  1 
ATOM   329 O  OG1 . THR A 1 46  ? -7.321  -6.024  5.002   1.00 48.82 ? 1768 THR A OG1 1 
ATOM   330 C  CG2 . THR A 1 46  ? -5.853  -5.352  6.559   1.00 39.08 ? 1768 THR A CG2 1 
ATOM   331 N  N   . LYS A 1 47  ? -9.057  -4.743  8.737   1.00 36.11 ? 1769 LYS A N   1 
ATOM   332 C  CA  . LYS A 1 47  ? -9.224  -4.125  10.050  1.00 37.84 ? 1769 LYS A CA  1 
ATOM   333 C  C   . LYS A 1 47  ? -9.234  -5.200  11.111  1.00 36.65 ? 1769 LYS A C   1 
ATOM   334 O  O   . LYS A 1 47  ? -8.729  -4.991  12.202  1.00 35.81 ? 1769 LYS A O   1 
ATOM   335 C  CB  . LYS A 1 47  ? -10.549 -3.369  10.174  1.00 39.87 ? 1769 LYS A CB  1 
ATOM   336 C  CG  . LYS A 1 47  ? -10.877 -2.425  9.035   1.00 47.92 ? 1769 LYS A CG  1 
ATOM   337 C  CD  . LYS A 1 47  ? -9.913  -1.246  8.908   1.00 52.96 ? 1769 LYS A CD  1 
ATOM   338 C  CE  . LYS A 1 47  ? -10.701 0.074   8.796   1.00 60.76 ? 1769 LYS A CE  1 
ATOM   339 N  NZ  . LYS A 1 47  ? -12.039 -0.112  8.116   1.00 62.40 ? 1769 LYS A NZ  1 
ATOM   340 N  N   . GLY A 1 48  ? -9.862  -6.337  10.810  1.00 35.63 ? 1770 GLY A N   1 
ATOM   341 C  CA  . GLY A 1 48  ? -10.121 -7.352  11.849  1.00 32.17 ? 1770 GLY A CA  1 
ATOM   342 C  C   . GLY A 1 48  ? -9.014  -8.387  12.030  1.00 31.07 ? 1770 GLY A C   1 
ATOM   343 O  O   . GLY A 1 48  ? -9.006  -9.109  13.014  1.00 28.98 ? 1770 GLY A O   1 
ATOM   344 N  N   . CYS A 1 49  ? -8.059  -8.428  11.098  1.00 30.98 ? 1771 CYS A N   1 
ATOM   345 C  CA  . CYS A 1 49  ? -7.011  -9.464  11.053  1.00 29.82 ? 1771 CYS A CA  1 
ATOM   346 C  C   . CYS A 1 49  ? -5.724  -9.013  11.789  1.00 34.26 ? 1771 CYS A C   1 
ATOM   347 O  O   . CYS A 1 49  ? -5.038  -8.039  11.391  1.00 34.09 ? 1771 CYS A O   1 
ATOM   348 C  CB  . CYS A 1 49  ? -6.708  -9.709  9.591   1.00 24.98 ? 1771 CYS A CB  1 
ATOM   349 S  SG  . CYS A 1 49  ? -5.461  -10.913 9.180   1.00 26.31 ? 1771 CYS A SG  1 
ATOM   350 N  N   . LYS A 1 50  ? -5.411  -9.681  12.886  1.00 35.79 ? 1772 LYS A N   1 
ATOM   351 C  CA  . LYS A 1 50  ? -4.237  -9.293  13.670  1.00 38.40 ? 1772 LYS A CA  1 
ATOM   352 C  C   . LYS A 1 50  ? -2.901  -9.756  13.063  1.00 37.14 ? 1772 LYS A C   1 
ATOM   353 O  O   . LYS A 1 50  ? -1.928  -9.006  13.083  1.00 37.61 ? 1772 LYS A O   1 
ATOM   354 C  CB  . LYS A 1 50  ? -4.384  -9.754  15.132  1.00 42.13 ? 1772 LYS A CB  1 
ATOM   355 C  CG  . LYS A 1 50  ? -5.323  -8.830  15.982  1.00 50.77 ? 1772 LYS A CG  1 
ATOM   356 C  CD  . LYS A 1 50  ? -5.869  -9.533  17.235  1.00 55.44 ? 1772 LYS A CD  1 
ATOM   357 C  CE  . LYS A 1 50  ? -6.844  -10.686 16.857  1.00 57.46 ? 1772 LYS A CE  1 
ATOM   358 N  NZ  . LYS A 1 50  ? -7.247  -11.437 18.073  1.00 54.96 ? 1772 LYS A NZ  1 
ATOM   359 N  N   . ARG A 1 51  ? -2.861  -10.974 12.513  1.00 37.16 ? 1773 ARG A N   1 
ATOM   360 C  CA  . ARG A 1 51  ? -1.630  -11.568 11.960  1.00 35.58 ? 1773 ARG A CA  1 
ATOM   361 C  C   . ARG A 1 51  ? -1.197  -10.939 10.616  1.00 33.02 ? 1773 ARG A C   1 
ATOM   362 O  O   . ARG A 1 51  ? -0.010  -10.890 10.298  1.00 34.58 ? 1773 ARG A O   1 
ATOM   363 C  CB  . ARG A 1 51  ? -1.874  -13.020 11.693  1.00 31.45 ? 1773 ARG A CB  1 
ATOM   364 C  CG  . ARG A 1 51  ? -2.660  -13.127 10.425  1.00 35.74 ? 1773 ARG A CG  1 
ATOM   365 C  CD  . ARG A 1 51  ? -3.070  -14.520 10.202  1.00 27.00 ? 1773 ARG A CD  1 
ATOM   366 N  NE  . ARG A 1 51  ? -3.754  -14.975 11.388  1.00 22.16 ? 1773 ARG A NE  1 
ATOM   367 C  CZ  . ARG A 1 51  ? -4.179  -16.225 11.546  1.00 37.30 ? 1773 ARG A CZ  1 
ATOM   368 N  NH1 . ARG A 1 51  ? -3.946  -17.087 10.558  1.00 38.91 ? 1773 ARG A NH1 1 
ATOM   369 N  NH2 . ARG A 1 51  ? -4.798  -16.618 12.690  1.00 18.85 ? 1773 ARG A NH2 1 
ATOM   370 N  N   . LYS A 1 52  ? -2.152  -10.484 9.821   1.00 29.25 ? 1774 LYS A N   1 
ATOM   371 C  CA  . LYS A 1 52  ? -1.824  -9.837  8.539   1.00 27.72 ? 1774 LYS A CA  1 
ATOM   372 C  C   . LYS A 1 52  ? -0.717  -10.628 7.856   1.00 26.90 ? 1774 LYS A C   1 
ATOM   373 O  O   . LYS A 1 52  ? -0.795  -11.828 7.852   1.00 25.61 ? 1774 LYS A O   1 
ATOM   374 C  CB  . LYS A 1 52  ? -1.442  -8.378  8.745   1.00 28.77 ? 1774 LYS A CB  1 
ATOM   375 C  CG  . LYS A 1 52  ? -2.486  -7.599  9.566   1.00 28.72 ? 1774 LYS A CG  1 
ATOM   376 C  CD  . LYS A 1 52  ? -2.173  -6.070  9.527   1.00 32.14 ? 1774 LYS A CD  1 
ATOM   377 C  CE  . LYS A 1 52  ? -2.905  -5.255  10.626  1.00 33.45 ? 1774 LYS A CE  1 
ATOM   378 N  NZ  . LYS A 1 52  ? -4.379  -5.549  10.444  1.00 33.34 ? 1774 LYS A NZ  1 
ATOM   379 N  N   . THR A 1 53  ? 0.316   -9.999  7.296   1.00 24.66 ? 1775 THR A N   1 
ATOM   380 C  CA  . THR A 1 53  ? 1.209   -10.774 6.438   1.00 23.26 ? 1775 THR A CA  1 
ATOM   381 C  C   . THR A 1 53  ? 2.238   -11.569 7.261   1.00 28.34 ? 1775 THR A C   1 
ATOM   382 O  O   . THR A 1 53  ? 2.850   -12.532 6.754   1.00 27.41 ? 1775 THR A O   1 
ATOM   383 C  CB  . THR A 1 53  ? 2.032   -9.825  5.508   1.00 29.51 ? 1775 THR A CB  1 
ATOM   384 O  OG1 . THR A 1 53  ? 2.733   -8.876  6.314   1.00 25.26 ? 1775 THR A OG1 1 
ATOM   385 C  CG2 . THR A 1 53  ? 1.131   -9.022  4.538   1.00 31.14 ? 1775 THR A CG2 1 
ATOM   386 N  N   . ASN A 1 54  ? 2.511   -11.142 8.507   1.00 27.27 ? 1776 ASN A N   1 
ATOM   387 C  CA  . ASN A 1 54  ? 3.568   -11.807 9.257   1.00 24.46 ? 1776 ASN A CA  1 
ATOM   388 C  C   . ASN A 1 54  ? 3.066   -13.199 9.527   1.00 27.83 ? 1776 ASN A C   1 
ATOM   389 O  O   . ASN A 1 54  ? 3.871   -14.124 9.655   1.00 27.59 ? 1776 ASN A O   1 
ATOM   390 C  CB  . ASN A 1 54  ? 3.834   -11.158 10.591  1.00 21.41 ? 1776 ASN A CB  1 
ATOM   391 C  CG  . ASN A 1 54  ? 4.670   -9.896  10.479  1.00 33.38 ? 1776 ASN A CG  1 
ATOM   392 O  OD1 . ASN A 1 54  ? 5.467   -9.725  9.540   1.00 24.28 ? 1776 ASN A OD1 1 
ATOM   393 N  ND2 . ASN A 1 54  ? 4.498   -9.007  11.456  1.00 27.76 ? 1776 ASN A ND2 1 
ATOM   394 N  N   . GLY A 1 55  ? 1.742   -13.343 9.623   1.00 22.39 ? 1777 GLY A N   1 
ATOM   395 C  CA  . GLY A 1 55  ? 1.141   -14.643 9.889   1.00 24.95 ? 1777 GLY A CA  1 
ATOM   396 C  C   . GLY A 1 55  ? 0.691   -15.383 8.635   1.00 26.85 ? 1777 GLY A C   1 
ATOM   397 O  O   . GLY A 1 55  ? -0.013  -16.383 8.706   1.00 26.67 ? 1777 GLY A O   1 
ATOM   398 N  N   . GLY A 1 56  ? 1.100   -14.896 7.473   1.00 27.15 ? 1778 GLY A N   1 
ATOM   399 C  CA  . GLY A 1 56  ? 0.769   -15.563 6.243   1.00 24.61 ? 1778 GLY A CA  1 
ATOM   400 C  C   . GLY A 1 56  ? -0.676  -15.483 5.806   1.00 25.38 ? 1778 GLY A C   1 
ATOM   401 O  O   . GLY A 1 56  ? -1.095  -16.320 4.999   1.00 24.71 ? 1778 GLY A O   1 
ATOM   402 N  N   . CYS A 1 57  ? -1.449  -14.507 6.295   1.00 22.35 ? 1779 CYS A N   1 
ATOM   403 C  CA  . CYS A 1 57  ? -2.810  -14.331 5.817   1.00 21.33 ? 1779 CYS A CA  1 
ATOM   404 C  C   . CYS A 1 57  ? -2.809  -14.021 4.332   1.00 21.16 ? 1779 CYS A C   1 
ATOM   405 O  O   . CYS A 1 57  ? -2.105  -13.166 3.903   1.00 27.65 ? 1779 CYS A O   1 
ATOM   406 C  CB  . CYS A 1 57  ? -3.483  -13.193 6.534   1.00 21.83 ? 1779 CYS A CB  1 
ATOM   407 S  SG  . CYS A 1 57  ? -4.946  -12.710 5.693   1.00 26.63 ? 1779 CYS A SG  1 
ATOM   408 N  N   . PRO A 1 58  ? -3.565  -14.758 3.529   1.00 22.66 ? 1780 PRO A N   1 
ATOM   409 C  CA  . PRO A 1 58  ? -3.413  -14.619 2.066   1.00 19.18 ? 1780 PRO A CA  1 
ATOM   410 C  C   . PRO A 1 58  ? -4.161  -13.427 1.523   1.00 24.61 ? 1780 PRO A C   1 
ATOM   411 O  O   . PRO A 1 58  ? -3.804  -12.876 0.463   1.00 28.07 ? 1780 PRO A O   1 
ATOM   412 C  CB  . PRO A 1 58  ? -4.076  -15.891 1.521   1.00 18.91 ? 1780 PRO A CB  1 
ATOM   413 C  CG  . PRO A 1 58  ? -5.003  -16.378 2.661   1.00 16.96 ? 1780 PRO A CG  1 
ATOM   414 C  CD  . PRO A 1 58  ? -4.230  -16.028 3.914   1.00 18.57 ? 1780 PRO A CD  1 
ATOM   415 N  N   . ILE A 1 59  ? -5.182  -12.974 2.220   1.00 22.05 ? 1781 ILE A N   1 
ATOM   416 C  CA  . ILE A 1 59  ? -5.821  -11.770 1.761   1.00 19.10 ? 1781 ILE A CA  1 
ATOM   417 C  C   . ILE A 1 59  ? -4.900  -10.566 1.999   1.00 24.13 ? 1781 ILE A C   1 
ATOM   418 O  O   . ILE A 1 59  ? -4.627  -9.780  1.093   1.00 23.32 ? 1781 ILE A O   1 
ATOM   419 C  CB  . ILE A 1 59  ? -7.096  -11.550 2.518   1.00 18.69 ? 1781 ILE A CB  1 
ATOM   420 C  CG1 . ILE A 1 59  ? -8.150  -12.577 2.119   1.00 15.32 ? 1781 ILE A CG1 1 
ATOM   421 C  CG2 . ILE A 1 59  ? -7.670  -10.247 2.163   1.00 13.91 ? 1781 ILE A CG2 1 
ATOM   422 C  CD1 . ILE A 1 59  ? -9.364  -12.487 3.030   1.00 14.88 ? 1781 ILE A CD1 1 
ATOM   423 N  N   . CYS A 1 60  ? -4.400  -10.416 3.224   1.00 26.78 ? 1782 CYS A N   1 
ATOM   424 C  CA  . CYS A 1 60  ? -3.552  -9.245  3.494   1.00 26.01 ? 1782 CYS A CA  1 
ATOM   425 C  C   . CYS A 1 60  ? -2.313  -9.347  2.637   1.00 26.21 ? 1782 CYS A C   1 
ATOM   426 O  O   . CYS A 1 60  ? -1.715  -8.335  2.263   1.00 25.65 ? 1782 CYS A O   1 
ATOM   427 C  CB  . CYS A 1 60  ? -3.156  -9.155  4.972   1.00 25.09 ? 1782 CYS A CB  1 
ATOM   428 S  SG  . CYS A 1 60  ? -4.624  -9.011  6.063   1.00 26.23 ? 1782 CYS A SG  1 
ATOM   429 N  N   . LYS A 1 61  ? -1.881  -10.556 2.322   1.00 24.54 ? 1783 LYS A N   1 
ATOM   430 C  CA  . LYS A 1 61  ? -0.647  -10.607 1.512   1.00 29.65 ? 1783 LYS A CA  1 
ATOM   431 C  C   . LYS A 1 61  ? -0.914  -9.997  0.121   1.00 30.06 ? 1783 LYS A C   1 
ATOM   432 O  O   . LYS A 1 61  ? -0.065  -9.299  -0.440  1.00 30.99 ? 1783 LYS A O   1 
ATOM   433 C  CB  . LYS A 1 61  ? -0.140  -12.030 1.434   1.00 31.35 ? 1783 LYS A CB  1 
ATOM   434 C  CG  . LYS A 1 61  ? 1.072   -12.322 0.544   1.00 45.71 ? 1783 LYS A CG  1 
ATOM   435 C  CD  . LYS A 1 61  ? 1.912   -13.503 1.153   1.00 59.49 ? 1783 LYS A CD  1 
ATOM   436 C  CE  . LYS A 1 61  ? 2.410   -13.120 2.583   1.00 62.05 ? 1783 LYS A CE  1 
ATOM   437 N  NZ  . LYS A 1 61  ? 3.754   -13.666 2.962   1.00 66.34 ? 1783 LYS A NZ  1 
ATOM   438 N  N   . GLN A 1 62  ? -2.118  -10.222 -0.411  1.00 24.83 ? 1784 GLN A N   1 
ATOM   439 C  CA  . GLN A 1 62  ? -2.492  -9.628  -1.684  1.00 24.19 ? 1784 GLN A CA  1 
ATOM   440 C  C   . GLN A 1 62  ? -2.751  -8.109  -1.578  1.00 27.38 ? 1784 GLN A C   1 
ATOM   441 O  O   . GLN A 1 62  ? -2.336  -7.371  -2.494  1.00 24.52 ? 1784 GLN A O   1 
ATOM   442 C  CB  . GLN A 1 62  ? -3.703  -10.324 -2.315  1.00 21.20 ? 1784 GLN A CB  1 
ATOM   443 C  CG  . GLN A 1 62  ? -3.440  -11.746 -2.809  1.00 22.19 ? 1784 GLN A CG  1 
ATOM   444 C  CD  . GLN A 1 62  ? -2.217  -11.826 -3.704  1.00 26.99 ? 1784 GLN A CD  1 
ATOM   445 O  OE1 . GLN A 1 62  ? -1.353  -12.671 -3.533  1.00 36.44 ? 1784 GLN A OE1 1 
ATOM   446 N  NE2 . GLN A 1 62  ? -2.132  -10.941 -4.639  1.00 32.27 ? 1784 GLN A NE2 1 
ATOM   447 N  N   . LEU A 1 63  ? -3.435  -7.613  -0.525  1.00 26.16 ? 1785 LEU A N   1 
ATOM   448 C  CA  . LEU A 1 63  ? -3.627  -6.193  -0.596  1.00 29.28 ? 1785 LEU A CA  1 
ATOM   449 C  C   . LEU A 1 63  ? -2.487  -5.338  -0.186  1.00 28.14 ? 1785 LEU A C   1 
ATOM   450 O  O   . LEU A 1 63  ? -2.453  -4.166  -0.583  1.00 30.73 ? 1785 LEU A O   1 
ATOM   451 C  CB  . LEU A 1 63  ? -5.064  -5.606  -0.396  1.00 36.38 ? 1785 LEU A CB  1 
ATOM   452 C  CG  . LEU A 1 63  ? -5.579  -6.089  0.881   1.00 37.96 ? 1785 LEU A CG  1 
ATOM   453 C  CD1 . LEU A 1 63  ? -4.230  -5.882  1.458   1.00 36.96 ? 1785 LEU A CD1 1 
ATOM   454 C  CD2 . LEU A 1 63  ? -6.598  -5.128  1.329   1.00 34.75 ? 1785 LEU A CD2 1 
ATOM   455 N  N   . ILE A 1 64  ? -1.489  -5.904  0.495   1.00 25.40 ? 1786 ILE A N   1 
ATOM   456 C  CA  . ILE A 1 64  ? -0.298  -5.062  0.690   1.00 22.75 ? 1786 ILE A CA  1 
ATOM   457 C  C   . ILE A 1 64  ? 0.439   -4.914  -0.635  1.00 25.34 ? 1786 ILE A C   1 
ATOM   458 O  O   . ILE A 1 64  ? 1.042   -3.895  -0.913  1.00 31.78 ? 1786 ILE A O   1 
ATOM   459 C  CB  . ILE A 1 64  ? 0.631   -5.502  1.833   1.00 24.69 ? 1786 ILE A CB  1 
ATOM   460 C  CG1 . ILE A 1 64  ? 1.575   -4.353  2.221   1.00 15.68 ? 1786 ILE A CG1 1 
ATOM   461 C  CG2 . ILE A 1 64  ? 1.514   -6.704  1.449   1.00 12.87 ? 1786 ILE A CG2 1 
ATOM   462 C  CD1 . ILE A 1 64  ? 2.490   -4.813  3.362   1.00 15.01 ? 1786 ILE A CD1 1 
ATOM   463 N  N   . ALA A 1 65  ? 0.341   -5.898  -1.502  1.00 26.64 ? 1787 ALA A N   1 
ATOM   464 C  CA  . ALA A 1 65  ? 0.988   -5.759  -2.811  1.00 29.43 ? 1787 ALA A CA  1 
ATOM   465 C  C   . ALA A 1 65  ? 0.216   -4.729  -3.642  1.00 30.16 ? 1787 ALA A C   1 
ATOM   466 O  O   . ALA A 1 65  ? 0.815   -3.947  -4.364  1.00 32.13 ? 1787 ALA A O   1 
ATOM   467 C  CB  . ALA A 1 65  ? 1.052   -7.111  -3.561  1.00 25.71 ? 1787 ALA A CB  1 
ATOM   468 N  N   . LEU A 1 66  ? -1.106  -4.722  -3.532  1.00 25.18 ? 1788 LEU A N   1 
ATOM   469 C  CA  . LEU A 1 66  ? -1.924  -3.678  -4.208  1.00 25.23 ? 1788 LEU A CA  1 
ATOM   470 C  C   . LEU A 1 66  ? -1.696  -2.311  -3.627  1.00 26.62 ? 1788 LEU A C   1 
ATOM   471 O  O   . LEU A 1 66  ? -1.707  -1.330  -4.317  1.00 31.77 ? 1788 LEU A O   1 
ATOM   472 C  CB  . LEU A 1 66  ? -3.394  -3.946  -3.992  1.00 23.56 ? 1788 LEU A CB  1 
ATOM   473 C  CG  . LEU A 1 66  ? -4.326  -3.992  -5.170  1.00 29.87 ? 1788 LEU A CG  1 
ATOM   474 C  CD1 . LEU A 1 66  ? -5.722  -3.626  -4.734  1.00 27.18 ? 1788 LEU A CD1 1 
ATOM   475 C  CD2 . LEU A 1 66  ? -3.835  -3.087  -6.199  1.00 22.07 ? 1788 LEU A CD2 1 
ATOM   476 N  N   . ALA A 1 67  ? -1.544  -2.209  -2.323  1.00 28.75 ? 1789 ALA A N   1 
ATOM   477 C  CA  . ALA A 1 67  ? -1.345  -0.901  -1.733  1.00 27.56 ? 1789 ALA A CA  1 
ATOM   478 C  C   . ALA A 1 67  ? -0.002  -0.292  -2.172  1.00 30.81 ? 1789 ALA A C   1 
ATOM   479 O  O   . ALA A 1 67  ? 0.089   0.911   -2.421  1.00 31.88 ? 1789 ALA A O   1 
ATOM   480 C  CB  . ALA A 1 67  ? -1.439  -1.017  -0.225  1.00 28.10 ? 1789 ALA A CB  1 
ATOM   481 N  N   . ALA A 1 68  ? 1.018   -1.140  -2.318  1.00 31.91 ? 1790 ALA A N   1 
ATOM   482 C  CA  . ALA A 1 68  ? 2.322   -0.690  -2.796  1.00 31.67 ? 1790 ALA A CA  1 
ATOM   483 C  C   . ALA A 1 68  ? 2.211   -0.052  -4.137  1.00 33.86 ? 1790 ALA A C   1 
ATOM   484 O  O   . ALA A 1 68  ? 2.886   0.927   -4.386  1.00 38.95 ? 1790 ALA A O   1 
ATOM   485 C  CB  . ALA A 1 68  ? 3.359   -1.859  -2.869  1.00 28.76 ? 1790 ALA A CB  1 
ATOM   486 N  N   . TYR A 1 69  ? 1.406   -0.605  -5.040  1.00 34.53 ? 1791 TYR A N   1 
ATOM   487 C  CA  . TYR A 1 69  ? 1.178   0.104   -6.329  1.00 34.73 ? 1791 TYR A CA  1 
ATOM   488 C  C   . TYR A 1 69  ? 0.493   1.452   -6.123  1.00 32.41 ? 1791 TYR A C   1 
ATOM   489 O  O   . TYR A 1 69  ? 0.605   2.360   -6.958  1.00 32.28 ? 1791 TYR A O   1 
ATOM   490 C  CB  . TYR A 1 69  ? 0.317   -0.713  -7.293  1.00 33.04 ? 1791 TYR A CB  1 
ATOM   491 C  CG  . TYR A 1 69  ? 1.004   -1.907  -7.903  1.00 33.22 ? 1791 TYR A CG  1 
ATOM   492 C  CD1 . TYR A 1 69  ? 0.611   -3.202  -7.569  1.00 32.39 ? 1791 TYR A CD1 1 
ATOM   493 C  CD2 . TYR A 1 69  ? 2.031   -1.746  -8.832  1.00 29.32 ? 1791 TYR A CD2 1 
ATOM   494 C  CE1 . TYR A 1 69  ? 1.230   -4.324  -8.150  1.00 29.96 ? 1791 TYR A CE1 1 
ATOM   495 C  CE2 . TYR A 1 69  ? 2.653   -2.840  -9.415  1.00 31.00 ? 1791 TYR A CE2 1 
ATOM   496 C  CZ  . TYR A 1 69  ? 2.245   -4.124  -9.076  1.00 34.87 ? 1791 TYR A CZ  1 
ATOM   497 O  OH  . TYR A 1 69  ? 2.851   -5.195  -9.678  1.00 32.78 ? 1791 TYR A OH  1 
ATOM   498 N  N   . HIS A 1 70  ? -0.209  1.587   -5.004  1.00 26.98 ? 1792 HIS A N   1 
ATOM   499 C  CA  . HIS A 1 70  ? -1.042  2.768   -4.809  1.00 25.91 ? 1792 HIS A CA  1 
ATOM   500 C  C   . HIS A 1 70  ? -0.253  3.822   -4.089  1.00 27.05 ? 1792 HIS A C   1 
ATOM   501 O  O   . HIS A 1 70  ? -0.467  4.996   -4.305  1.00 23.54 ? 1792 HIS A O   1 
ATOM   502 C  CB  . HIS A 1 70  ? -2.234  2.395   -3.922  1.00 26.00 ? 1792 HIS A CB  1 
ATOM   503 C  CG  . HIS A 1 70  ? -2.776  3.529   -3.108  1.00 23.61 ? 1792 HIS A CG  1 
ATOM   504 N  ND1 . HIS A 1 70  ? -3.550  4.532   -3.647  1.00 21.74 ? 1792 HIS A ND1 1 
ATOM   505 C  CD2 . HIS A 1 70  ? -2.670  3.806   -1.789  1.00 24.80 ? 1792 HIS A CD2 1 
ATOM   506 C  CE1 . HIS A 1 70  ? -3.898  5.379   -2.696  1.00 18.63 ? 1792 HIS A CE1 1 
ATOM   507 N  NE2 . HIS A 1 70  ? -3.379  4.957   -1.560  1.00 24.55 ? 1792 HIS A NE2 1 
ATOM   508 N  N   . ALA A 1 71  ? 0.622   3.376   -3.184  1.00 27.44 ? 1793 ALA A N   1 
ATOM   509 C  CA  . ALA A 1 71  ? 1.171   4.257   -2.146  1.00 27.95 ? 1793 ALA A CA  1 
ATOM   510 C  C   . ALA A 1 71  ? 2.280   5.079   -2.774  1.00 32.06 ? 1793 ALA A C   1 
ATOM   511 O  O   . ALA A 1 71  ? 2.594   6.161   -2.324  1.00 28.43 ? 1793 ALA A O   1 
ATOM   512 C  CB  . ALA A 1 71  ? 1.712   3.466   -1.020  1.00 19.95 ? 1793 ALA A CB  1 
ATOM   513 N  N   . LYS A 1 72  ? 2.863   4.539   -3.830  1.00 37.22 ? 1794 LYS A N   1 
ATOM   514 C  CA  . LYS A 1 72  ? 3.917   5.235   -4.505  1.00 42.98 ? 1794 LYS A CA  1 
ATOM   515 C  C   . LYS A 1 72  ? 3.371   6.599   -4.880  1.00 45.17 ? 1794 LYS A C   1 
ATOM   516 O  O   . LYS A 1 72  ? 4.059   7.601   -4.733  1.00 47.22 ? 1794 LYS A O   1 
ATOM   517 C  CB  . LYS A 1 72  ? 4.372   4.454   -5.741  1.00 45.30 ? 1794 LYS A CB  1 
ATOM   518 C  CG  . LYS A 1 72  ? 5.835   4.688   -6.061  1.00 58.43 ? 1794 LYS A CG  1 
ATOM   519 C  CD  . LYS A 1 72  ? 6.178   4.496   -7.550  1.00 64.35 ? 1794 LYS A CD  1 
ATOM   520 C  CE  . LYS A 1 72  ? 7.580   3.902   -7.687  1.00 66.52 ? 1794 LYS A CE  1 
ATOM   521 N  NZ  . LYS A 1 72  ? 8.320   4.559   -8.796  1.00 67.88 ? 1794 LYS A NZ  1 
ATOM   522 N  N   . HIS A 1 73  ? 2.109   6.661   -5.308  1.00 46.83 ? 1795 HIS A N   1 
ATOM   523 C  CA  . HIS A 1 73  ? 1.552   7.944   -5.785  1.00 51.29 ? 1795 HIS A CA  1 
ATOM   524 C  C   . HIS A 1 73  ? 0.729   8.734   -4.760  1.00 48.16 ? 1795 HIS A C   1 
ATOM   525 O  O   . HIS A 1 73  ? 0.525   9.939   -4.895  1.00 50.53 ? 1795 HIS A O   1 
ATOM   526 C  CB  . HIS A 1 73  ? 0.736   7.731   -7.063  1.00 55.43 ? 1795 HIS A CB  1 
ATOM   527 C  CG  . HIS A 1 73  ? 1.555   7.213   -8.208  1.00 65.94 ? 1795 HIS A CG  1 
ATOM   528 N  ND1 . HIS A 1 73  ? 1.309   5.994   -8.812  1.00 67.57 ? 1795 HIS A ND1 1 
ATOM   529 C  CD2 . HIS A 1 73  ? 2.645   7.733   -8.831  1.00 68.97 ? 1795 HIS A CD2 1 
ATOM   530 C  CE1 . HIS A 1 73  ? 2.204   5.793   -9.765  1.00 69.84 ? 1795 HIS A CE1 1 
ATOM   531 N  NE2 . HIS A 1 73  ? 3.029   6.829   -9.792  1.00 71.38 ? 1795 HIS A NE2 1 
ATOM   532 N  N   . CYS A 1 74  ? 0.305   8.055   -3.714  1.00 40.38 ? 1796 CYS A N   1 
ATOM   533 C  CA  . CYS A 1 74  ? -0.628  8.623   -2.775  1.00 35.97 ? 1796 CYS A CA  1 
ATOM   534 C  C   . CYS A 1 74  ? -0.124  9.860   -2.034  1.00 32.72 ? 1796 CYS A C   1 
ATOM   535 O  O   . CYS A 1 74  ? 0.912   9.826   -1.434  1.00 32.42 ? 1796 CYS A O   1 
ATOM   536 C  CB  . CYS A 1 74  ? -1.073  7.545   -1.783  1.00 32.33 ? 1796 CYS A CB  1 
ATOM   537 S  SG  . CYS A 1 74  ? -2.087  8.174   -0.453  1.00 26.87 ? 1796 CYS A SG  1 
ATOM   538 N  N   . GLN A 1 75  ? -0.902  10.925  -2.024  1.00 30.44 ? 1797 GLN A N   1 
ATOM   539 C  CA  . GLN A 1 75  ? -0.486  12.146  -1.337  1.00 34.20 ? 1797 GLN A CA  1 
ATOM   540 C  C   . GLN A 1 75  ? -1.403  12.402  -0.138  1.00 32.19 ? 1797 GLN A C   1 
ATOM   541 O  O   . GLN A 1 75  ? -1.468  13.505  0.397   1.00 32.02 ? 1797 GLN A O   1 
ATOM   542 C  CB  . GLN A 1 75  ? -0.559  13.337  -2.302  1.00 29.80 ? 1797 GLN A CB  1 
ATOM   543 C  CG  . GLN A 1 75  ? 0.309   13.159  -3.536  1.00 40.51 ? 1797 GLN A CG  1 
ATOM   544 C  CD  . GLN A 1 75  ? 0.010   14.222  -4.651  1.00 61.56 ? 1797 GLN A CD  1 
ATOM   545 O  OE1 . GLN A 1 75  ? -1.059  14.207  -5.304  1.00 64.95 ? 1797 GLN A OE1 1 
ATOM   546 N  NE2 . GLN A 1 75  ? 0.970   15.134  -4.879  1.00 61.14 ? 1797 GLN A NE2 1 
ATOM   547 N  N   . GLU A 1 76  ? -2.176  11.410  0.210   1.00 25.85 ? 1798 GLU A N   1 
ATOM   548 C  CA  . GLU A 1 76  ? -3.231  11.632  1.160   1.00 31.59 ? 1798 GLU A CA  1 
ATOM   549 C  C   . GLU A 1 76  ? -2.655  11.367  2.531   1.00 36.40 ? 1798 GLU A C   1 
ATOM   550 O  O   . GLU A 1 76  ? -2.199  10.242  2.863   1.00 36.54 ? 1798 GLU A O   1 
ATOM   551 C  CB  . GLU A 1 76  ? -4.350  10.628  0.920   1.00 33.89 ? 1798 GLU A CB  1 
ATOM   552 C  CG  . GLU A 1 76  ? -5.718  11.189  0.837   1.00 36.24 ? 1798 GLU A CG  1 
ATOM   553 C  CD  . GLU A 1 76  ? -6.785  10.099  0.667   1.00 38.32 ? 1798 GLU A CD  1 
ATOM   554 O  OE1 . GLU A 1 76  ? -6.796  9.429   -0.390  1.00 33.24 ? 1798 GLU A OE1 1 
ATOM   555 O  OE2 . GLU A 1 76  ? -7.636  9.937   1.573   1.00 40.34 ? 1798 GLU A OE2 1 
ATOM   556 N  N   . ASN A 1 77  ? -2.709  12.364  3.370   1.00 41.03 ? 1799 ASN A N   1 
ATOM   557 C  CA  . ASN A 1 77  ? -2.058  12.197  4.642   1.00 45.56 ? 1799 ASN A CA  1 
ATOM   558 C  C   . ASN A 1 77  ? -2.718  11.255  5.594   1.00 43.90 ? 1799 ASN A C   1 
ATOM   559 O  O   . ASN A 1 77  ? -2.052  10.492  6.265   1.00 44.16 ? 1799 ASN A O   1 
ATOM   560 C  CB  . ASN A 1 77  ? -1.774  13.540  5.283   1.00 49.53 ? 1799 ASN A CB  1 
ATOM   561 C  CG  . ASN A 1 77  ? -0.409  14.021  4.931   1.00 56.07 ? 1799 ASN A CG  1 
ATOM   562 O  OD1 . ASN A 1 77  ? 0.563   13.244  5.004   1.00 61.29 ? 1799 ASN A OD1 1 
ATOM   563 N  ND2 . ASN A 1 77  ? -0.309  15.270  4.497   1.00 52.93 ? 1799 ASN A ND2 1 
ATOM   564 N  N   . LYS A 1 78  ? -4.026  11.252  5.649   1.00 43.48 ? 1800 LYS A N   1 
ATOM   565 C  CA  . LYS A 1 78  ? -4.623  10.310  6.591   1.00 43.38 ? 1800 LYS A CA  1 
ATOM   566 C  C   . LYS A 1 78  ? -5.293  9.137   5.854   1.00 37.73 ? 1800 LYS A C   1 
ATOM   567 O  O   . LYS A 1 78  ? -6.429  8.746   6.164   1.00 37.52 ? 1800 LYS A O   1 
ATOM   568 C  CB  . LYS A 1 78  ? -5.580  11.040  7.540   1.00 47.94 ? 1800 LYS A CB  1 
ATOM   569 C  CG  . LYS A 1 78  ? -4.913  12.153  8.419   1.00 58.99 ? 1800 LYS A CG  1 
ATOM   570 C  CD  . LYS A 1 78  ? -4.367  11.594  9.752   1.00 69.35 ? 1800 LYS A CD  1 
ATOM   571 C  CE  . LYS A 1 78  ? -4.303  12.696  10.845  1.00 71.59 ? 1800 LYS A CE  1 
ATOM   572 N  NZ  . LYS A 1 78  ? -4.457  12.108  12.223  1.00 70.80 ? 1800 LYS A NZ  1 
ATOM   573 N  N   . CYS A 1 79  ? -4.554  8.560   4.910   1.00 28.10 ? 1801 CYS A N   1 
ATOM   574 C  CA  . CYS A 1 79  ? -5.109  7.625   3.922   1.00 25.97 ? 1801 CYS A CA  1 
ATOM   575 C  C   . CYS A 1 79  ? -5.683  6.399   4.518   1.00 22.31 ? 1801 CYS A C   1 
ATOM   576 O  O   . CYS A 1 79  ? -4.981  5.749   5.211   1.00 28.34 ? 1801 CYS A O   1 
ATOM   577 C  CB  . CYS A 1 79  ? -3.983  7.145   3.022   1.00 23.89 ? 1801 CYS A CB  1 
ATOM   578 S  SG  . CYS A 1 79  ? -4.658  6.137   1.811   1.00 23.15 ? 1801 CYS A SG  1 
ATOM   579 N  N   . PRO A 1 80  ? -6.945  6.041   4.243   1.00 25.54 ? 1802 PRO A N   1 
ATOM   580 C  CA  . PRO A 1 80  ? -7.471  4.813   4.964   1.00 22.36 ? 1802 PRO A CA  1 
ATOM   581 C  C   . PRO A 1 80  ? -7.296  3.494   4.198   1.00 25.86 ? 1802 PRO A C   1 
ATOM   582 O  O   . PRO A 1 80  ? -7.882  2.452   4.559   1.00 27.45 ? 1802 PRO A O   1 
ATOM   583 C  CB  . PRO A 1 80  ? -8.961  5.111   5.114   1.00 22.50 ? 1802 PRO A CB  1 
ATOM   584 C  CG  . PRO A 1 80  ? -9.257  5.952   3.879   1.00 22.61 ? 1802 PRO A CG  1 
ATOM   585 C  CD  . PRO A 1 80  ? -8.048  6.894   3.740   1.00 22.37 ? 1802 PRO A CD  1 
ATOM   586 N  N   . VAL A 1 81  ? -6.530  3.521   3.116   1.00 26.04 ? 1803 VAL A N   1 
ATOM   587 C  CA  . VAL A 1 81  ? -6.244  2.290   2.406   1.00 21.29 ? 1803 VAL A CA  1 
ATOM   588 C  C   . VAL A 1 81  ? -5.344  1.465   3.306   1.00 19.05 ? 1803 VAL A C   1 
ATOM   589 O  O   . VAL A 1 81  ? -4.342  1.948   3.841   1.00 22.20 ? 1803 VAL A O   1 
ATOM   590 C  CB  . VAL A 1 81  ? -5.571  2.579   1.078   1.00 22.96 ? 1803 VAL A CB  1 
ATOM   591 C  CG1 . VAL A 1 81  ? -5.027  1.298   0.468   1.00 9.10  ? 1803 VAL A CG1 1 
ATOM   592 C  CG2 . VAL A 1 81  ? -6.573  3.226   0.081   1.00 10.43 ? 1803 VAL A CG2 1 
ATOM   593 N  N   . PRO A 1 82  ? -5.712  0.226   3.535   1.00 14.77 ? 1804 PRO A N   1 
ATOM   594 C  CA  . PRO A 1 82  ? -4.891  -0.609  4.411   1.00 13.36 ? 1804 PRO A CA  1 
ATOM   595 C  C   . PRO A 1 82  ? -3.449  -0.733  3.921   1.00 18.46 ? 1804 PRO A C   1 
ATOM   596 O  O   . PRO A 1 82  ? -3.194  -0.824  2.697   1.00 18.47 ? 1804 PRO A O   1 
ATOM   597 C  CB  . PRO A 1 82  ? -5.584  -1.946  4.329   1.00 11.06 ? 1804 PRO A CB  1 
ATOM   598 C  CG  . PRO A 1 82  ? -7.009  -1.591  4.121   1.00 10.58 ? 1804 PRO A CG  1 
ATOM   599 C  CD  . PRO A 1 82  ? -6.971  -0.425  3.161   1.00 14.92 ? 1804 PRO A CD  1 
ATOM   600 N  N   . PHE A 1 83  ? -2.507  -0.657  4.872   1.00 18.64 ? 1805 PHE A N   1 
ATOM   601 C  CA  . PHE A 1 83  ? -1.048  -0.751  4.563   1.00 16.31 ? 1805 PHE A CA  1 
ATOM   602 C  C   . PHE A 1 83  ? -0.463  0.421   3.865   1.00 16.74 ? 1805 PHE A C   1 
ATOM   603 O  O   . PHE A 1 83  ? 0.781   0.464   3.670   1.00 21.16 ? 1805 PHE A O   1 
ATOM   604 C  CB  . PHE A 1 83  ? -0.736  -2.001  3.731   1.00 11.33 ? 1805 PHE A CB  1 
ATOM   605 C  CG  . PHE A 1 83  ? -1.263  -3.257  4.341   1.00 17.47 ? 1805 PHE A CG  1 
ATOM   606 C  CD1 . PHE A 1 83  ? -0.719  -3.741  5.545   1.00 8.96  ? 1805 PHE A CD1 1 
ATOM   607 C  CD2 . PHE A 1 83  ? -2.334  -3.983  3.731   1.00 11.86 ? 1805 PHE A CD2 1 
ATOM   608 C  CE1 . PHE A 1 83  ? -1.192  -4.952  6.129   1.00 11.58 ? 1805 PHE A CE1 1 
ATOM   609 C  CE2 . PHE A 1 83  ? -2.822  -5.113  4.332   1.00 9.65  ? 1805 PHE A CE2 1 
ATOM   610 C  CZ  . PHE A 1 83  ? -2.227  -5.608  5.547   1.00 12.67 ? 1805 PHE A CZ  1 
ATOM   611 N  N   . CYS A 1 84  ? -1.291  1.367   3.415   1.00 19.67 ? 1806 CYS A N   1 
ATOM   612 C  CA  . CYS A 1 84  ? -0.671  2.559   2.713   1.00 18.38 ? 1806 CYS A CA  1 
ATOM   613 C  C   . CYS A 1 84  ? 0.306   3.306   3.593   1.00 19.85 ? 1806 CYS A C   1 
ATOM   614 O  O   . CYS A 1 84  ? 1.459   3.676   3.167   1.00 29.00 ? 1806 CYS A O   1 
ATOM   615 C  CB  . CYS A 1 84  ? -1.732  3.533   2.200   1.00 16.52 ? 1806 CYS A CB  1 
ATOM   616 S  SG  . CYS A 1 84  ? -1.026  4.904   1.302   1.00 22.72 ? 1806 CYS A SG  1 
ATOM   617 N  N   . LEU A 1 85  ? -0.127  3.628   4.816   1.00 23.06 ? 1807 LEU A N   1 
ATOM   618 C  CA  . LEU A 1 85  ? 0.793   4.335   5.739   1.00 25.24 ? 1807 LEU A CA  1 
ATOM   619 C  C   . LEU A 1 85  ? 2.032   3.449   5.938   1.00 26.98 ? 1807 LEU A C   1 
ATOM   620 O  O   . LEU A 1 85  ? 3.168   3.910   5.814   1.00 30.54 ? 1807 LEU A O   1 
ATOM   621 C  CB  . LEU A 1 85  ? 0.133   4.604   7.082   1.00 26.37 ? 1807 LEU A CB  1 
ATOM   622 C  CG  . LEU A 1 85  ? 1.186   5.044   8.133   1.00 40.78 ? 1807 LEU A CG  1 
ATOM   623 C  CD1 . LEU A 1 85  ? 1.954   6.414   7.681   1.00 29.65 ? 1807 LEU A CD1 1 
ATOM   624 C  CD2 . LEU A 1 85  ? 0.598   5.112   9.620   1.00 34.14 ? 1807 LEU A CD2 1 
ATOM   625 N  N   . ASN A 1 86  ? 1.837   2.158   6.212   1.00 24.79 ? 1808 ASN A N   1 
ATOM   626 C  CA  . ASN A 1 86  ? 3.012   1.330   6.352   1.00 25.26 ? 1808 ASN A CA  1 
ATOM   627 C  C   . ASN A 1 86  ? 3.958   1.446   5.200   1.00 25.65 ? 1808 ASN A C   1 
ATOM   628 O  O   . ASN A 1 86  ? 5.172   1.572   5.425   1.00 28.79 ? 1808 ASN A O   1 
ATOM   629 C  CB  . ASN A 1 86  ? 2.677   -0.146  6.577   1.00 25.72 ? 1808 ASN A CB  1 
ATOM   630 C  CG  . ASN A 1 86  ? 2.071   -0.389  7.915   1.00 27.46 ? 1808 ASN A CG  1 
ATOM   631 O  OD1 . ASN A 1 86  ? 1.249   -1.244  8.039   1.00 36.09 ? 1808 ASN A OD1 1 
ATOM   632 N  ND2 . ASN A 1 86  ? 2.447   0.394   8.910   1.00 32.91 ? 1808 ASN A ND2 1 
ATOM   633 N  N   . ILE A 1 87  ? 3.451   1.384   3.964   1.00 23.00 ? 1809 ILE A N   1 
ATOM   634 C  CA  . ILE A 1 87  ? 4.388   1.422   2.831   1.00 21.94 ? 1809 ILE A CA  1 
ATOM   635 C  C   . ILE A 1 87  ? 5.112   2.789   2.740   1.00 27.23 ? 1809 ILE A C   1 
ATOM   636 O  O   . ILE A 1 87  ? 6.244   2.915   2.234   1.00 31.37 ? 1809 ILE A O   1 
ATOM   637 C  CB  . ILE A 1 87  ? 3.647   1.180   1.543   1.00 20.68 ? 1809 ILE A CB  1 
ATOM   638 C  CG1 . ILE A 1 87  ? 3.303   -0.281  1.471   1.00 21.50 ? 1809 ILE A CG1 1 
ATOM   639 C  CG2 . ILE A 1 87  ? 4.497   1.562   0.304   1.00 6.77  ? 1809 ILE A CG2 1 
ATOM   640 C  CD1 . ILE A 1 87  ? 1.930   -0.484  1.054   1.00 33.67 ? 1809 ILE A CD1 1 
ATOM   641 N  N   . LYS A 1 88  ? 4.472   3.822   3.240   1.00 27.36 ? 1810 LYS A N   1 
ATOM   642 C  CA  . LYS A 1 88  ? 5.107   5.150   3.180   1.00 28.47 ? 1810 LYS A CA  1 
ATOM   643 C  C   . LYS A 1 88  ? 6.147   5.195   4.289   1.00 32.56 ? 1810 LYS A C   1 
ATOM   644 O  O   . LYS A 1 88  ? 7.298   5.651   4.053   1.00 33.30 ? 1810 LYS A O   1 
ATOM   645 C  CB  . LYS A 1 88  ? 4.091   6.231   3.424   1.00 26.24 ? 1810 LYS A CB  1 
ATOM   646 C  CG  . LYS A 1 88  ? 3.112   6.449   2.266   1.00 30.05 ? 1810 LYS A CG  1 
ATOM   647 C  CD  . LYS A 1 88  ? 2.347   7.760   2.580   1.00 32.04 ? 1810 LYS A CD  1 
ATOM   648 C  CE  . LYS A 1 88  ? 1.419   8.143   1.465   1.00 32.93 ? 1810 LYS A CE  1 
ATOM   649 N  NZ  . LYS A 1 88  ? 0.087   8.439   2.074   1.00 34.86 ? 1810 LYS A NZ  1 
ATOM   650 N  N   . GLN A 1 89  ? 5.786   4.710   5.489   1.00 27.96 ? 1811 GLN A N   1 
ATOM   651 C  CA  . GLN A 1 89  ? 6.801   4.546   6.511   1.00 24.57 ? 1811 GLN A CA  1 
ATOM   652 C  C   . GLN A 1 89  ? 7.983   3.776   5.949   1.00 28.32 ? 1811 GLN A C   1 
ATOM   653 O  O   . GLN A 1 89  ? 9.151   4.179   6.125   1.00 34.90 ? 1811 GLN A O   1 
ATOM   654 C  CB  . GLN A 1 89  ? 6.267   3.802   7.704   1.00 24.39 ? 1811 GLN A CB  1 
ATOM   655 C  CG  . GLN A 1 89  ? 5.509   4.613   8.668   1.00 16.32 ? 1811 GLN A CG  1 
ATOM   656 C  CD  . GLN A 1 89  ? 4.545   3.729   9.450   1.00 33.08 ? 1811 GLN A CD  1 
ATOM   657 O  OE1 . GLN A 1 89  ? 4.254   2.546   9.080   1.00 30.82 ? 1811 GLN A OE1 1 
ATOM   658 N  NE2 . GLN A 1 89  ? 4.029   4.281   10.537  1.00 35.25 ? 1811 GLN A NE2 1 
ATOM   659 N  N   . LYS A 1 90  ? 7.734   2.685   5.252   1.00 28.66 ? 1812 LYS A N   1 
ATOM   660 C  CA  . LYS A 1 90  ? 8.874   1.843   4.881   1.00 32.81 ? 1812 LYS A CA  1 
ATOM   661 C  C   . LYS A 1 90  ? 9.790   2.629   3.966   1.00 37.16 ? 1812 LYS A C   1 
ATOM   662 O  O   . LYS A 1 90  ? 11.011  2.481   4.009   1.00 40.74 ? 1812 LYS A O   1 
ATOM   663 C  CB  . LYS A 1 90  ? 8.407   0.529   4.260   1.00 31.60 ? 1812 LYS A CB  1 
ATOM   664 C  CG  . LYS A 1 90  ? 9.452   -0.418  3.676   1.00 34.15 ? 1812 LYS A CG  1 
ATOM   665 C  CD  . LYS A 1 90  ? 8.756   -1.759  3.347   1.00 44.43 ? 1812 LYS A CD  1 
ATOM   666 C  CE  . LYS A 1 90  ? 9.438   -2.583  2.255   1.00 55.80 ? 1812 LYS A CE  1 
ATOM   667 N  NZ  . LYS A 1 90  ? 9.733   -3.987  2.703   1.00 58.63 ? 1812 LYS A NZ  1 
ATOM   668 N  N   . LEU A 1 91  ? 9.189   3.495   3.166   1.00 35.77 ? 1813 LEU A N   1 
ATOM   669 C  CA  . LEU A 1 91  ? 9.932   4.312   2.232   1.00 37.41 ? 1813 LEU A CA  1 
ATOM   670 C  C   . LEU A 1 91  ? 10.762  5.457   2.880   1.00 36.41 ? 1813 LEU A C   1 
ATOM   671 O  O   . LEU A 1 91  ? 11.931  5.627   2.546   1.00 34.82 ? 1813 LEU A O   1 
ATOM   672 C  CB  . LEU A 1 91  ? 8.968   4.880   1.219   1.00 38.78 ? 1813 LEU A CB  1 
ATOM   673 C  CG  . LEU A 1 91  ? 9.290   4.373   -0.165  1.00 48.90 ? 1813 LEU A CG  1 
ATOM   674 C  CD1 . LEU A 1 91  ? 7.977   3.924   -0.917  1.00 55.05 ? 1813 LEU A CD1 1 
ATOM   675 C  CD2 . LEU A 1 91  ? 10.169  5.469   -0.940  1.00 50.62 ? 1813 LEU A CD2 1 
ATOM   676 N  N   . ARG A 1 92  ? 10.156  6.224   3.788   1.00 33.65 ? 1814 ARG A N   1 
ATOM   677 C  CA  . ARG A 1 92  ? 10.886  7.124   4.645   1.00 33.50 ? 1814 ARG A CA  1 
ATOM   678 C  C   . ARG A 1 92  ? 12.102  6.399   5.253   1.00 35.76 ? 1814 ARG A C   1 
ATOM   679 O  O   . ARG A 1 92  ? 13.222  6.890   5.206   1.00 46.99 ? 1814 ARG A O   1 
ATOM   680 C  CB  . ARG A 1 92  ? 10.018  7.669   5.779   1.00 34.94 ? 1814 ARG A CB  1 
ATOM   681 C  CG  . ARG A 1 92  ? 9.179   8.938   5.531   1.00 45.68 ? 1814 ARG A CG  1 
ATOM   682 C  CD  . ARG A 1 92  ? 8.485   8.959   4.161   1.00 64.35 ? 1814 ARG A CD  1 
ATOM   683 N  NE  . ARG A 1 92  ? 7.071   9.418   4.188   1.00 73.29 ? 1814 ARG A NE  1 
ATOM   684 C  CZ  . ARG A 1 92  ? 6.185   9.203   5.183   1.00 78.73 ? 1814 ARG A CZ  1 
ATOM   685 N  NH1 . ARG A 1 92  ? 6.505   8.513   6.294   1.00 75.72 ? 1814 ARG A NH1 1 
ATOM   686 N  NH2 . ARG A 1 92  ? 4.947   9.677   5.062   1.00 77.00 ? 1814 ARG A NH2 1 
ATOM   687 N  N   . GLN A 1 93  ? 11.914  5.229   5.798   1.00 35.40 ? 1815 GLN A N   1 
ATOM   688 C  CA  . GLN A 1 93  ? 12.985  4.542   6.492   1.00 34.23 ? 1815 GLN A CA  1 
ATOM   689 C  C   . GLN A 1 93  ? 14.092  4.127   5.528   1.00 35.43 ? 1815 GLN A C   1 
ATOM   690 O  O   . GLN A 1 93  ? 15.265  4.107   5.915   1.00 38.07 ? 1815 GLN A O   1 
ATOM   691 C  CB  . GLN A 1 93  ? 12.415  3.325   7.264   1.00 30.40 ? 1815 GLN A CB  1 
ATOM   692 C  CG  . GLN A 1 93  ? 13.408  2.600   8.141   1.00 28.30 ? 1815 GLN A CG  1 
ATOM   693 C  CD  . GLN A 1 93  ? 13.750  3.329   9.476   1.00 33.70 ? 1815 GLN A CD  1 
ATOM   694 O  OE1 . GLN A 1 93  ? 14.777  3.044   10.066  1.00 30.61 ? 1815 GLN A OE1 1 
ATOM   695 N  NE2 . GLN A 1 93  ? 12.912  4.263   9.925   1.00 33.48 ? 1815 GLN A NE2 1 
ATOM   696 N  N   . GLN A 1 94  ? 13.748  3.823   4.281   1.00 33.87 ? 1816 GLN A N   1 
ATOM   697 C  CA  . GLN A 1 94  ? 14.773  3.474   3.298   1.00 39.96 ? 1816 GLN A CA  1 
ATOM   698 C  C   . GLN A 1 94  ? 15.630  4.714   3.012   1.00 41.01 ? 1816 GLN A C   1 
ATOM   699 O  O   . GLN A 1 94  ? 16.828  4.640   2.775   1.00 44.03 ? 1816 GLN A O   1 
ATOM   700 C  CB  . GLN A 1 94  ? 14.138  3.076   1.982   1.00 40.76 ? 1816 GLN A CB  1 
ATOM   701 C  CG  . GLN A 1 94  ? 14.506  1.710   1.484   1.00 55.47 ? 1816 GLN A CG  1 
ATOM   702 C  CD  . GLN A 1 94  ? 13.294  0.748   1.505   1.00 65.92 ? 1816 GLN A CD  1 
ATOM   703 O  OE1 . GLN A 1 94  ? 12.181  1.126   1.110   1.00 66.52 ? 1816 GLN A OE1 1 
ATOM   704 N  NE2 . GLN A 1 94  ? 13.514  -0.494  1.960   1.00 64.60 ? 1816 GLN A NE2 1 
ATOM   705 N  N   . GLN A 1 95  ? 14.984  5.860   3.003   1.00 37.72 ? 1817 GLN A N   1 
ATOM   706 C  CA  . GLN A 1 95  ? 15.678  7.099   2.781   1.00 39.63 ? 1817 GLN A CA  1 
ATOM   707 C  C   . GLN A 1 95  ? 16.575  7.486   3.948   1.00 40.55 ? 1817 GLN A C   1 
ATOM   708 O  O   . GLN A 1 95  ? 17.698  7.936   3.692   1.00 41.56 ? 1817 GLN A O   1 
ATOM   709 C  CB  . GLN A 1 95  ? 14.684  8.196   2.444   1.00 36.43 ? 1817 GLN A CB  1 
ATOM   710 C  CG  . GLN A 1 95  ? 14.131  7.996   1.038   1.00 42.97 ? 1817 GLN A CG  1 
ATOM   711 C  CD  . GLN A 1 95  ? 12.737  8.604   0.832   1.00 53.66 ? 1817 GLN A CD  1 
ATOM   712 O  OE1 . GLN A 1 95  ? 12.137  9.180   1.754   1.00 58.13 ? 1817 GLN A OE1 1 
ATOM   713 N  NE2 . GLN A 1 95  ? 12.213  8.468   -0.387  1.00 60.06 ? 1817 GLN A NE2 1 
ATOM   714 N  N   . LEU A 1 96  ? 16.097  7.309   5.199   1.00 36.97 ? 1818 LEU A N   1 
ATOM   715 C  CA  . LEU A 1 96  ? 16.937  7.567   6.378   1.00 36.12 ? 1818 LEU A CA  1 
ATOM   716 C  C   . LEU A 1 96  ? 18.139  6.711   6.243   1.00 34.97 ? 1818 LEU A C   1 
ATOM   717 O  O   . LEU A 1 96  ? 19.254  7.160   6.448   1.00 38.23 ? 1818 LEU A O   1 
ATOM   718 C  CB  . LEU A 1 96  ? 16.244  7.342   7.744   1.00 36.16 ? 1818 LEU A CB  1 
ATOM   719 C  CG  . LEU A 1 96  ? 15.343  8.575   8.088   1.00 50.54 ? 1818 LEU A CG  1 
ATOM   720 C  CD1 . LEU A 1 96  ? 13.820  8.374   8.612   1.00 36.91 ? 1818 LEU A CD1 1 
ATOM   721 C  CD2 . LEU A 1 96  ? 16.085  9.575   9.018   1.00 53.99 ? 1818 LEU A CD2 1 
ATOM   722 N  N   . GLN A 1 97  ? 17.947  5.486   5.824   1.00 33.38 ? 1819 GLN A N   1 
ATOM   723 C  CA  . GLN A 1 97  ? 19.086  4.602   5.824   1.00 35.74 ? 1819 GLN A CA  1 
ATOM   724 C  C   . GLN A 1 97  ? 20.034  5.027   4.730   1.00 31.87 ? 1819 GLN A C   1 
ATOM   725 O  O   . GLN A 1 97  ? 21.233  4.963   4.890   1.00 36.73 ? 1819 GLN A O   1 
ATOM   726 C  CB  . GLN A 1 97  ? 18.686  3.108   5.735   1.00 32.92 ? 1819 GLN A CB  1 
ATOM   727 C  CG  . GLN A 1 97  ? 18.427  2.474   7.126   1.00 45.10 ? 1819 GLN A CG  1 
ATOM   728 C  CD  . GLN A 1 97  ? 17.229  1.453   7.148   1.00 52.27 ? 1819 GLN A CD  1 
ATOM   729 O  OE1 . GLN A 1 97  ? 16.855  0.890   6.111   1.00 50.77 ? 1819 GLN A OE1 1 
ATOM   730 N  NE2 . GLN A 1 97  ? 16.616  1.276   8.311   1.00 40.24 ? 1819 GLN A NE2 1 
ATOM   731 N  N   . HIS A 1 98  ? 19.502  5.461   3.616   1.00 29.21 ? 1820 HIS A N   1 
ATOM   732 C  CA  . HIS A 1 98  ? 20.345  5.925   2.515   1.00 31.42 ? 1820 HIS A CA  1 
ATOM   733 C  C   . HIS A 1 98  ? 21.243  7.160   2.959   1.00 31.22 ? 1820 HIS A C   1 
ATOM   734 O  O   . HIS A 1 98  ? 22.479  7.189   2.764   1.00 29.22 ? 1820 HIS A O   1 
ATOM   735 C  CB  . HIS A 1 98  ? 19.406  6.263   1.350   1.00 31.99 ? 1820 HIS A CB  1 
ATOM   736 C  CG  . HIS A 1 98  ? 20.080  6.937   0.198   1.00 48.72 ? 1820 HIS A CG  1 
ATOM   737 N  ND1 . HIS A 1 98  ? 21.154  6.381   -0.469  1.00 50.23 ? 1820 HIS A ND1 1 
ATOM   738 C  CD2 . HIS A 1 98  ? 19.838  8.132   -0.404  1.00 55.26 ? 1820 HIS A CD2 1 
ATOM   739 C  CE1 . HIS A 1 98  ? 21.544  7.204   -1.432  1.00 55.45 ? 1820 HIS A CE1 1 
ATOM   740 N  NE2 . HIS A 1 98  ? 20.764  8.274   -1.413  1.00 50.69 ? 1820 HIS A NE2 1 
ATOM   741 N  N   . ARG A 1 99  ? 20.620  8.158   3.586   1.00 28.21 ? 1821 ARG A N   1 
ATOM   742 C  CA  . ARG A 1 99  ? 21.368  9.266   4.161   1.00 26.78 ? 1821 ARG A CA  1 
ATOM   743 C  C   . ARG A 1 99  ? 22.469  8.788   5.055   1.00 28.63 ? 1821 ARG A C   1 
ATOM   744 O  O   . ARG A 1 99  ? 23.585  9.350   5.011   1.00 29.80 ? 1821 ARG A O   1 
ATOM   745 C  CB  . ARG A 1 99  ? 20.469  10.210  4.915   1.00 23.83 ? 1821 ARG A CB  1 
ATOM   746 C  CG  . ARG A 1 99  ? 19.499  10.940  4.004   1.00 22.84 ? 1821 ARG A CG  1 
ATOM   747 C  CD  . ARG A 1 99  ? 18.787  12.074  4.749   1.00 36.93 ? 1821 ARG A CD  1 
ATOM   748 N  NE  . ARG A 1 99  ? 17.456  12.128  4.190   1.00 61.08 ? 1821 ARG A NE  1 
ATOM   749 C  CZ  . ARG A 1 99  ? 16.414  11.529  4.757   1.00 66.55 ? 1821 ARG A CZ  1 
ATOM   750 N  NH1 . ARG A 1 99  ? 16.571  10.938  5.927   1.00 69.20 ? 1821 ARG A NH1 1 
ATOM   751 N  NH2 . ARG A 1 99  ? 15.218  11.536  4.179   1.00 70.78 ? 1821 ARG A NH2 1 
ATOM   752 N  N   . LEU A 1 100 ? 22.200  7.759   5.845   1.00 24.43 ? 1822 LEU A N   1 
ATOM   753 C  CA  . LEU A 1 100 ? 23.228  7.273   6.737   1.00 27.18 ? 1822 LEU A CA  1 
ATOM   754 C  C   . LEU A 1 100 ? 24.358  6.583   5.973   1.00 28.66 ? 1822 LEU A C   1 
ATOM   755 O  O   . LEU A 1 100 ? 25.520  6.515   6.438   1.00 32.09 ? 1822 LEU A O   1 
ATOM   756 C  CB  . LEU A 1 100 ? 22.626  6.307   7.762   1.00 29.70 ? 1822 LEU A CB  1 
ATOM   757 C  CG  . LEU A 1 100 ? 21.821  7.103   8.800   1.00 32.06 ? 1822 LEU A CG  1 
ATOM   758 C  CD1 . LEU A 1 100 ? 20.829  6.190   9.429   1.00 32.60 ? 1822 LEU A CD1 1 
ATOM   759 C  CD2 . LEU A 1 100 ? 22.720  7.740   9.878   1.00 30.02 ? 1822 LEU A CD2 1 
ATOM   760 N  N   . GLN A 1 101 ? 24.046  6.090   4.788   1.00 29.94 ? 1823 GLN A N   1 
ATOM   761 C  CA  . GLN A 1 101 ? 25.076  5.444   3.935   1.00 32.49 ? 1823 GLN A CA  1 
ATOM   762 C  C   . GLN A 1 101 ? 25.989  6.535   3.351   1.00 27.77 ? 1823 GLN A C   1 
ATOM   763 O  O   . GLN A 1 101 ? 27.203  6.455   3.391   1.00 25.12 ? 1823 GLN A O   1 
ATOM   764 C  CB  . GLN A 1 101 ? 24.385  4.681   2.801   1.00 35.17 ? 1823 GLN A CB  1 
ATOM   765 C  CG  . GLN A 1 101 ? 24.942  3.301   2.504   1.00 49.57 ? 1823 GLN A CG  1 
ATOM   766 C  CD  . GLN A 1 101 ? 23.834  2.330   2.023   1.00 62.15 ? 1823 GLN A CD  1 
ATOM   767 O  OE1 . GLN A 1 101 ? 22.957  2.690   1.222   1.00 64.27 ? 1823 GLN A OE1 1 
ATOM   768 N  NE2 . GLN A 1 101 ? 23.871  1.100   2.525   1.00 65.01 ? 1823 GLN A NE2 1 
ATOM   769 N  N   . GLN A 1 102 ? 25.364  7.586   2.846   1.00 22.00 ? 1824 GLN A N   1 
ATOM   770 C  CA  . GLN A 1 102 ? 26.075  8.785   2.501   1.00 25.44 ? 1824 GLN A CA  1 
ATOM   771 C  C   . GLN A 1 102 ? 26.963  9.346   3.641   1.00 26.65 ? 1824 GLN A C   1 
ATOM   772 O  O   . GLN A 1 102 ? 28.137  9.589   3.443   1.00 30.67 ? 1824 GLN A O   1 
ATOM   773 C  CB  . GLN A 1 102 ? 25.083  9.830   1.958   1.00 24.75 ? 1824 GLN A CB  1 
ATOM   774 C  CG  . GLN A 1 102 ? 24.322  9.350   0.740   1.00 16.41 ? 1824 GLN A CG  1 
ATOM   775 C  CD  . GLN A 1 102 ? 23.389  10.417  0.139   1.00 31.78 ? 1824 GLN A CD  1 
ATOM   776 O  OE1 . GLN A 1 102 ? 22.307  10.693  0.650   1.00 37.74 ? 1824 GLN A OE1 1 
ATOM   777 N  NE2 . GLN A 1 102 ? 23.818  11.022  -0.951  1.00 41.10 ? 1824 GLN A NE2 1 
ATOM   778 N  N   . ALA A 1 103 ? 26.448  9.524   4.848   1.00 28.92 ? 1825 ALA A N   1 
ATOM   779 C  CA  . ALA A 1 103 ? 27.351  9.881   5.973   1.00 25.81 ? 1825 ALA A CA  1 
ATOM   780 C  C   . ALA A 1 103 ? 28.528  8.900   6.157   1.00 26.47 ? 1825 ALA A C   1 
ATOM   781 O  O   . ALA A 1 103 ? 29.724  9.303   6.315   1.00 27.02 ? 1825 ALA A O   1 
ATOM   782 C  CB  . ALA A 1 103 ? 26.577  10.000  7.271   1.00 23.25 ? 1825 ALA A CB  1 
ATOM   783 N  N   . GLN A 1 104 ? 28.204  7.618   6.096   1.00 22.16 ? 1826 GLN A N   1 
ATOM   784 C  CA  . GLN A 1 104 ? 29.218  6.600   6.302   1.00 27.70 ? 1826 GLN A CA  1 
ATOM   785 C  C   . GLN A 1 104 ? 30.331  6.706   5.263   1.00 28.19 ? 1826 GLN A C   1 
ATOM   786 O  O   . GLN A 1 104 ? 31.531  6.584   5.587   1.00 27.97 ? 1826 GLN A O   1 
ATOM   787 C  CB  . GLN A 1 104 ? 28.587  5.187   6.325   1.00 32.47 ? 1826 GLN A CB  1 
ATOM   788 C  CG  . GLN A 1 104 ? 29.584  4.049   6.617   1.00 45.19 ? 1826 GLN A CG  1 
ATOM   789 C  CD  . GLN A 1 104 ? 30.171  4.089   8.060   1.00 62.08 ? 1826 GLN A CD  1 
ATOM   790 O  OE1 . GLN A 1 104 ? 29.836  4.971   8.864   1.00 68.85 ? 1826 GLN A OE1 1 
ATOM   791 N  NE2 . GLN A 1 104 ? 31.045  3.126   8.382   1.00 67.26 ? 1826 GLN A NE2 1 
ATOM   792 N  N   . MET A 1 105 ? 29.948  6.965   4.016   1.00 26.34 ? 1827 MET A N   1 
ATOM   793 C  CA  . MET A 1 105 ? 30.940  7.157   2.964   1.00 27.32 ? 1827 MET A CA  1 
ATOM   794 C  C   . MET A 1 105 ? 31.909  8.310   3.352   1.00 25.89 ? 1827 MET A C   1 
ATOM   795 O  O   . MET A 1 105 ? 33.144  8.174   3.283   1.00 26.87 ? 1827 MET A O   1 
ATOM   796 C  CB  . MET A 1 105 ? 30.223  7.387   1.595   1.00 29.37 ? 1827 MET A CB  1 
ATOM   797 C  CG  . MET A 1 105 ? 31.140  7.737   0.355   1.00 32.19 ? 1827 MET A CG  1 
ATOM   798 S  SD  . MET A 1 105 ? 31.606  9.494   0.187   1.00 41.92 ? 1827 MET A SD  1 
ATOM   799 C  CE  . MET A 1 105 ? 30.053  10.239  -0.404  1.00 39.55 ? 1827 MET A CE  1 
ATOM   800 N  N   . LEU A 1 106 ? 31.377  9.439   3.785   1.00 24.26 ? 1828 LEU A N   1 
ATOM   801 C  CA  . LEU A 1 106 ? 32.288  10.544  4.132   1.00 25.13 ? 1828 LEU A CA  1 
ATOM   802 C  C   . LEU A 1 106 ? 33.107  10.146  5.345   1.00 26.85 ? 1828 LEU A C   1 
ATOM   803 O  O   . LEU A 1 106 ? 34.276  10.485  5.415   1.00 29.08 ? 1828 LEU A O   1 
ATOM   804 C  CB  . LEU A 1 106 ? 31.562  11.876  4.430   1.00 17.99 ? 1828 LEU A CB  1 
ATOM   805 C  CG  . LEU A 1 106 ? 30.747  12.329  3.241   1.00 21.72 ? 1828 LEU A CG  1 
ATOM   806 C  CD1 . LEU A 1 106 ? 29.611  13.327  3.651   1.00 17.30 ? 1828 LEU A CD1 1 
ATOM   807 C  CD2 . LEU A 1 106 ? 31.726  12.927  2.197   1.00 14.99 ? 1828 LEU A CD2 1 
ATOM   808 N  N   . ARG A 1 107 ? 32.499  9.447   6.304   1.00 26.08 ? 1829 ARG A N   1 
ATOM   809 C  CA  . ARG A 1 107 ? 33.238  9.134   7.533   1.00 24.66 ? 1829 ARG A CA  1 
ATOM   810 C  C   . ARG A 1 107 ? 34.395  8.172   7.221   1.00 24.09 ? 1829 ARG A C   1 
ATOM   811 O  O   . ARG A 1 107 ? 35.504  8.344   7.760   1.00 24.95 ? 1829 ARG A O   1 
ATOM   812 C  CB  . ARG A 1 107 ? 32.304  8.550   8.633   1.00 25.59 ? 1829 ARG A CB  1 
ATOM   813 C  CG  . ARG A 1 107 ? 33.009  7.931   9.874   1.00 25.06 ? 1829 ARG A CG  1 
ATOM   814 C  CD  . ARG A 1 107 ? 32.065  7.066   10.767  1.00 26.02 ? 1829 ARG A CD  1 
ATOM   815 N  NE  . ARG A 1 107 ? 30.970  7.866   11.304  1.00 27.27 ? 1829 ARG A NE  1 
ATOM   816 C  CZ  . ARG A 1 107 ? 29.712  7.748   10.902  1.00 29.62 ? 1829 ARG A CZ  1 
ATOM   817 N  NH1 . ARG A 1 107 ? 29.389  6.816   10.017  1.00 33.31 ? 1829 ARG A NH1 1 
ATOM   818 N  NH2 . ARG A 1 107 ? 28.765  8.523   11.409  1.00 33.32 ? 1829 ARG A NH2 1 
ATOM   819 N  N   . ARG A 1 108 ? 34.155  7.147   6.392   1.00 24.55 ? 1830 ARG A N   1 
ATOM   820 C  CA  . ARG A 1 108 ? 35.227  6.188   6.087   1.00 27.84 ? 1830 ARG A CA  1 
ATOM   821 C  C   . ARG A 1 108 ? 36.412  6.941   5.521   1.00 29.67 ? 1830 ARG A C   1 
ATOM   822 O  O   . ARG A 1 108 ? 37.540  6.705   5.918   1.00 29.42 ? 1830 ARG A O   1 
ATOM   823 C  CB  . ARG A 1 108 ? 34.782  5.117   5.119   1.00 29.84 ? 1830 ARG A CB  1 
ATOM   824 C  CG  . ARG A 1 108 ? 33.784  4.224   5.731   1.00 38.01 ? 1830 ARG A CG  1 
ATOM   825 C  CD  . ARG A 1 108 ? 33.604  2.933   4.974   1.00 47.01 ? 1830 ARG A CD  1 
ATOM   826 N  NE  . ARG A 1 108 ? 33.058  1.951   5.910   1.00 56.93 ? 1830 ARG A NE  1 
ATOM   827 C  CZ  . ARG A 1 108 ? 32.072  1.087   5.658   1.00 58.76 ? 1830 ARG A CZ  1 
ATOM   828 N  NH1 . ARG A 1 108 ? 31.477  1.043   4.475   1.00 61.51 ? 1830 ARG A NH1 1 
ATOM   829 N  NH2 . ARG A 1 108 ? 31.668  0.270   6.618   1.00 57.70 ? 1830 ARG A NH2 1 
ATOM   830 N  N   . ARG A 1 109 ? 36.139  7.901   4.644   1.00 30.15 ? 1831 ARG A N   1 
ATOM   831 C  CA  . ARG A 1 109 ? 37.198  8.695   4.015   1.00 29.52 ? 1831 ARG A CA  1 
ATOM   832 C  C   . ARG A 1 109 ? 38.072  9.389   5.018   1.00 30.37 ? 1831 ARG A C   1 
ATOM   833 O  O   . ARG A 1 109 ? 39.250  9.587   4.770   1.00 28.53 ? 1831 ARG A O   1 
ATOM   834 C  CB  . ARG A 1 109 ? 36.611  9.738   3.063   1.00 30.76 ? 1831 ARG A CB  1 
ATOM   835 C  CG  . ARG A 1 109 ? 35.954  9.156   1.788   1.00 29.67 ? 1831 ARG A CG  1 
ATOM   836 C  CD  . ARG A 1 109 ? 36.247  10.159  0.724   1.00 45.63 ? 1831 ARG A CD  1 
ATOM   837 N  NE  . ARG A 1 109 ? 35.476  10.009  -0.491  1.00 42.57 ? 1831 ARG A NE  1 
ATOM   838 C  CZ  . ARG A 1 109 ? 35.996  10.156  -1.704  1.00 40.12 ? 1831 ARG A CZ  1 
ATOM   839 N  NH1 . ARG A 1 109 ? 37.297  10.420  -1.855  1.00 40.55 ? 1831 ARG A NH1 1 
ATOM   840 N  NH2 . ARG A 1 109 ? 35.212  10.014  -2.762  1.00 39.25 ? 1831 ARG A NH2 1 
ATOM   841 N  N   . MET A 1 110 ? 37.522  9.759   6.162   1.00 30.48 ? 1832 MET A N   1 
ATOM   842 C  CA  . MET A 1 110 ? 38.360  10.439  7.146   1.00 31.97 ? 1832 MET A CA  1 
ATOM   843 C  C   . MET A 1 110 ? 38.903  9.533   8.247   1.00 34.74 ? 1832 MET A C   1 
ATOM   844 O  O   . MET A 1 110 ? 39.604  10.010  9.120   1.00 31.94 ? 1832 MET A O   1 
ATOM   845 C  CB  . MET A 1 110 ? 37.579  11.579  7.787   1.00 28.31 ? 1832 MET A CB  1 
ATOM   846 C  CG  . MET A 1 110 ? 37.153  12.606  6.801   1.00 25.10 ? 1832 MET A CG  1 
ATOM   847 S  SD  . MET A 1 110 ? 36.190  13.944  7.516   1.00 31.65 ? 1832 MET A SD  1 
ATOM   848 C  CE  . MET A 1 110 ? 34.554  13.245  7.463   1.00 19.79 ? 1832 MET A CE  1 
ATOM   849 N  N   . ALA A 1 111 ? 38.568  8.242   8.213   1.00 39.33 ? 1833 ALA A N   1 
ATOM   850 C  CA  . ALA A 1 111 ? 38.660  7.389   9.416   1.00 44.44 ? 1833 ALA A CA  1 
ATOM   851 C  C   . ALA A 1 111 ? 40.055  6.913   9.854   1.00 50.00 ? 1833 ALA A C   1 
ATOM   852 O  O   . ALA A 1 111 ? 41.001  6.821   9.044   1.00 48.84 ? 1833 ALA A O   1 
ATOM   853 C  CB  . ALA A 1 111 ? 37.716  6.188   9.309   1.00 42.60 ? 1833 ALA A CB  1 
ATOM   854 N  N   . SER A 1 112 ? 40.137  6.620   11.162  1.00 54.89 ? 1834 SER A N   1 
ATOM   855 C  CA  . SER A 1 112 ? 41.257  5.927   11.804  1.00 56.59 ? 1834 SER A CA  1 
ATOM   856 C  C   . SER A 1 112 ? 42.049  6.861   12.720  1.00 57.72 ? 1834 SER A C   1 
ATOM   857 O  O   . SER A 1 112 ? 43.281  6.935   12.651  1.00 60.86 ? 1834 SER A O   1 
ATOM   858 C  CB  . SER A 1 112 ? 42.150  5.206   10.777  1.00 57.22 ? 1834 SER A CB  1 
ATOM   859 O  OG  . SER A 1 112 ? 41.750  3.854   10.637  1.00 52.64 ? 1834 SER A OG  1 
HETATM 860 ZN ZN  . ZN  B 2 .   ? -18.976 2.120   -2.371  1.00 47.92 ? 201  ZN  A ZN  1 
HETATM 861 ZN ZN  . ZN  C 2 .   ? -5.714  -10.888 6.838   1.00 43.70 ? 202  ZN  A ZN  1 
HETATM 862 ZN ZN  . ZN  D 2 .   ? -2.936  6.003   0.355   1.00 41.94 ? 203  ZN  A ZN  1 
HETATM 863 S  S   . SO4 E 3 .   ? -6.248  -12.889 13.593  1.00 41.20 ? 204  SO4 A S   1 
HETATM 864 O  O1  . SO4 E 3 .   ? -5.933  -14.070 12.851  1.00 45.52 ? 204  SO4 A O1  1 
HETATM 865 O  O2  . SO4 E 3 .   ? -7.658  -12.714 13.289  1.00 44.61 ? 204  SO4 A O2  1 
HETATM 866 O  O3  . SO4 E 3 .   ? -6.076  -13.004 15.051  1.00 45.76 ? 204  SO4 A O3  1 
HETATM 867 O  O4  . SO4 E 3 .   ? -5.477  -11.735 13.109  1.00 55.96 ? 204  SO4 A O4  1 
HETATM 868 S  S   . SO4 F 3 .   ? -13.183 4.490   -15.571 1.00 30.11 ? 205  SO4 A S   1 
HETATM 869 O  O1  . SO4 F 3 .   ? -12.801 3.148   -16.007 1.00 46.24 ? 205  SO4 A O1  1 
HETATM 870 O  O2  . SO4 F 3 .   ? -14.532 4.831   -16.067 1.00 40.53 ? 205  SO4 A O2  1 
HETATM 871 O  O3  . SO4 F 3 .   ? -13.102 4.573   -14.118 1.00 37.56 ? 205  SO4 A O3  1 
HETATM 872 O  O4  . SO4 F 3 .   ? -12.314 5.447   -16.230 1.00 36.70 ? 205  SO4 A O4  1 
HETATM 873 S  S   . SO4 G 3 .   ? 31.645  10.072  13.993  1.00 83.65 ? 206  SO4 A S   1 
HETATM 874 O  O1  . SO4 G 3 .   ? 32.658  9.169   13.419  1.00 79.59 ? 206  SO4 A O1  1 
HETATM 875 O  O2  . SO4 G 3 .   ? 30.270  9.602   13.617  1.00 67.87 ? 206  SO4 A O2  1 
HETATM 876 O  O3  . SO4 G 3 .   ? 31.710  10.099  15.477  1.00 74.86 ? 206  SO4 A O3  1 
HETATM 877 O  O4  . SO4 G 3 .   ? 32.041  11.395  13.450  1.00 75.10 ? 206  SO4 A O4  1 
HETATM 878 S  S   . SO4 H 3 .   ? -4.161  -20.968 13.072  1.00 56.03 ? 207  SO4 A S   1 
HETATM 879 O  O1  . SO4 H 3 .   ? -4.612  -22.341 12.771  1.00 64.99 ? 207  SO4 A O1  1 
HETATM 880 O  O2  . SO4 H 3 .   ? -5.406  -20.174 13.363  1.00 48.99 ? 207  SO4 A O2  1 
HETATM 881 O  O3  . SO4 H 3 .   ? -3.167  -21.032 14.168  1.00 53.99 ? 207  SO4 A O3  1 
HETATM 882 O  O4  . SO4 H 3 .   ? -3.418  -20.437 11.905  1.00 60.40 ? 207  SO4 A O4  1 
HETATM 883 O  O   . HOH I 4 .   ? -0.899  1.243   7.304   1.00 39.34 ? 1    HOH A O   1 
HETATM 884 O  O   . HOH I 4 .   ? -3.101  -0.631  7.740   1.00 32.28 ? 2    HOH A O   1 
HETATM 885 O  O   . HOH I 4 .   ? 1.917   -8.360  9.667   1.00 32.92 ? 3    HOH A O   1 
HETATM 886 O  O   . HOH I 4 .   ? 31.857  2.829   10.578  1.00 40.33 ? 4    HOH A O   1 
HETATM 887 O  O   . HOH I 4 .   ? -5.847  13.405  4.390   1.00 34.67 ? 5    HOH A O   1 
HETATM 888 O  O   . HOH I 4 .   ? -2.490  3.147   5.517   1.00 28.23 ? 6    HOH A O   1 
HETATM 889 O  O   . HOH I 4 .   ? -12.541 -12.295 7.089   1.00 22.59 ? 7    HOH A O   1 
HETATM 890 O  O   . HOH I 4 .   ? 5.533   -10.096 6.358   1.00 35.98 ? 8    HOH A O   1 
HETATM 891 O  O   . HOH I 4 .   ? -14.720 -0.181  -5.080  1.00 34.74 ? 9    HOH A O   1 
HETATM 892 O  O   . HOH I 4 .   ? -13.631 7.261   -4.760  1.00 22.33 ? 10   HOH A O   1 
HETATM 893 O  O   . HOH I 4 .   ? -12.469 7.964   -2.532  1.00 30.76 ? 11   HOH A O   1 
HETATM 894 O  O   . HOH I 4 .   ? -17.003 -11.974 -1.265  1.00 26.66 ? 12   HOH A O   1 
HETATM 895 O  O   . HOH I 4 .   ? -9.820  8.669   1.094   1.00 15.07 ? 13   HOH A O   1 
HETATM 896 O  O   . HOH I 4 .   ? 3.233   -4.852  -5.276  1.00 32.64 ? 14   HOH A O   1 
HETATM 897 O  O   . HOH I 4 .   ? 17.368  13.676  1.347   1.00 39.04 ? 15   HOH A O   1 
HETATM 898 O  O   . HOH I 4 .   ? -13.523 10.277  2.095   1.00 21.52 ? 16   HOH A O   1 
HETATM 899 O  O   . HOH I 4 .   ? 34.657  6.177   1.691   1.00 30.79 ? 17   HOH A O   1 
HETATM 900 O  O   . HOH I 4 .   ? -5.743  4.107   -10.298 1.00 20.75 ? 18   HOH A O   1 
HETATM 901 O  O   . HOH I 4 .   ? 13.486  3.564   13.067  1.00 37.70 ? 19   HOH A O   1 
HETATM 902 O  O   . HOH I 4 .   ? -0.515  -16.818 2.475   1.00 29.82 ? 20   HOH A O   1 
HETATM 903 O  O   . HOH I 4 .   ? -11.320 9.513   3.098   1.00 23.65 ? 21   HOH A O   1 
HETATM 904 O  O   . HOH I 4 .   ? -2.337  -14.322 -1.215  1.00 31.78 ? 22   HOH A O   1 
HETATM 905 O  O   . HOH I 4 .   ? -16.094 7.754   -4.737  1.00 25.07 ? 23   HOH A O   1 
HETATM 906 O  O   . HOH I 4 .   ? -4.658  8.889   -2.299  1.00 22.65 ? 24   HOH A O   1 
HETATM 907 O  O   . HOH I 4 .   ? -4.161  5.708   -6.254  1.00 28.78 ? 25   HOH A O   1 
HETATM 908 O  O   . HOH I 4 .   ? -0.064  -10.902 -6.422  1.00 37.72 ? 26   HOH A O   1 
HETATM 909 O  O   . HOH I 4 .   ? 1.000   -7.400  11.905  1.00 43.11 ? 27   HOH A O   1 
HETATM 910 O  O   . HOH I 4 .   ? -8.271  9.896   -2.887  1.00 31.82 ? 28   HOH A O   1 
HETATM 911 O  O   . HOH I 4 .   ? 3.345   10.778  -6.208  1.00 36.78 ? 29   HOH A O   1 
HETATM 912 O  O   . HOH I 4 .   ? -12.246 1.331   -10.918 1.00 23.09 ? 30   HOH A O   1 
HETATM 913 O  O   . HOH I 4 .   ? 5.439   -4.211  -11.660 1.00 31.05 ? 31   HOH A O   1 
# 
